data_2E8N
#
_entry.id   2E8N
#
_cell.length_a   1.000
_cell.length_b   1.000
_cell.length_c   1.000
_cell.angle_alpha   90.00
_cell.angle_beta   90.00
_cell.angle_gamma   90.00
#
_symmetry.space_group_name_H-M   'P 1'
#
_entity_poly.entity_id   1
_entity_poly.type   'polypeptide(L)'
_entity_poly.pdbx_seq_one_letter_code
;GSSGSSGEGVPFRTVSEWLESIKMQQYTEHFMAAGYTAIEKVVQMTNDDVKRIGVRLPGHQKRIAYSLLGLKDQVNTVGI
PISGPSSG
;
_entity_poly.pdbx_strand_id   A
#
# COMPACT_ATOMS: atom_id res chain seq x y z
N GLY A 1 3.40 7.70 28.17
CA GLY A 1 2.40 8.31 27.31
C GLY A 1 2.37 9.82 27.45
N SER A 2 1.78 10.49 26.46
CA SER A 2 1.71 11.95 26.46
C SER A 2 0.70 12.44 25.42
N SER A 3 0.18 13.64 25.63
CA SER A 3 -0.79 14.22 24.71
C SER A 3 -0.16 15.35 23.90
N GLY A 4 -0.29 15.27 22.58
CA GLY A 4 0.26 16.29 21.72
C GLY A 4 -0.20 16.16 20.28
N SER A 5 0.74 16.29 19.34
CA SER A 5 0.41 16.18 17.92
C SER A 5 0.35 14.73 17.49
N SER A 6 -0.84 14.26 17.16
CA SER A 6 -1.03 12.89 16.72
C SER A 6 -1.63 12.83 15.32
N GLY A 7 -1.40 11.73 14.62
CA GLY A 7 -1.91 11.56 13.28
C GLY A 7 -0.96 10.80 12.37
N GLU A 8 -0.79 11.29 11.15
CA GLU A 8 0.09 10.64 10.19
C GLU A 8 -0.36 9.21 9.91
N GLY A 9 0.34 8.54 9.00
CA GLY A 9 0.00 7.16 8.67
C GLY A 9 0.42 6.80 7.25
N VAL A 10 -0.57 6.46 6.42
CA VAL A 10 -0.30 6.09 5.03
C VAL A 10 0.10 7.30 4.21
N PRO A 11 1.17 7.16 3.42
CA PRO A 11 1.69 8.23 2.56
C PRO A 11 0.75 8.53 1.39
N PHE A 12 0.31 7.48 0.70
CA PHE A 12 -0.59 7.64 -0.43
C PHE A 12 -2.05 7.56 0.02
N ARG A 13 -2.94 8.14 -0.78
CA ARG A 13 -4.36 8.13 -0.47
C ARG A 13 -5.12 7.24 -1.44
N THR A 14 -4.57 7.05 -2.63
CA THR A 14 -5.21 6.21 -3.64
C THR A 14 -4.26 5.12 -4.12
N VAL A 15 -4.82 4.04 -4.65
CA VAL A 15 -4.03 2.92 -5.14
C VAL A 15 -3.24 3.32 -6.40
N SER A 16 -3.76 4.31 -7.12
CA SER A 16 -3.11 4.78 -8.34
C SER A 16 -1.77 5.44 -8.02
N GLU A 17 -1.80 6.40 -7.09
CA GLU A 17 -0.59 7.10 -6.69
C GLU A 17 0.45 6.14 -6.14
N TRP A 18 -0.02 5.03 -5.59
CA TRP A 18 0.87 4.02 -5.01
C TRP A 18 1.52 3.17 -6.11
N LEU A 19 0.68 2.57 -6.95
CA LEU A 19 1.16 1.73 -8.04
C LEU A 19 1.99 2.55 -9.03
N GLU A 20 1.45 3.68 -9.46
CA GLU A 20 2.13 4.55 -10.41
C GLU A 20 3.55 4.87 -9.91
N SER A 21 3.71 4.94 -8.59
CA SER A 21 5.01 5.25 -8.00
C SER A 21 6.02 4.16 -8.33
N ILE A 22 5.56 2.93 -8.41
CA ILE A 22 6.42 1.80 -8.71
C ILE A 22 6.23 1.33 -10.15
N LYS A 23 5.73 2.22 -11.00
CA LYS A 23 5.50 1.91 -12.40
C LYS A 23 4.66 0.64 -12.54
N MET A 24 3.54 0.60 -11.82
CA MET A 24 2.64 -0.55 -11.86
C MET A 24 1.18 -0.10 -11.90
N GLN A 25 0.95 1.09 -12.43
CA GLN A 25 -0.40 1.63 -12.53
C GLN A 25 -1.26 0.80 -13.47
N GLN A 26 -0.61 0.13 -14.42
CA GLN A 26 -1.32 -0.71 -15.38
C GLN A 26 -2.03 -1.86 -14.68
N TYR A 27 -1.52 -2.24 -13.51
CA TYR A 27 -2.10 -3.33 -12.74
C TYR A 27 -3.23 -2.82 -11.85
N THR A 28 -3.32 -1.51 -11.69
CA THR A 28 -4.36 -0.90 -10.88
C THR A 28 -5.74 -1.40 -11.28
N GLU A 29 -5.96 -1.52 -12.58
CA GLU A 29 -7.25 -1.99 -13.09
C GLU A 29 -7.59 -3.36 -12.53
N HIS A 30 -6.56 -4.16 -12.24
CA HIS A 30 -6.75 -5.50 -11.70
C HIS A 30 -6.97 -5.43 -10.19
N PHE A 31 -6.15 -4.64 -9.50
CA PHE A 31 -6.26 -4.50 -8.06
C PHE A 31 -7.69 -4.14 -7.65
N MET A 32 -8.29 -3.20 -8.36
CA MET A 32 -9.65 -2.77 -8.08
C MET A 32 -10.63 -3.94 -8.21
N ALA A 33 -10.55 -4.64 -9.34
CA ALA A 33 -11.42 -5.79 -9.60
C ALA A 33 -11.29 -6.83 -8.50
N ALA A 34 -10.08 -6.96 -7.94
CA ALA A 34 -9.83 -7.92 -6.88
C ALA A 34 -10.41 -7.44 -5.55
N GLY A 35 -10.55 -6.13 -5.42
CA GLY A 35 -11.10 -5.57 -4.19
C GLY A 35 -10.06 -4.82 -3.39
N TYR A 36 -9.15 -4.15 -4.08
CA TYR A 36 -8.10 -3.39 -3.43
C TYR A 36 -8.12 -1.93 -3.87
N THR A 37 -9.31 -1.34 -3.92
CA THR A 37 -9.48 0.05 -4.33
C THR A 37 -8.91 0.99 -3.28
N ALA A 38 -8.86 0.53 -2.04
CA ALA A 38 -8.34 1.34 -0.95
C ALA A 38 -7.08 0.72 -0.35
N ILE A 39 -6.13 1.57 0.03
CA ILE A 39 -4.88 1.10 0.61
C ILE A 39 -5.12 0.24 1.85
N GLU A 40 -6.27 0.47 2.49
CA GLU A 40 -6.64 -0.29 3.69
C GLU A 40 -6.71 -1.78 3.38
N LYS A 41 -7.13 -2.12 2.17
CA LYS A 41 -7.24 -3.51 1.76
C LYS A 41 -5.99 -3.95 1.00
N VAL A 42 -5.35 -3.01 0.31
CA VAL A 42 -4.15 -3.31 -0.46
C VAL A 42 -3.05 -3.86 0.44
N VAL A 43 -3.12 -3.54 1.73
CA VAL A 43 -2.13 -4.01 2.69
C VAL A 43 -2.52 -5.37 3.27
N GLN A 44 -3.82 -5.66 3.25
CA GLN A 44 -4.33 -6.92 3.78
C GLN A 44 -3.92 -8.09 2.87
N MET A 45 -3.97 -7.86 1.56
CA MET A 45 -3.60 -8.89 0.59
C MET A 45 -2.22 -9.45 0.90
N THR A 46 -2.04 -10.74 0.64
CA THR A 46 -0.76 -11.39 0.88
C THR A 46 0.06 -11.51 -0.40
N ASN A 47 1.30 -11.95 -0.27
CA ASN A 47 2.19 -12.10 -1.42
C ASN A 47 1.51 -12.92 -2.52
N ASP A 48 0.80 -13.97 -2.13
CA ASP A 48 0.11 -14.82 -3.09
C ASP A 48 -0.93 -14.03 -3.87
N ASP A 49 -1.67 -13.17 -3.16
CA ASP A 49 -2.70 -12.35 -3.79
C ASP A 49 -2.12 -11.56 -4.96
N VAL A 50 -0.89 -11.09 -4.80
CA VAL A 50 -0.23 -10.31 -5.84
C VAL A 50 -0.08 -11.13 -7.13
N LYS A 51 -0.11 -12.45 -6.98
CA LYS A 51 0.02 -13.34 -8.13
C LYS A 51 -1.36 -13.70 -8.70
N ARG A 52 -2.39 -13.51 -7.89
CA ARG A 52 -3.75 -13.80 -8.31
C ARG A 52 -4.38 -12.60 -9.01
N ILE A 53 -4.06 -11.41 -8.51
CA ILE A 53 -4.59 -10.18 -9.09
C ILE A 53 -4.37 -10.14 -10.60
N GLY A 54 -3.30 -10.77 -11.05
CA GLY A 54 -3.00 -10.79 -12.47
C GLY A 54 -1.51 -10.88 -12.75
N VAL A 55 -0.71 -10.24 -11.91
CA VAL A 55 0.74 -10.25 -12.07
C VAL A 55 1.28 -11.68 -12.05
N ARG A 56 1.97 -12.05 -13.12
CA ARG A 56 2.54 -13.39 -13.24
C ARG A 56 4.06 -13.32 -13.35
N LEU A 57 4.58 -12.13 -13.64
CA LEU A 57 6.02 -11.94 -13.78
C LEU A 57 6.68 -11.84 -12.41
N PRO A 58 7.98 -12.17 -12.35
CA PRO A 58 8.77 -12.12 -11.11
C PRO A 58 9.00 -10.69 -10.64
N GLY A 59 9.47 -9.84 -11.55
CA GLY A 59 9.73 -8.46 -11.21
C GLY A 59 8.48 -7.72 -10.77
N HIS A 60 7.46 -7.72 -11.62
CA HIS A 60 6.21 -7.04 -11.32
C HIS A 60 5.68 -7.48 -9.96
N GLN A 61 5.99 -8.71 -9.57
CA GLN A 61 5.54 -9.23 -8.28
C GLN A 61 6.29 -8.57 -7.12
N LYS A 62 7.61 -8.71 -7.14
CA LYS A 62 8.44 -8.13 -6.09
C LYS A 62 8.25 -6.61 -6.02
N ARG A 63 8.13 -5.99 -7.18
CA ARG A 63 7.95 -4.54 -7.26
C ARG A 63 6.77 -4.10 -6.38
N ILE A 64 5.71 -4.90 -6.38
CA ILE A 64 4.52 -4.59 -5.59
C ILE A 64 4.68 -5.09 -4.16
N ALA A 65 5.09 -6.34 -4.01
CA ALA A 65 5.28 -6.94 -2.70
C ALA A 65 6.16 -6.06 -1.82
N TYR A 66 7.28 -5.62 -2.37
CA TYR A 66 8.22 -4.77 -1.63
C TYR A 66 7.55 -3.46 -1.22
N SER A 67 6.64 -2.98 -2.07
CA SER A 67 5.94 -1.73 -1.78
C SER A 67 4.92 -1.92 -0.67
N LEU A 68 4.34 -3.11 -0.61
CA LEU A 68 3.34 -3.42 0.41
C LEU A 68 3.95 -3.34 1.81
N LEU A 69 5.22 -3.72 1.92
CA LEU A 69 5.91 -3.69 3.20
C LEU A 69 5.87 -2.28 3.81
N GLY A 70 6.15 -1.28 2.98
CA GLY A 70 6.13 0.10 3.45
C GLY A 70 4.75 0.55 3.86
N LEU A 71 3.73 0.01 3.21
CA LEU A 71 2.35 0.37 3.51
C LEU A 71 1.98 -0.04 4.94
N LYS A 72 2.15 -1.33 5.25
CA LYS A 72 1.84 -1.84 6.57
C LYS A 72 2.72 -1.19 7.63
N ASP A 73 3.93 -0.81 7.24
CA ASP A 73 4.86 -0.17 8.16
C ASP A 73 4.44 1.27 8.45
N GLN A 74 4.00 1.97 7.41
CA GLN A 74 3.56 3.35 7.57
C GLN A 74 2.36 3.45 8.50
N VAL A 75 1.32 2.67 8.22
CA VAL A 75 0.12 2.66 9.04
C VAL A 75 0.43 2.31 10.48
N ASN A 76 1.47 1.49 10.67
CA ASN A 76 1.88 1.08 12.01
C ASN A 76 2.48 2.25 12.78
N THR A 77 3.45 2.91 12.17
CA THR A 77 4.12 4.05 12.80
C THR A 77 3.09 5.09 13.27
N VAL A 78 3.15 5.44 14.55
CA VAL A 78 2.24 6.41 15.12
C VAL A 78 2.55 7.82 14.61
N GLY A 79 3.81 8.05 14.28
CA GLY A 79 4.22 9.36 13.79
C GLY A 79 5.23 9.26 12.67
N ILE A 80 6.34 9.98 12.81
CA ILE A 80 7.39 9.97 11.79
C ILE A 80 8.37 8.83 12.03
N PRO A 81 9.01 8.36 10.95
CA PRO A 81 9.98 7.27 11.02
C PRO A 81 11.27 7.68 11.72
N ILE A 82 12.06 6.69 12.15
CA ILE A 82 13.32 6.96 12.83
C ILE A 82 14.41 7.34 11.84
N SER A 83 15.56 7.74 12.36
CA SER A 83 16.69 8.12 11.52
C SER A 83 17.98 8.18 12.33
N GLY A 84 19.05 8.64 11.69
CA GLY A 84 20.33 8.73 12.37
C GLY A 84 20.54 10.07 13.04
N PRO A 85 20.81 11.11 12.22
CA PRO A 85 21.04 12.47 12.73
C PRO A 85 19.76 13.10 13.27
N SER A 86 19.58 13.01 14.59
CA SER A 86 18.41 13.57 15.23
C SER A 86 18.63 13.73 16.74
N SER A 87 18.22 14.87 17.28
CA SER A 87 18.37 15.14 18.70
C SER A 87 17.59 14.15 19.54
N GLY A 88 17.66 14.30 20.86
CA GLY A 88 16.94 13.40 21.75
C GLY A 88 17.81 12.88 22.87
N GLY A 1 -13.82 -0.88 27.14
CA GLY A 1 -13.43 -0.60 25.77
C GLY A 1 -13.30 0.88 25.50
N SER A 2 -12.31 1.52 26.11
CA SER A 2 -12.07 2.94 25.93
C SER A 2 -11.02 3.19 24.85
N SER A 3 -11.33 2.80 23.63
CA SER A 3 -10.41 2.97 22.51
C SER A 3 -11.16 3.33 21.24
N GLY A 4 -10.45 3.38 20.11
CA GLY A 4 -11.06 3.70 18.84
C GLY A 4 -10.04 3.98 17.76
N SER A 5 -9.56 5.21 17.70
CA SER A 5 -8.57 5.59 16.69
C SER A 5 -7.21 4.99 17.00
N SER A 6 -6.76 4.07 16.15
CA SER A 6 -5.48 3.42 16.35
C SER A 6 -4.88 2.99 15.00
N GLY A 7 -4.11 3.88 14.40
CA GLY A 7 -3.49 3.58 13.12
C GLY A 7 -3.34 4.81 12.24
N GLU A 8 -3.74 4.69 10.98
CA GLU A 8 -3.65 5.80 10.05
C GLU A 8 -2.19 6.20 9.81
N GLY A 9 -1.97 7.09 8.86
CA GLY A 9 -0.63 7.54 8.56
C GLY A 9 -0.13 7.03 7.21
N VAL A 10 -1.02 6.98 6.24
CA VAL A 10 -0.67 6.51 4.90
C VAL A 10 -0.30 7.67 3.99
N PRO A 11 0.81 7.53 3.27
CA PRO A 11 1.29 8.57 2.34
C PRO A 11 0.40 8.71 1.11
N PHE A 12 0.01 7.58 0.53
CA PHE A 12 -0.85 7.57 -0.64
C PHE A 12 -2.31 7.42 -0.25
N ARG A 13 -3.18 8.23 -0.87
CA ARG A 13 -4.60 8.17 -0.58
C ARG A 13 -5.32 7.20 -1.52
N THR A 14 -4.78 7.06 -2.73
CA THR A 14 -5.36 6.17 -3.72
C THR A 14 -4.38 5.08 -4.13
N VAL A 15 -4.90 4.01 -4.73
CA VAL A 15 -4.06 2.90 -5.16
C VAL A 15 -3.17 3.29 -6.34
N SER A 16 -3.70 4.18 -7.19
CA SER A 16 -2.96 4.64 -8.36
C SER A 16 -1.67 5.35 -7.94
N GLU A 17 -1.81 6.31 -7.04
CA GLU A 17 -0.66 7.07 -6.57
C GLU A 17 0.43 6.14 -6.01
N TRP A 18 0.00 4.98 -5.55
CA TRP A 18 0.92 3.99 -5.00
C TRP A 18 1.55 3.16 -6.11
N LEU A 19 0.71 2.50 -6.89
CA LEU A 19 1.19 1.66 -7.99
C LEU A 19 2.08 2.46 -8.93
N GLU A 20 1.63 3.64 -9.31
CA GLU A 20 2.39 4.50 -10.22
C GLU A 20 3.80 4.74 -9.69
N SER A 21 3.92 4.75 -8.36
CA SER A 21 5.22 4.97 -7.72
C SER A 21 6.21 3.88 -8.11
N ILE A 22 5.68 2.69 -8.40
CA ILE A 22 6.52 1.57 -8.79
C ILE A 22 6.29 1.18 -10.25
N LYS A 23 5.81 2.14 -11.03
CA LYS A 23 5.55 1.91 -12.45
C LYS A 23 4.67 0.67 -12.64
N MET A 24 3.60 0.59 -11.87
CA MET A 24 2.68 -0.54 -11.96
C MET A 24 1.23 -0.07 -11.90
N GLN A 25 1.00 1.17 -12.31
CA GLN A 25 -0.35 1.74 -12.30
C GLN A 25 -1.26 0.97 -13.24
N GLN A 26 -0.68 0.34 -14.26
CA GLN A 26 -1.44 -0.43 -15.23
C GLN A 26 -2.15 -1.60 -14.56
N TYR A 27 -1.60 -2.05 -13.44
CA TYR A 27 -2.18 -3.17 -12.70
C TYR A 27 -3.32 -2.70 -11.80
N THR A 28 -3.45 -1.39 -11.66
CA THR A 28 -4.49 -0.80 -10.83
C THR A 28 -5.86 -1.38 -11.19
N GLU A 29 -6.13 -1.52 -12.49
CA GLU A 29 -7.39 -2.04 -12.96
C GLU A 29 -7.64 -3.44 -12.41
N HIS A 30 -6.56 -4.19 -12.19
CA HIS A 30 -6.65 -5.54 -11.66
C HIS A 30 -6.88 -5.52 -10.15
N PHE A 31 -6.15 -4.64 -9.46
CA PHE A 31 -6.25 -4.53 -8.01
C PHE A 31 -7.70 -4.24 -7.60
N MET A 32 -8.36 -3.38 -8.37
CA MET A 32 -9.75 -3.02 -8.09
C MET A 32 -10.67 -4.23 -8.23
N ALA A 33 -10.56 -4.91 -9.36
CA ALA A 33 -11.38 -6.09 -9.62
C ALA A 33 -11.24 -7.11 -8.50
N ALA A 34 -10.09 -7.13 -7.85
CA ALA A 34 -9.84 -8.05 -6.75
C ALA A 34 -10.43 -7.54 -5.45
N GLY A 35 -10.60 -6.22 -5.36
CA GLY A 35 -11.15 -5.62 -4.15
C GLY A 35 -10.14 -4.79 -3.40
N TYR A 36 -9.20 -4.19 -4.12
CA TYR A 36 -8.17 -3.37 -3.50
C TYR A 36 -8.21 -1.95 -4.07
N THR A 37 -9.32 -1.26 -3.87
CA THR A 37 -9.48 0.11 -4.35
C THR A 37 -8.90 1.12 -3.36
N ALA A 38 -8.84 0.72 -2.09
CA ALA A 38 -8.30 1.59 -1.05
C ALA A 38 -7.08 0.97 -0.40
N ILE A 39 -6.12 1.81 -0.03
CA ILE A 39 -4.89 1.35 0.60
C ILE A 39 -5.19 0.52 1.85
N GLU A 40 -6.35 0.77 2.46
CA GLU A 40 -6.75 0.05 3.65
C GLU A 40 -6.87 -1.45 3.37
N LYS A 41 -7.24 -1.79 2.14
CA LYS A 41 -7.39 -3.18 1.75
C LYS A 41 -6.13 -3.69 1.04
N VAL A 42 -5.47 -2.79 0.30
CA VAL A 42 -4.25 -3.14 -0.41
C VAL A 42 -3.19 -3.69 0.53
N VAL A 43 -3.30 -3.31 1.80
CA VAL A 43 -2.34 -3.76 2.81
C VAL A 43 -2.76 -5.11 3.39
N GLN A 44 -4.06 -5.39 3.32
CA GLN A 44 -4.59 -6.65 3.84
C GLN A 44 -4.14 -7.83 2.98
N MET A 45 -4.10 -7.62 1.68
CA MET A 45 -3.69 -8.66 0.74
C MET A 45 -2.29 -9.18 1.08
N THR A 46 -2.06 -10.45 0.83
CA THR A 46 -0.77 -11.07 1.10
C THR A 46 0.06 -11.19 -0.16
N ASN A 47 1.32 -11.60 -0.01
CA ASN A 47 2.22 -11.77 -1.15
C ASN A 47 1.58 -12.62 -2.23
N ASP A 48 0.90 -13.68 -1.81
CA ASP A 48 0.24 -14.59 -2.74
C ASP A 48 -0.81 -13.84 -3.55
N ASP A 49 -1.59 -13.00 -2.89
CA ASP A 49 -2.63 -12.23 -3.55
C ASP A 49 -2.07 -11.45 -4.73
N VAL A 50 -0.84 -10.97 -4.58
CA VAL A 50 -0.19 -10.20 -5.65
C VAL A 50 -0.08 -11.03 -6.93
N LYS A 51 -0.14 -12.35 -6.78
CA LYS A 51 -0.06 -13.24 -7.92
C LYS A 51 -1.45 -13.58 -8.47
N ARG A 52 -2.46 -13.41 -7.62
CA ARG A 52 -3.83 -13.69 -8.01
C ARG A 52 -4.45 -12.50 -8.73
N ILE A 53 -4.07 -11.30 -8.31
CA ILE A 53 -4.59 -10.07 -8.91
C ILE A 53 -4.37 -10.07 -10.42
N GLY A 54 -3.27 -10.66 -10.85
CA GLY A 54 -2.95 -10.72 -12.27
C GLY A 54 -1.46 -10.80 -12.53
N VAL A 55 -0.69 -10.08 -11.73
CA VAL A 55 0.76 -10.07 -11.89
C VAL A 55 1.34 -11.48 -11.83
N ARG A 56 1.97 -11.91 -12.91
CA ARG A 56 2.56 -13.24 -12.98
C ARG A 56 4.07 -13.15 -13.22
N LEU A 57 4.54 -11.96 -13.55
CA LEU A 57 5.96 -11.74 -13.81
C LEU A 57 6.75 -11.73 -12.51
N PRO A 58 8.07 -12.02 -12.61
CA PRO A 58 8.96 -12.05 -11.46
C PRO A 58 9.21 -10.67 -10.87
N GLY A 59 9.54 -9.72 -11.74
CA GLY A 59 9.81 -8.36 -11.29
C GLY A 59 8.54 -7.64 -10.87
N HIS A 60 7.52 -7.67 -11.72
CA HIS A 60 6.26 -7.02 -11.43
C HIS A 60 5.73 -7.45 -10.05
N GLN A 61 6.06 -8.66 -9.65
CA GLN A 61 5.63 -9.19 -8.36
C GLN A 61 6.40 -8.55 -7.23
N LYS A 62 7.71 -8.71 -7.24
CA LYS A 62 8.56 -8.13 -6.20
C LYS A 62 8.37 -6.62 -6.11
N ARG A 63 8.19 -5.99 -7.27
CA ARG A 63 8.00 -4.55 -7.32
C ARG A 63 6.84 -4.11 -6.43
N ILE A 64 5.76 -4.88 -6.46
CA ILE A 64 4.59 -4.59 -5.65
C ILE A 64 4.73 -5.13 -4.24
N ALA A 65 5.10 -6.41 -4.13
CA ALA A 65 5.28 -7.04 -2.84
C ALA A 65 6.20 -6.22 -1.95
N TYR A 66 7.30 -5.74 -2.53
CA TYR A 66 8.27 -4.94 -1.78
C TYR A 66 7.68 -3.60 -1.38
N SER A 67 6.77 -3.09 -2.20
CA SER A 67 6.12 -1.81 -1.93
C SER A 67 5.07 -1.95 -0.83
N LEU A 68 4.52 -3.15 -0.70
CA LEU A 68 3.51 -3.42 0.32
C LEU A 68 4.10 -3.33 1.72
N LEU A 69 5.37 -3.69 1.84
CA LEU A 69 6.06 -3.64 3.12
C LEU A 69 5.97 -2.24 3.74
N GLY A 70 6.22 -1.23 2.93
CA GLY A 70 6.16 0.14 3.41
C GLY A 70 4.75 0.56 3.80
N LEU A 71 3.76 -0.01 3.13
CA LEU A 71 2.36 0.31 3.41
C LEU A 71 1.97 -0.15 4.81
N LYS A 72 2.08 -1.45 5.06
CA LYS A 72 1.73 -2.01 6.36
C LYS A 72 2.56 -1.35 7.46
N ASP A 73 3.73 -0.84 7.10
CA ASP A 73 4.60 -0.19 8.06
C ASP A 73 4.13 1.23 8.35
N GLN A 74 3.70 1.93 7.29
CA GLN A 74 3.22 3.30 7.43
C GLN A 74 1.98 3.36 8.32
N VAL A 75 1.03 2.47 8.07
CA VAL A 75 -0.20 2.42 8.86
C VAL A 75 0.09 2.10 10.31
N ASN A 76 1.21 1.40 10.55
CA ASN A 76 1.60 1.04 11.91
C ASN A 76 3.00 1.55 12.23
N THR A 77 3.08 2.78 12.72
CA THR A 77 4.35 3.38 13.07
C THR A 77 4.58 3.39 14.58
N VAL A 78 5.73 3.87 15.00
CA VAL A 78 6.06 3.93 16.42
C VAL A 78 5.94 5.35 16.96
N GLY A 79 6.17 6.34 16.08
CA GLY A 79 6.09 7.73 16.49
C GLY A 79 5.28 8.57 15.51
N ILE A 80 4.07 8.94 15.92
CA ILE A 80 3.20 9.74 15.07
C ILE A 80 3.15 11.19 15.55
N PRO A 81 2.89 12.12 14.62
CA PRO A 81 2.80 13.54 14.92
C PRO A 81 1.57 13.89 15.75
N ILE A 82 1.74 14.78 16.72
CA ILE A 82 0.65 15.20 17.58
C ILE A 82 -0.22 16.25 16.90
N SER A 83 0.39 17.39 16.57
CA SER A 83 -0.33 18.48 15.91
C SER A 83 -1.57 18.85 16.69
N GLY A 84 -1.43 18.96 18.01
CA GLY A 84 -2.55 19.31 18.86
C GLY A 84 -2.95 20.77 18.72
N PRO A 85 -4.14 21.12 19.23
CA PRO A 85 -4.67 22.49 19.17
C PRO A 85 -3.89 23.44 20.05
N SER A 86 -2.82 24.01 19.52
CA SER A 86 -1.98 24.95 20.28
C SER A 86 -1.06 25.73 19.34
N SER A 87 -1.30 27.03 19.24
CA SER A 87 -0.50 27.89 18.38
C SER A 87 0.53 28.68 19.20
N GLY A 88 1.80 28.51 18.86
CA GLY A 88 2.86 29.21 19.57
C GLY A 88 4.24 28.80 19.11
N GLY A 1 -13.03 -6.39 21.66
CA GLY A 1 -11.63 -6.15 21.32
C GLY A 1 -11.39 -4.73 20.85
N SER A 2 -11.10 -3.84 21.79
CA SER A 2 -10.85 -2.45 21.46
C SER A 2 -9.40 -2.07 21.74
N SER A 3 -8.48 -2.96 21.37
CA SER A 3 -7.06 -2.72 21.58
C SER A 3 -6.38 -2.27 20.30
N GLY A 4 -6.46 -3.11 19.27
CA GLY A 4 -5.84 -2.78 18.00
C GLY A 4 -6.64 -1.75 17.22
N SER A 5 -5.95 -0.97 16.39
CA SER A 5 -6.60 0.06 15.60
C SER A 5 -5.78 0.39 14.36
N SER A 6 -6.36 1.16 13.45
CA SER A 6 -5.68 1.55 12.22
C SER A 6 -5.22 3.01 12.29
N GLY A 7 -6.15 3.90 12.62
CA GLY A 7 -5.82 5.31 12.71
C GLY A 7 -5.48 5.92 11.36
N GLU A 8 -4.64 6.95 11.38
CA GLU A 8 -4.25 7.62 10.15
C GLU A 8 -2.73 7.72 10.05
N GLY A 9 -2.17 7.15 8.99
CA GLY A 9 -0.73 7.19 8.80
C GLY A 9 -0.30 6.54 7.50
N VAL A 10 -0.94 6.95 6.40
CA VAL A 10 -0.62 6.39 5.09
C VAL A 10 -0.17 7.49 4.13
N PRO A 11 0.93 7.24 3.41
CA PRO A 11 1.49 8.19 2.44
C PRO A 11 0.61 8.35 1.21
N PHE A 12 0.17 7.23 0.65
CA PHE A 12 -0.67 7.24 -0.54
C PHE A 12 -2.14 7.10 -0.15
N ARG A 13 -2.98 7.98 -0.68
CA ARG A 13 -4.40 7.95 -0.40
C ARG A 13 -5.15 7.05 -1.38
N THR A 14 -4.57 6.90 -2.58
CA THR A 14 -5.18 6.07 -3.61
C THR A 14 -4.22 4.97 -4.05
N VAL A 15 -4.78 3.88 -4.57
CA VAL A 15 -3.97 2.76 -5.03
C VAL A 15 -3.18 3.13 -6.27
N SER A 16 -3.68 4.11 -7.02
CA SER A 16 -3.02 4.57 -8.23
C SER A 16 -1.68 5.24 -7.91
N GLU A 17 -1.72 6.17 -6.96
CA GLU A 17 -0.52 6.89 -6.56
C GLU A 17 0.53 5.93 -6.01
N TRP A 18 0.08 4.80 -5.49
CA TRP A 18 0.98 3.80 -4.93
C TRP A 18 1.63 2.97 -6.04
N LEU A 19 0.79 2.37 -6.88
CA LEU A 19 1.26 1.54 -7.99
C LEU A 19 2.09 2.38 -8.97
N GLU A 20 1.54 3.52 -9.38
CA GLU A 20 2.22 4.40 -10.31
C GLU A 20 3.63 4.71 -9.83
N SER A 21 3.81 4.76 -8.52
CA SER A 21 5.12 5.05 -7.93
C SER A 21 6.13 3.99 -8.31
N ILE A 22 5.67 2.74 -8.41
CA ILE A 22 6.54 1.63 -8.76
C ILE A 22 6.34 1.22 -10.22
N LYS A 23 5.86 2.15 -11.04
CA LYS A 23 5.62 1.89 -12.45
C LYS A 23 4.78 0.63 -12.63
N MET A 24 3.69 0.55 -11.88
CA MET A 24 2.78 -0.60 -11.96
C MET A 24 1.33 -0.15 -11.90
N GLN A 25 1.06 1.06 -12.38
CA GLN A 25 -0.29 1.60 -12.37
C GLN A 25 -1.21 0.79 -13.28
N GLN A 26 -0.64 0.20 -14.32
CA GLN A 26 -1.40 -0.61 -15.27
C GLN A 26 -2.11 -1.75 -14.55
N TYR A 27 -1.55 -2.17 -13.42
CA TYR A 27 -2.13 -3.27 -12.64
C TYR A 27 -3.25 -2.76 -11.74
N THR A 28 -3.31 -1.44 -11.57
CA THR A 28 -4.34 -0.83 -10.74
C THR A 28 -5.73 -1.32 -11.11
N GLU A 29 -5.98 -1.41 -12.42
CA GLU A 29 -7.28 -1.86 -12.92
C GLU A 29 -7.60 -3.25 -12.38
N HIS A 30 -6.56 -4.05 -12.15
CA HIS A 30 -6.75 -5.41 -11.63
C HIS A 30 -6.95 -5.39 -10.12
N PHE A 31 -6.14 -4.59 -9.42
CA PHE A 31 -6.23 -4.48 -7.98
C PHE A 31 -7.66 -4.19 -7.54
N MET A 32 -8.31 -3.26 -8.23
CA MET A 32 -9.68 -2.88 -7.91
C MET A 32 -10.62 -4.07 -8.05
N ALA A 33 -10.59 -4.71 -9.21
CA ALA A 33 -11.43 -5.87 -9.47
C ALA A 33 -11.24 -6.94 -8.39
N ALA A 34 -10.01 -7.05 -7.89
CA ALA A 34 -9.70 -8.04 -6.86
C ALA A 34 -10.26 -7.60 -5.50
N GLY A 35 -10.43 -6.29 -5.33
CA GLY A 35 -10.95 -5.76 -4.08
C GLY A 35 -9.91 -4.96 -3.32
N TYR A 36 -9.09 -4.21 -4.05
CA TYR A 36 -8.06 -3.40 -3.44
C TYR A 36 -8.13 -1.95 -3.92
N THR A 37 -9.33 -1.37 -3.87
CA THR A 37 -9.54 -0.01 -4.31
C THR A 37 -8.99 0.99 -3.28
N ALA A 38 -8.91 0.56 -2.04
CA ALA A 38 -8.39 1.41 -0.96
C ALA A 38 -7.14 0.81 -0.34
N ILE A 39 -6.19 1.66 0.01
CA ILE A 39 -4.95 1.21 0.63
C ILE A 39 -5.22 0.40 1.89
N GLU A 40 -6.37 0.64 2.51
CA GLU A 40 -6.75 -0.07 3.73
C GLU A 40 -6.83 -1.57 3.47
N LYS A 41 -7.16 -1.95 2.24
CA LYS A 41 -7.27 -3.36 1.88
C LYS A 41 -5.99 -3.83 1.20
N VAL A 42 -5.35 -2.94 0.45
CA VAL A 42 -4.12 -3.27 -0.24
C VAL A 42 -3.06 -3.79 0.73
N VAL A 43 -3.19 -3.40 1.99
CA VAL A 43 -2.24 -3.82 3.02
C VAL A 43 -2.62 -5.19 3.58
N GLN A 44 -3.89 -5.53 3.48
CA GLN A 44 -4.38 -6.82 3.97
C GLN A 44 -3.95 -7.95 3.05
N MET A 45 -3.98 -7.69 1.75
CA MET A 45 -3.59 -8.69 0.76
C MET A 45 -2.20 -9.24 1.05
N THR A 46 -1.97 -10.49 0.70
CA THR A 46 -0.67 -11.12 0.92
C THR A 46 0.11 -11.26 -0.38
N ASN A 47 1.36 -11.67 -0.27
CA ASN A 47 2.22 -11.84 -1.44
C ASN A 47 1.54 -12.71 -2.49
N ASP A 48 0.72 -13.65 -2.03
CA ASP A 48 0.01 -14.55 -2.93
C ASP A 48 -1.03 -13.79 -3.75
N ASP A 49 -1.73 -12.86 -3.09
CA ASP A 49 -2.76 -12.06 -3.76
C ASP A 49 -2.16 -11.29 -4.93
N VAL A 50 -0.90 -10.91 -4.81
CA VAL A 50 -0.22 -10.17 -5.87
C VAL A 50 -0.09 -11.01 -7.14
N LYS A 51 -0.16 -12.33 -6.97
CA LYS A 51 -0.05 -13.25 -8.10
C LYS A 51 -1.43 -13.57 -8.66
N ARG A 52 -2.46 -13.37 -7.86
CA ARG A 52 -3.82 -13.64 -8.28
C ARG A 52 -4.42 -12.44 -9.01
N ILE A 53 -4.06 -11.25 -8.55
CA ILE A 53 -4.57 -10.02 -9.16
C ILE A 53 -4.35 -10.02 -10.67
N GLY A 54 -3.26 -10.66 -11.10
CA GLY A 54 -2.95 -10.73 -12.51
C GLY A 54 -1.47 -10.83 -12.78
N VAL A 55 -0.67 -10.18 -11.94
CA VAL A 55 0.77 -10.19 -12.08
C VAL A 55 1.32 -11.61 -12.03
N ARG A 56 1.99 -12.03 -13.10
CA ARG A 56 2.56 -13.36 -13.18
C ARG A 56 4.08 -13.30 -13.32
N LEU A 57 4.58 -12.12 -13.64
CA LEU A 57 6.03 -11.92 -13.81
C LEU A 57 6.73 -11.84 -12.47
N PRO A 58 8.03 -12.18 -12.46
CA PRO A 58 8.85 -12.15 -11.24
C PRO A 58 9.10 -10.73 -10.75
N GLY A 59 9.53 -9.86 -11.65
CA GLY A 59 9.79 -8.48 -11.28
C GLY A 59 8.55 -7.73 -10.87
N HIS A 60 7.54 -7.75 -11.73
CA HIS A 60 6.28 -7.07 -11.45
C HIS A 60 5.73 -7.48 -10.08
N GLN A 61 6.04 -8.70 -9.67
CA GLN A 61 5.58 -9.21 -8.38
C GLN A 61 6.34 -8.55 -7.23
N LYS A 62 7.65 -8.71 -7.22
CA LYS A 62 8.50 -8.13 -6.18
C LYS A 62 8.32 -6.62 -6.13
N ARG A 63 8.19 -6.00 -7.30
CA ARG A 63 8.02 -4.56 -7.38
C ARG A 63 6.85 -4.09 -6.52
N ILE A 64 5.79 -4.89 -6.49
CA ILE A 64 4.61 -4.57 -5.69
C ILE A 64 4.75 -5.07 -4.27
N ALA A 65 5.17 -6.32 -4.12
CA ALA A 65 5.36 -6.92 -2.80
C ALA A 65 6.26 -6.05 -1.92
N TYR A 66 7.35 -5.57 -2.51
CA TYR A 66 8.30 -4.74 -1.77
C TYR A 66 7.66 -3.42 -1.37
N SER A 67 6.74 -2.94 -2.19
CA SER A 67 6.05 -1.68 -1.94
C SER A 67 5.00 -1.85 -0.84
N LEU A 68 4.50 -3.07 -0.70
CA LEU A 68 3.49 -3.37 0.30
C LEU A 68 4.07 -3.21 1.71
N LEU A 69 5.32 -3.61 1.87
CA LEU A 69 5.99 -3.52 3.17
C LEU A 69 5.86 -2.10 3.75
N GLY A 70 6.10 -1.10 2.91
CA GLY A 70 6.00 0.27 3.35
C GLY A 70 4.60 0.65 3.78
N LEU A 71 3.60 0.05 3.12
CA LEU A 71 2.21 0.33 3.44
C LEU A 71 1.85 -0.17 4.84
N LYS A 72 2.05 -1.46 5.07
CA LYS A 72 1.75 -2.05 6.37
C LYS A 72 2.56 -1.38 7.47
N ASP A 73 3.70 -0.82 7.11
CA ASP A 73 4.56 -0.14 8.07
C ASP A 73 4.05 1.28 8.35
N GLN A 74 3.71 2.00 7.29
CA GLN A 74 3.21 3.36 7.43
C GLN A 74 1.97 3.40 8.30
N VAL A 75 0.98 2.58 7.95
CA VAL A 75 -0.27 2.52 8.72
C VAL A 75 0.00 2.26 10.19
N ASN A 76 1.07 1.52 10.47
CA ASN A 76 1.44 1.20 11.84
C ASN A 76 2.49 2.17 12.37
N THR A 77 2.09 3.43 12.54
CA THR A 77 3.00 4.47 13.03
C THR A 77 2.22 5.56 13.78
N VAL A 78 1.97 5.33 15.06
CA VAL A 78 1.25 6.29 15.87
C VAL A 78 2.11 7.51 16.18
N GLY A 79 3.40 7.27 16.41
CA GLY A 79 4.31 8.36 16.71
C GLY A 79 5.18 8.08 17.91
N ILE A 80 4.90 8.78 19.02
CA ILE A 80 5.67 8.59 20.24
C ILE A 80 5.03 7.52 21.13
N PRO A 81 5.86 6.87 21.95
CA PRO A 81 5.41 5.81 22.86
C PRO A 81 4.57 6.35 24.00
N ILE A 82 3.46 5.67 24.28
CA ILE A 82 2.55 6.09 25.34
C ILE A 82 3.11 5.70 26.71
N SER A 83 3.92 4.65 26.74
CA SER A 83 4.51 4.17 27.99
C SER A 83 5.25 5.31 28.70
N GLY A 84 5.12 5.34 30.02
CA GLY A 84 5.77 6.39 30.81
C GLY A 84 5.20 6.51 32.20
N PRO A 85 3.98 7.07 32.29
CA PRO A 85 3.29 7.26 33.57
C PRO A 85 2.84 5.95 34.19
N SER A 86 2.32 6.02 35.41
CA SER A 86 1.85 4.84 36.12
C SER A 86 0.41 5.01 36.58
N SER A 87 -0.38 3.95 36.43
CA SER A 87 -1.78 3.99 36.82
C SER A 87 -2.11 2.85 37.78
N GLY A 88 -3.26 2.94 38.44
CA GLY A 88 -3.67 1.91 39.37
C GLY A 88 -4.29 2.48 40.63
N GLY A 1 -17.95 -1.86 15.72
CA GLY A 1 -18.21 -1.14 14.48
C GLY A 1 -18.44 0.34 14.70
N SER A 2 -18.82 0.70 15.92
CA SER A 2 -19.09 2.09 16.26
C SER A 2 -17.90 2.72 16.97
N SER A 3 -17.20 3.61 16.28
CA SER A 3 -16.04 4.28 16.84
C SER A 3 -15.01 3.27 17.32
N GLY A 4 -14.59 2.38 16.42
CA GLY A 4 -13.61 1.37 16.77
C GLY A 4 -12.24 1.96 17.05
N SER A 5 -11.41 2.03 16.01
CA SER A 5 -10.06 2.57 16.16
C SER A 5 -9.68 3.39 14.93
N SER A 6 -9.19 4.61 15.18
CA SER A 6 -8.79 5.51 14.09
C SER A 6 -7.32 5.34 13.76
N GLY A 7 -7.01 5.28 12.47
CA GLY A 7 -5.63 5.11 12.04
C GLY A 7 -4.97 6.43 11.69
N GLU A 8 -5.23 6.91 10.48
CA GLU A 8 -4.65 8.17 10.02
C GLU A 8 -3.13 8.10 10.00
N GLY A 9 -2.57 7.79 8.83
CA GLY A 9 -1.13 7.69 8.70
C GLY A 9 -0.72 6.96 7.44
N VAL A 10 -1.22 7.43 6.29
CA VAL A 10 -0.89 6.82 5.01
C VAL A 10 -0.46 7.86 3.99
N PRO A 11 0.65 7.58 3.29
CA PRO A 11 1.19 8.49 2.28
C PRO A 11 0.31 8.57 1.04
N PHE A 12 -0.11 7.42 0.54
CA PHE A 12 -0.96 7.35 -0.65
C PHE A 12 -2.43 7.19 -0.25
N ARG A 13 -3.28 8.04 -0.80
CA ARG A 13 -4.71 7.99 -0.51
C ARG A 13 -5.42 7.03 -1.45
N THR A 14 -4.85 6.82 -2.63
CA THR A 14 -5.44 5.92 -3.62
C THR A 14 -4.47 4.80 -3.97
N VAL A 15 -4.97 3.81 -4.71
CA VAL A 15 -4.15 2.67 -5.11
C VAL A 15 -3.27 3.02 -6.31
N SER A 16 -3.74 3.97 -7.12
CA SER A 16 -2.99 4.39 -8.30
C SER A 16 -1.71 5.12 -7.90
N GLU A 17 -1.82 6.01 -6.92
CA GLU A 17 -0.66 6.77 -6.45
C GLU A 17 0.41 5.84 -5.90
N TRP A 18 -0.01 4.66 -5.45
CA TRP A 18 0.92 3.69 -4.90
C TRP A 18 1.60 2.89 -6.00
N LEU A 19 0.78 2.28 -6.86
CA LEU A 19 1.31 1.48 -7.97
C LEU A 19 2.14 2.35 -8.91
N GLU A 20 1.62 3.52 -9.25
CA GLU A 20 2.31 4.44 -10.14
C GLU A 20 3.71 4.75 -9.62
N SER A 21 3.89 4.65 -8.31
CA SER A 21 5.17 4.93 -7.67
C SER A 21 6.20 3.86 -8.05
N ILE A 22 5.71 2.66 -8.36
CA ILE A 22 6.58 1.55 -8.73
C ILE A 22 6.39 1.18 -10.20
N LYS A 23 5.93 2.13 -11.00
CA LYS A 23 5.70 1.91 -12.42
C LYS A 23 4.86 0.66 -12.64
N MET A 24 3.76 0.55 -11.89
CA MET A 24 2.86 -0.59 -12.01
C MET A 24 1.41 -0.14 -11.94
N GLN A 25 1.15 1.11 -12.32
CA GLN A 25 -0.19 1.66 -12.30
C GLN A 25 -1.12 0.85 -13.21
N GLN A 26 -0.54 0.21 -14.22
CA GLN A 26 -1.32 -0.59 -15.16
C GLN A 26 -2.05 -1.72 -14.44
N TYR A 27 -1.51 -2.12 -13.30
CA TYR A 27 -2.12 -3.20 -12.51
C TYR A 27 -3.22 -2.65 -11.60
N THR A 28 -3.29 -1.32 -11.50
CA THR A 28 -4.30 -0.68 -10.66
C THR A 28 -5.70 -1.20 -10.98
N GLU A 29 -6.06 -1.17 -12.26
CA GLU A 29 -7.37 -1.65 -12.69
C GLU A 29 -7.63 -3.06 -12.18
N HIS A 30 -6.57 -3.86 -12.11
CA HIS A 30 -6.70 -5.23 -11.64
C HIS A 30 -6.87 -5.27 -10.12
N PHE A 31 -6.05 -4.50 -9.41
CA PHE A 31 -6.12 -4.45 -7.96
C PHE A 31 -7.55 -4.18 -7.48
N MET A 32 -8.28 -3.38 -8.26
CA MET A 32 -9.65 -3.05 -7.91
C MET A 32 -10.56 -4.26 -8.10
N ALA A 33 -10.42 -4.95 -9.23
CA ALA A 33 -11.22 -6.12 -9.52
C ALA A 33 -11.08 -7.17 -8.42
N ALA A 34 -9.92 -7.21 -7.80
CA ALA A 34 -9.66 -8.17 -6.74
C ALA A 34 -10.29 -7.72 -5.42
N GLY A 35 -10.50 -6.41 -5.29
CA GLY A 35 -11.09 -5.87 -4.08
C GLY A 35 -10.14 -5.00 -3.30
N TYR A 36 -9.20 -4.38 -4.00
CA TYR A 36 -8.21 -3.52 -3.35
C TYR A 36 -8.27 -2.10 -3.92
N THR A 37 -9.44 -1.47 -3.77
CA THR A 37 -9.63 -0.11 -4.26
C THR A 37 -9.07 0.91 -3.29
N ALA A 38 -8.99 0.53 -2.02
CA ALA A 38 -8.47 1.42 -0.99
C ALA A 38 -7.21 0.83 -0.34
N ILE A 39 -6.26 1.70 -0.03
CA ILE A 39 -5.01 1.27 0.59
C ILE A 39 -5.27 0.47 1.86
N GLU A 40 -6.42 0.74 2.49
CA GLU A 40 -6.79 0.04 3.72
C GLU A 40 -6.87 -1.46 3.50
N LYS A 41 -7.22 -1.86 2.28
CA LYS A 41 -7.33 -3.26 1.92
C LYS A 41 -6.05 -3.76 1.25
N VAL A 42 -5.41 -2.88 0.50
CA VAL A 42 -4.18 -3.22 -0.20
C VAL A 42 -3.12 -3.74 0.77
N VAL A 43 -3.24 -3.32 2.03
CA VAL A 43 -2.30 -3.75 3.07
C VAL A 43 -2.68 -5.10 3.64
N GLN A 44 -3.96 -5.44 3.55
CA GLN A 44 -4.45 -6.71 4.06
C GLN A 44 -4.05 -7.86 3.15
N MET A 45 -3.98 -7.58 1.85
CA MET A 45 -3.60 -8.60 0.87
C MET A 45 -2.21 -9.14 1.17
N THR A 46 -1.98 -10.41 0.82
CA THR A 46 -0.68 -11.04 1.04
C THR A 46 0.08 -11.18 -0.26
N ASN A 47 1.34 -11.60 -0.16
CA ASN A 47 2.19 -11.78 -1.33
C ASN A 47 1.49 -12.64 -2.37
N ASP A 48 0.67 -13.58 -1.92
CA ASP A 48 -0.05 -14.47 -2.81
C ASP A 48 -1.08 -13.69 -3.64
N ASP A 49 -1.79 -12.79 -2.98
CA ASP A 49 -2.81 -11.98 -3.65
C ASP A 49 -2.20 -11.23 -4.84
N VAL A 50 -0.93 -10.84 -4.70
CA VAL A 50 -0.23 -10.12 -5.75
C VAL A 50 -0.15 -10.95 -7.03
N LYS A 51 -0.27 -12.26 -6.88
CA LYS A 51 -0.22 -13.16 -8.03
C LYS A 51 -1.62 -13.45 -8.57
N ARG A 52 -2.62 -13.24 -7.73
CA ARG A 52 -4.00 -13.48 -8.13
C ARG A 52 -4.58 -12.27 -8.85
N ILE A 53 -4.13 -11.08 -8.45
CA ILE A 53 -4.60 -9.84 -9.06
C ILE A 53 -4.37 -9.84 -10.56
N GLY A 54 -3.29 -10.51 -10.99
CA GLY A 54 -2.97 -10.57 -12.40
C GLY A 54 -1.49 -10.69 -12.67
N VAL A 55 -0.69 -10.04 -11.82
CA VAL A 55 0.76 -10.05 -11.95
C VAL A 55 1.30 -11.48 -11.90
N ARG A 56 1.92 -11.91 -13.00
CA ARG A 56 2.49 -13.25 -13.08
C ARG A 56 3.99 -13.20 -13.32
N LEU A 57 4.50 -12.02 -13.62
CA LEU A 57 5.92 -11.84 -13.87
C LEU A 57 6.71 -11.83 -12.56
N PRO A 58 8.00 -12.14 -12.65
CA PRO A 58 8.90 -12.18 -11.49
C PRO A 58 9.17 -10.80 -10.92
N GLY A 59 9.53 -9.86 -11.79
CA GLY A 59 9.81 -8.50 -11.36
C GLY A 59 8.56 -7.76 -10.94
N HIS A 60 7.54 -7.79 -11.79
CA HIS A 60 6.28 -7.11 -11.50
C HIS A 60 5.76 -7.50 -10.12
N GLN A 61 6.07 -8.73 -9.71
CA GLN A 61 5.62 -9.23 -8.41
C GLN A 61 6.39 -8.56 -7.27
N LYS A 62 7.71 -8.71 -7.29
CA LYS A 62 8.56 -8.12 -6.27
C LYS A 62 8.37 -6.61 -6.21
N ARG A 63 8.23 -6.00 -7.38
CA ARG A 63 8.04 -4.55 -7.45
C ARG A 63 6.89 -4.10 -6.57
N ILE A 64 5.84 -4.91 -6.52
CA ILE A 64 4.67 -4.60 -5.72
C ILE A 64 4.84 -5.10 -4.28
N ALA A 65 5.26 -6.35 -4.14
CA ALA A 65 5.46 -6.95 -2.83
C ALA A 65 6.38 -6.08 -1.97
N TYR A 66 7.45 -5.58 -2.56
CA TYR A 66 8.40 -4.74 -1.85
C TYR A 66 7.76 -3.43 -1.43
N SER A 67 6.81 -2.95 -2.24
CA SER A 67 6.11 -1.71 -1.97
C SER A 67 5.09 -1.89 -0.86
N LEU A 68 4.56 -3.10 -0.74
CA LEU A 68 3.57 -3.41 0.28
C LEU A 68 4.15 -3.24 1.68
N LEU A 69 5.41 -3.61 1.83
CA LEU A 69 6.09 -3.50 3.12
C LEU A 69 5.95 -2.09 3.68
N GLY A 70 6.12 -1.08 2.82
CA GLY A 70 6.01 0.29 3.25
C GLY A 70 4.60 0.65 3.68
N LEU A 71 3.61 0.07 3.01
CA LEU A 71 2.21 0.34 3.33
C LEU A 71 1.86 -0.15 4.73
N LYS A 72 2.02 -1.46 4.96
CA LYS A 72 1.73 -2.05 6.25
C LYS A 72 2.52 -1.35 7.35
N ASP A 73 3.66 -0.77 6.99
CA ASP A 73 4.50 -0.07 7.95
C ASP A 73 3.96 1.34 8.22
N GLN A 74 3.55 2.02 7.17
CA GLN A 74 3.01 3.37 7.29
C GLN A 74 1.74 3.38 8.12
N VAL A 75 0.79 2.52 7.74
CA VAL A 75 -0.49 2.44 8.46
C VAL A 75 -0.27 2.18 9.95
N ASN A 76 0.85 1.52 10.27
CA ASN A 76 1.18 1.22 11.65
C ASN A 76 1.70 2.45 12.38
N THR A 77 2.38 3.32 11.64
CA THR A 77 2.93 4.54 12.22
C THR A 77 1.81 5.50 12.63
N VAL A 78 1.40 5.41 13.89
CA VAL A 78 0.34 6.27 14.41
C VAL A 78 0.91 7.55 14.98
N GLY A 79 2.08 7.45 15.59
CA GLY A 79 2.73 8.62 16.19
C GLY A 79 2.47 8.73 17.67
N ILE A 80 3.50 9.09 18.42
CA ILE A 80 3.38 9.23 19.87
C ILE A 80 3.03 10.66 20.25
N PRO A 81 2.36 10.83 21.40
CA PRO A 81 1.95 12.14 21.91
C PRO A 81 3.15 12.98 22.37
N ILE A 82 3.29 14.17 21.80
CA ILE A 82 4.38 15.06 22.15
C ILE A 82 5.73 14.46 21.77
N SER A 83 6.69 15.33 21.48
CA SER A 83 8.02 14.89 21.09
C SER A 83 7.98 14.10 19.79
N GLY A 84 9.15 13.82 19.24
CA GLY A 84 9.22 13.06 17.99
C GLY A 84 9.68 13.93 16.83
N PRO A 85 10.98 14.26 16.81
CA PRO A 85 11.56 15.09 15.75
C PRO A 85 11.64 14.35 14.42
N SER A 86 11.70 13.03 14.48
CA SER A 86 11.78 12.20 13.28
C SER A 86 10.53 12.37 12.43
N SER A 87 10.71 12.41 11.12
CA SER A 87 9.59 12.55 10.18
C SER A 87 8.53 11.49 10.43
N GLY A 88 7.27 11.85 10.19
CA GLY A 88 6.19 10.91 10.39
C GLY A 88 4.99 11.55 11.07
N GLY A 1 12.63 3.58 -1.09
CA GLY A 1 11.99 3.21 0.16
C GLY A 1 12.71 3.80 1.37
N SER A 2 11.95 4.06 2.42
CA SER A 2 12.51 4.64 3.63
C SER A 2 13.12 6.02 3.36
N SER A 3 12.52 6.74 2.42
CA SER A 3 13.00 8.07 2.06
C SER A 3 11.87 8.92 1.48
N GLY A 4 10.66 8.72 2.00
CA GLY A 4 9.52 9.47 1.53
C GLY A 4 9.12 10.59 2.47
N SER A 5 8.27 10.26 3.44
CA SER A 5 7.81 11.25 4.41
C SER A 5 8.37 10.95 5.80
N SER A 6 7.90 11.70 6.79
CA SER A 6 8.35 11.51 8.17
C SER A 6 7.90 10.15 8.71
N GLY A 7 6.61 9.88 8.56
CA GLY A 7 6.06 8.62 9.04
C GLY A 7 4.74 8.78 9.75
N GLU A 8 4.35 7.77 10.51
CA GLU A 8 3.08 7.81 11.24
C GLU A 8 1.92 8.14 10.31
N GLY A 9 1.60 7.19 9.43
CA GLY A 9 0.51 7.40 8.49
C GLY A 9 0.91 7.05 7.07
N VAL A 10 -0.08 6.66 6.26
CA VAL A 10 0.17 6.30 4.87
C VAL A 10 0.48 7.53 4.04
N PRO A 11 1.54 7.45 3.22
CA PRO A 11 1.97 8.54 2.35
C PRO A 11 0.99 8.80 1.21
N PHE A 12 0.56 7.72 0.57
CA PHE A 12 -0.38 7.83 -0.54
C PHE A 12 -1.82 7.77 -0.05
N ARG A 13 -2.74 8.32 -0.83
CA ARG A 13 -4.15 8.33 -0.47
C ARG A 13 -4.95 7.37 -1.34
N THR A 14 -4.44 7.09 -2.54
CA THR A 14 -5.10 6.17 -3.46
C THR A 14 -4.15 5.07 -3.91
N VAL A 15 -4.71 4.06 -4.57
CA VAL A 15 -3.90 2.94 -5.06
C VAL A 15 -3.14 3.31 -6.32
N SER A 16 -3.66 4.29 -7.06
CA SER A 16 -3.03 4.75 -8.29
C SER A 16 -1.69 5.41 -8.00
N GLU A 17 -1.69 6.37 -7.07
CA GLU A 17 -0.47 7.07 -6.70
C GLU A 17 0.57 6.11 -6.15
N TRP A 18 0.10 5.00 -5.59
CA TRP A 18 0.99 4.00 -5.01
C TRP A 18 1.61 3.14 -6.10
N LEU A 19 0.76 2.52 -6.92
CA LEU A 19 1.21 1.67 -8.01
C LEU A 19 2.03 2.47 -9.02
N GLU A 20 1.49 3.60 -9.46
CA GLU A 20 2.18 4.45 -10.43
C GLU A 20 3.60 4.77 -9.97
N SER A 21 3.78 4.85 -8.65
CA SER A 21 5.09 5.15 -8.08
C SER A 21 6.09 4.05 -8.41
N ILE A 22 5.60 2.81 -8.44
CA ILE A 22 6.46 1.67 -8.75
C ILE A 22 6.24 1.18 -10.17
N LYS A 23 5.76 2.08 -11.03
CA LYS A 23 5.50 1.74 -12.43
C LYS A 23 4.64 0.49 -12.54
N MET A 24 3.54 0.46 -11.80
CA MET A 24 2.62 -0.68 -11.82
C MET A 24 1.18 -0.21 -11.85
N GLN A 25 0.95 0.99 -12.39
CA GLN A 25 -0.40 1.55 -12.48
C GLN A 25 -1.27 0.70 -13.40
N GLN A 26 -0.65 0.12 -14.43
CA GLN A 26 -1.38 -0.70 -15.39
C GLN A 26 -2.08 -1.86 -14.68
N TYR A 27 -1.56 -2.25 -13.52
CA TYR A 27 -2.13 -3.35 -12.76
C TYR A 27 -3.24 -2.85 -11.85
N THR A 28 -3.32 -1.53 -11.67
CA THR A 28 -4.32 -0.92 -10.82
C THR A 28 -5.73 -1.41 -11.19
N GLU A 29 -5.98 -1.54 -12.49
CA GLU A 29 -7.27 -2.00 -12.97
C GLU A 29 -7.61 -3.38 -12.41
N HIS A 30 -6.58 -4.18 -12.18
CA HIS A 30 -6.76 -5.52 -11.63
C HIS A 30 -6.97 -5.48 -10.13
N PHE A 31 -6.16 -4.67 -9.45
CA PHE A 31 -6.26 -4.53 -8.00
C PHE A 31 -7.69 -4.21 -7.57
N MET A 32 -8.28 -3.22 -8.22
CA MET A 32 -9.65 -2.83 -7.90
C MET A 32 -10.61 -4.01 -8.02
N ALA A 33 -10.57 -4.67 -9.17
CA ALA A 33 -11.43 -5.83 -9.41
C ALA A 33 -11.27 -6.87 -8.31
N ALA A 34 -10.04 -6.99 -7.81
CA ALA A 34 -9.76 -7.96 -6.75
C ALA A 34 -10.33 -7.50 -5.41
N GLY A 35 -10.51 -6.19 -5.27
CA GLY A 35 -11.04 -5.65 -4.04
C GLY A 35 -10.03 -4.82 -3.28
N TYR A 36 -9.13 -4.17 -4.01
CA TYR A 36 -8.10 -3.34 -3.39
C TYR A 36 -8.14 -1.91 -3.94
N THR A 37 -9.29 -1.26 -3.79
CA THR A 37 -9.47 0.10 -4.26
C THR A 37 -8.88 1.11 -3.28
N ALA A 38 -8.79 0.72 -2.01
CA ALA A 38 -8.25 1.58 -0.98
C ALA A 38 -7.02 0.96 -0.34
N ILE A 39 -6.05 1.81 0.02
CA ILE A 39 -4.82 1.34 0.63
C ILE A 39 -5.10 0.52 1.89
N GLU A 40 -6.26 0.78 2.51
CA GLU A 40 -6.65 0.06 3.72
C GLU A 40 -6.81 -1.42 3.44
N LYS A 41 -7.14 -1.76 2.20
CA LYS A 41 -7.32 -3.16 1.81
C LYS A 41 -6.05 -3.70 1.15
N VAL A 42 -5.36 -2.85 0.40
CA VAL A 42 -4.14 -3.25 -0.28
C VAL A 42 -3.11 -3.79 0.71
N VAL A 43 -3.24 -3.38 1.97
CA VAL A 43 -2.32 -3.83 3.02
C VAL A 43 -2.74 -5.19 3.56
N GLN A 44 -4.02 -5.50 3.44
CA GLN A 44 -4.55 -6.78 3.91
C GLN A 44 -4.09 -7.93 3.03
N MET A 45 -4.07 -7.68 1.72
CA MET A 45 -3.65 -8.70 0.77
C MET A 45 -2.24 -9.19 1.07
N THR A 46 -1.98 -10.46 0.79
CA THR A 46 -0.66 -11.05 1.03
C THR A 46 0.13 -11.19 -0.26
N ASN A 47 1.39 -11.57 -0.15
CA ASN A 47 2.25 -11.74 -1.30
C ASN A 47 1.60 -12.64 -2.34
N ASP A 48 0.82 -13.60 -1.87
CA ASP A 48 0.12 -14.53 -2.76
C ASP A 48 -0.90 -13.80 -3.61
N ASP A 49 -1.66 -12.90 -2.99
CA ASP A 49 -2.68 -12.14 -3.68
C ASP A 49 -2.08 -11.38 -4.86
N VAL A 50 -0.84 -10.93 -4.71
CA VAL A 50 -0.16 -10.19 -5.75
C VAL A 50 -0.01 -11.03 -7.02
N LYS A 51 -0.07 -12.35 -6.85
CA LYS A 51 0.05 -13.27 -7.97
C LYS A 51 -1.32 -13.64 -8.52
N ARG A 52 -2.35 -13.47 -7.70
CA ARG A 52 -3.71 -13.79 -8.11
C ARG A 52 -4.37 -12.59 -8.81
N ILE A 53 -4.01 -11.39 -8.37
CA ILE A 53 -4.55 -10.17 -8.95
C ILE A 53 -4.34 -10.14 -10.46
N GLY A 54 -3.26 -10.77 -10.92
CA GLY A 54 -2.97 -10.80 -12.33
C GLY A 54 -1.48 -10.82 -12.62
N VAL A 55 -0.72 -10.12 -11.78
CA VAL A 55 0.73 -10.07 -11.94
C VAL A 55 1.35 -11.46 -11.88
N ARG A 56 1.99 -11.86 -12.97
CA ARG A 56 2.63 -13.17 -13.04
C ARG A 56 4.14 -13.03 -13.28
N LEU A 57 4.56 -11.82 -13.64
CA LEU A 57 5.97 -11.56 -13.90
C LEU A 57 6.78 -11.60 -12.61
N PRO A 58 8.08 -11.85 -12.74
CA PRO A 58 9.00 -11.92 -11.59
C PRO A 58 9.23 -10.56 -10.96
N GLY A 59 9.53 -9.56 -11.78
CA GLY A 59 9.78 -8.22 -11.28
C GLY A 59 8.50 -7.52 -10.86
N HIS A 60 7.50 -7.57 -11.74
CA HIS A 60 6.21 -6.93 -11.45
C HIS A 60 5.67 -7.37 -10.10
N GLN A 61 6.01 -8.59 -9.70
CA GLN A 61 5.56 -9.14 -8.42
C GLN A 61 6.32 -8.50 -7.26
N LYS A 62 7.65 -8.64 -7.29
CA LYS A 62 8.50 -8.09 -6.24
C LYS A 62 8.30 -6.59 -6.11
N ARG A 63 8.08 -5.93 -7.25
CA ARG A 63 7.87 -4.49 -7.26
C ARG A 63 6.70 -4.10 -6.37
N ILE A 64 5.69 -4.95 -6.32
CA ILE A 64 4.51 -4.68 -5.48
C ILE A 64 4.69 -5.25 -4.08
N ALA A 65 5.15 -6.50 -4.00
CA ALA A 65 5.37 -7.16 -2.72
C ALA A 65 6.33 -6.34 -1.84
N TYR A 66 7.35 -5.76 -2.47
CA TYR A 66 8.32 -4.96 -1.75
C TYR A 66 7.73 -3.61 -1.34
N SER A 67 6.73 -3.16 -2.09
CA SER A 67 6.09 -1.88 -1.81
C SER A 67 5.05 -2.03 -0.70
N LEU A 68 4.51 -3.24 -0.57
CA LEU A 68 3.51 -3.52 0.45
C LEU A 68 4.11 -3.42 1.85
N LEU A 69 5.39 -3.76 1.96
CA LEU A 69 6.08 -3.71 3.25
C LEU A 69 6.01 -2.31 3.85
N GLY A 70 6.08 -1.29 2.99
CA GLY A 70 6.02 0.08 3.45
C GLY A 70 4.60 0.50 3.81
N LEU A 71 3.62 -0.12 3.16
CA LEU A 71 2.22 0.21 3.42
C LEU A 71 1.81 -0.24 4.82
N LYS A 72 2.01 -1.52 5.11
CA LYS A 72 1.66 -2.08 6.41
C LYS A 72 2.45 -1.40 7.52
N ASP A 73 3.62 -0.88 7.18
CA ASP A 73 4.47 -0.20 8.15
C ASP A 73 3.98 1.22 8.40
N GLN A 74 3.69 1.94 7.32
CA GLN A 74 3.21 3.32 7.44
C GLN A 74 1.93 3.39 8.26
N VAL A 75 0.98 2.52 7.93
CA VAL A 75 -0.29 2.48 8.65
C VAL A 75 -0.09 2.11 10.11
N ASN A 76 0.97 1.36 10.38
CA ASN A 76 1.29 0.95 11.75
C ASN A 76 2.73 1.28 12.10
N THR A 77 2.96 2.52 12.52
CA THR A 77 4.29 2.98 12.89
C THR A 77 4.66 2.48 14.29
N VAL A 78 5.94 2.59 14.62
CA VAL A 78 6.43 2.16 15.93
C VAL A 78 6.55 3.34 16.90
N GLY A 79 6.74 4.53 16.33
CA GLY A 79 6.88 5.72 17.16
C GLY A 79 5.70 5.92 18.08
N ILE A 80 4.54 5.41 17.67
CA ILE A 80 3.33 5.52 18.47
C ILE A 80 3.37 4.61 19.68
N PRO A 81 2.66 4.99 20.76
CA PRO A 81 2.59 4.22 21.99
C PRO A 81 1.81 2.91 21.83
N ILE A 82 2.07 1.96 22.70
CA ILE A 82 1.40 0.66 22.65
C ILE A 82 0.68 0.38 23.96
N SER A 83 -0.38 -0.43 23.88
CA SER A 83 -1.17 -0.78 25.06
C SER A 83 -0.52 -1.96 25.79
N GLY A 84 0.19 -2.79 25.05
CA GLY A 84 0.85 -3.95 25.64
C GLY A 84 1.42 -4.89 24.61
N PRO A 85 1.96 -6.03 25.07
CA PRO A 85 2.56 -7.03 24.19
C PRO A 85 1.52 -7.76 23.34
N SER A 86 0.30 -7.83 23.86
CA SER A 86 -0.80 -8.49 23.15
C SER A 86 -0.94 -7.94 21.73
N SER A 87 -1.36 -6.68 21.63
CA SER A 87 -1.54 -6.04 20.34
C SER A 87 -0.64 -4.81 20.21
N GLY A 88 0.00 -4.67 19.05
CA GLY A 88 0.89 -3.54 18.82
C GLY A 88 0.21 -2.42 18.06
N GLY A 1 -12.36 -5.94 17.22
CA GLY A 1 -12.98 -4.67 16.90
C GLY A 1 -13.28 -3.85 18.14
N SER A 2 -12.41 -2.91 18.46
CA SER A 2 -12.58 -2.05 19.63
C SER A 2 -12.54 -0.58 19.24
N SER A 3 -12.58 0.29 20.24
CA SER A 3 -12.56 1.73 20.01
C SER A 3 -11.27 2.14 19.30
N GLY A 4 -11.38 2.46 18.00
CA GLY A 4 -10.22 2.87 17.24
C GLY A 4 -9.22 1.74 17.06
N SER A 5 -8.06 1.87 17.69
CA SER A 5 -7.02 0.85 17.59
C SER A 5 -6.63 0.61 16.13
N SER A 6 -6.13 1.66 15.48
CA SER A 6 -5.73 1.56 14.08
C SER A 6 -4.71 2.65 13.74
N GLY A 7 -5.06 3.89 14.05
CA GLY A 7 -4.16 5.01 13.77
C GLY A 7 -4.14 5.36 12.30
N GLU A 8 -3.40 6.41 11.96
CA GLU A 8 -3.30 6.87 10.58
C GLU A 8 -1.89 7.38 10.28
N GLY A 9 -1.47 7.24 9.03
CA GLY A 9 -0.15 7.69 8.63
C GLY A 9 0.25 7.18 7.26
N VAL A 10 -0.71 7.10 6.35
CA VAL A 10 -0.45 6.63 5.00
C VAL A 10 -0.05 7.78 4.08
N PRO A 11 1.02 7.56 3.30
CA PRO A 11 1.54 8.57 2.37
C PRO A 11 0.59 8.79 1.19
N PHE A 12 0.16 7.69 0.57
CA PHE A 12 -0.74 7.77 -0.57
C PHE A 12 -2.20 7.75 -0.12
N ARG A 13 -3.09 8.31 -0.94
CA ARG A 13 -4.50 8.35 -0.62
C ARG A 13 -5.28 7.33 -1.46
N THR A 14 -4.76 7.04 -2.66
CA THR A 14 -5.40 6.10 -3.55
C THR A 14 -4.45 4.97 -3.93
N VAL A 15 -4.94 4.03 -4.73
CA VAL A 15 -4.13 2.90 -5.18
C VAL A 15 -3.23 3.29 -6.35
N SER A 16 -3.75 4.15 -7.23
CA SER A 16 -3.00 4.60 -8.39
C SER A 16 -1.75 5.36 -7.97
N GLU A 17 -1.90 6.26 -7.00
CA GLU A 17 -0.79 7.05 -6.50
C GLU A 17 0.31 6.15 -5.94
N TRP A 18 -0.09 4.97 -5.48
CA TRP A 18 0.86 4.02 -4.91
C TRP A 18 1.53 3.19 -6.01
N LEU A 19 0.73 2.52 -6.82
CA LEU A 19 1.24 1.70 -7.91
C LEU A 19 2.08 2.54 -8.87
N GLU A 20 1.56 3.70 -9.23
CA GLU A 20 2.26 4.60 -10.15
C GLU A 20 3.69 4.86 -9.68
N SER A 21 3.89 4.81 -8.37
CA SER A 21 5.21 5.04 -7.79
C SER A 21 6.19 3.97 -8.23
N ILE A 22 5.74 2.72 -8.20
CA ILE A 22 6.58 1.59 -8.61
C ILE A 22 6.35 1.23 -10.07
N LYS A 23 5.84 2.19 -10.84
CA LYS A 23 5.58 1.98 -12.26
C LYS A 23 4.73 0.72 -12.47
N MET A 24 3.63 0.63 -11.75
CA MET A 24 2.74 -0.52 -11.87
C MET A 24 1.28 -0.09 -11.84
N GLN A 25 1.02 1.11 -12.36
CA GLN A 25 -0.34 1.65 -12.41
C GLN A 25 -1.23 0.81 -13.32
N GLN A 26 -0.62 0.22 -14.35
CA GLN A 26 -1.36 -0.59 -15.30
C GLN A 26 -2.06 -1.75 -14.59
N TYR A 27 -1.52 -2.15 -13.43
CA TYR A 27 -2.10 -3.24 -12.66
C TYR A 27 -3.21 -2.74 -11.76
N THR A 28 -3.28 -1.43 -11.58
CA THR A 28 -4.30 -0.81 -10.74
C THR A 28 -5.70 -1.30 -11.13
N GLU A 29 -5.94 -1.42 -12.43
CA GLU A 29 -7.22 -1.87 -12.93
C GLU A 29 -7.56 -3.26 -12.39
N HIS A 30 -6.53 -4.06 -12.17
CA HIS A 30 -6.71 -5.42 -11.65
C HIS A 30 -6.94 -5.40 -10.15
N PHE A 31 -6.15 -4.60 -9.44
CA PHE A 31 -6.27 -4.48 -7.99
C PHE A 31 -7.71 -4.19 -7.58
N MET A 32 -8.37 -3.33 -8.35
CA MET A 32 -9.76 -2.96 -8.06
C MET A 32 -10.67 -4.18 -8.19
N ALA A 33 -10.54 -4.89 -9.31
CA ALA A 33 -11.37 -6.08 -9.55
C ALA A 33 -11.20 -7.10 -8.43
N ALA A 34 -10.03 -7.10 -7.80
CA ALA A 34 -9.76 -8.03 -6.72
C ALA A 34 -10.38 -7.55 -5.41
N GLY A 35 -10.59 -6.24 -5.31
CA GLY A 35 -11.17 -5.67 -4.11
C GLY A 35 -10.19 -4.81 -3.33
N TYR A 36 -9.18 -4.31 -4.01
CA TYR A 36 -8.16 -3.48 -3.38
C TYR A 36 -8.20 -2.05 -3.93
N THR A 37 -9.37 -1.43 -3.87
CA THR A 37 -9.55 -0.08 -4.36
C THR A 37 -8.99 0.94 -3.38
N ALA A 38 -8.92 0.56 -2.11
CA ALA A 38 -8.41 1.44 -1.07
C ALA A 38 -7.15 0.85 -0.44
N ILE A 39 -6.25 1.72 -0.01
CA ILE A 39 -5.00 1.29 0.62
C ILE A 39 -5.28 0.48 1.87
N GLU A 40 -6.43 0.71 2.48
CA GLU A 40 -6.82 -0.01 3.69
C GLU A 40 -6.89 -1.51 3.44
N LYS A 41 -7.24 -1.88 2.21
CA LYS A 41 -7.34 -3.29 1.83
C LYS A 41 -6.07 -3.76 1.16
N VAL A 42 -5.43 -2.88 0.41
CA VAL A 42 -4.19 -3.21 -0.29
C VAL A 42 -3.13 -3.72 0.69
N VAL A 43 -3.26 -3.33 1.95
CA VAL A 43 -2.31 -3.76 2.98
C VAL A 43 -2.70 -5.11 3.56
N GLN A 44 -3.98 -5.45 3.46
CA GLN A 44 -4.49 -6.71 3.97
C GLN A 44 -4.06 -7.88 3.08
N MET A 45 -3.94 -7.60 1.78
CA MET A 45 -3.54 -8.61 0.81
C MET A 45 -2.12 -9.10 1.11
N THR A 46 -1.87 -10.38 0.81
CA THR A 46 -0.55 -10.97 1.04
C THR A 46 0.21 -11.12 -0.28
N ASN A 47 1.47 -11.51 -0.17
CA ASN A 47 2.32 -11.69 -1.35
C ASN A 47 1.63 -12.60 -2.38
N ASP A 48 0.85 -13.55 -1.88
CA ASP A 48 0.13 -14.48 -2.75
C ASP A 48 -0.91 -13.74 -3.59
N ASP A 49 -1.63 -12.84 -2.95
CA ASP A 49 -2.66 -12.06 -3.64
C ASP A 49 -2.08 -11.31 -4.84
N VAL A 50 -0.83 -10.88 -4.70
CA VAL A 50 -0.16 -10.16 -5.77
C VAL A 50 -0.04 -11.00 -7.02
N LYS A 51 -0.11 -12.32 -6.85
CA LYS A 51 -0.02 -13.24 -7.97
C LYS A 51 -1.41 -13.60 -8.51
N ARG A 52 -2.42 -13.41 -7.67
CA ARG A 52 -3.80 -13.70 -8.06
C ARG A 52 -4.44 -12.51 -8.74
N ILE A 53 -4.05 -11.31 -8.33
CA ILE A 53 -4.59 -10.08 -8.91
C ILE A 53 -4.39 -10.05 -10.42
N GLY A 54 -3.33 -10.71 -10.89
CA GLY A 54 -3.06 -10.75 -12.31
C GLY A 54 -1.58 -10.80 -12.61
N VAL A 55 -0.79 -10.11 -11.79
CA VAL A 55 0.67 -10.07 -11.98
C VAL A 55 1.26 -11.48 -11.91
N ARG A 56 1.89 -11.91 -12.99
CA ARG A 56 2.50 -13.23 -13.06
C ARG A 56 4.00 -13.12 -13.29
N LEU A 57 4.46 -11.92 -13.66
CA LEU A 57 5.87 -11.70 -13.90
C LEU A 57 6.68 -11.73 -12.60
N PRO A 58 7.98 -12.03 -12.72
CA PRO A 58 8.88 -12.11 -11.56
C PRO A 58 9.13 -10.74 -10.95
N GLY A 59 9.49 -9.77 -11.78
CA GLY A 59 9.75 -8.43 -11.29
C GLY A 59 8.50 -7.70 -10.89
N HIS A 60 7.49 -7.71 -11.76
CA HIS A 60 6.22 -7.04 -11.49
C HIS A 60 5.67 -7.45 -10.13
N GLN A 61 5.98 -8.68 -9.72
CA GLN A 61 5.52 -9.20 -8.44
C GLN A 61 6.29 -8.59 -7.29
N LYS A 62 7.62 -8.77 -7.31
CA LYS A 62 8.48 -8.23 -6.27
C LYS A 62 8.33 -6.72 -6.15
N ARG A 63 8.12 -6.06 -7.29
CA ARG A 63 7.95 -4.61 -7.32
C ARG A 63 6.81 -4.18 -6.39
N ILE A 64 5.74 -4.98 -6.37
CA ILE A 64 4.59 -4.68 -5.54
C ILE A 64 4.77 -5.23 -4.13
N ALA A 65 5.21 -6.48 -4.04
CA ALA A 65 5.44 -7.13 -2.75
C ALA A 65 6.39 -6.31 -1.88
N TYR A 66 7.46 -5.81 -2.49
CA TYR A 66 8.45 -5.02 -1.77
C TYR A 66 7.85 -3.68 -1.34
N SER A 67 6.90 -3.19 -2.12
CA SER A 67 6.25 -1.91 -1.81
C SER A 67 5.25 -2.07 -0.67
N LEU A 68 4.52 -3.17 -0.68
CA LEU A 68 3.53 -3.44 0.37
C LEU A 68 4.15 -3.30 1.75
N LEU A 69 5.43 -3.67 1.86
CA LEU A 69 6.14 -3.59 3.13
C LEU A 69 6.06 -2.18 3.72
N GLY A 70 6.13 -1.18 2.84
CA GLY A 70 6.06 0.20 3.29
C GLY A 70 4.65 0.61 3.67
N LEU A 71 3.66 -0.01 3.03
CA LEU A 71 2.27 0.30 3.30
C LEU A 71 1.87 -0.15 4.71
N LYS A 72 2.06 -1.43 5.00
CA LYS A 72 1.73 -1.99 6.30
C LYS A 72 2.54 -1.30 7.40
N ASP A 73 3.70 -0.77 7.04
CA ASP A 73 4.57 -0.09 8.00
C ASP A 73 4.04 1.32 8.30
N GLN A 74 3.69 2.05 7.24
CA GLN A 74 3.19 3.41 7.39
C GLN A 74 1.93 3.42 8.25
N VAL A 75 0.97 2.57 7.91
CA VAL A 75 -0.28 2.48 8.64
C VAL A 75 -0.03 2.22 10.13
N ASN A 76 1.09 1.55 10.42
CA ASN A 76 1.45 1.24 11.79
C ASN A 76 2.81 1.82 12.16
N THR A 77 2.81 3.10 12.54
CA THR A 77 4.04 3.79 12.91
C THR A 77 3.85 4.59 14.20
N VAL A 78 4.55 4.17 15.25
CA VAL A 78 4.46 4.84 16.54
C VAL A 78 5.52 5.94 16.65
N GLY A 79 6.66 5.73 16.00
CA GLY A 79 7.72 6.72 16.04
C GLY A 79 7.42 7.92 15.20
N ILE A 80 8.39 8.33 14.37
CA ILE A 80 8.22 9.48 13.50
C ILE A 80 8.34 9.10 12.03
N PRO A 81 7.68 9.87 11.16
CA PRO A 81 7.70 9.63 9.72
C PRO A 81 9.06 9.92 9.10
N ILE A 82 9.63 8.91 8.44
CA ILE A 82 10.93 9.06 7.81
C ILE A 82 10.86 10.03 6.63
N SER A 83 9.80 9.92 5.84
CA SER A 83 9.61 10.78 4.68
C SER A 83 10.75 10.61 3.68
N GLY A 84 10.62 9.60 2.82
CA GLY A 84 11.64 9.34 1.82
C GLY A 84 11.23 8.24 0.86
N PRO A 85 10.27 8.54 -0.02
CA PRO A 85 9.77 7.58 -1.01
C PRO A 85 10.81 7.29 -2.10
N SER A 86 10.95 6.02 -2.44
CA SER A 86 11.89 5.60 -3.47
C SER A 86 11.64 6.34 -4.78
N SER A 87 12.62 7.14 -5.20
CA SER A 87 12.49 7.89 -6.44
C SER A 87 13.48 7.39 -7.49
N GLY A 88 13.43 7.98 -8.68
CA GLY A 88 14.32 7.59 -9.75
C GLY A 88 14.01 8.29 -11.06
N GLY A 1 -7.63 20.61 17.56
CA GLY A 1 -6.86 19.38 17.60
C GLY A 1 -5.69 19.39 16.65
N SER A 2 -4.56 18.86 17.10
CA SER A 2 -3.35 18.83 16.27
C SER A 2 -3.55 17.90 15.08
N SER A 3 -4.24 16.79 15.30
CA SER A 3 -4.50 15.82 14.24
C SER A 3 -5.48 16.38 13.21
N GLY A 4 -5.01 16.54 11.98
CA GLY A 4 -5.86 17.07 10.92
C GLY A 4 -5.61 16.38 9.59
N SER A 5 -4.43 16.62 9.02
CA SER A 5 -4.08 16.02 7.73
C SER A 5 -2.57 15.91 7.58
N SER A 6 -1.93 15.24 8.54
CA SER A 6 -0.48 15.06 8.52
C SER A 6 -0.08 13.92 7.59
N GLY A 7 1.03 14.08 6.90
CA GLY A 7 1.50 13.05 5.99
C GLY A 7 2.57 12.17 6.61
N GLU A 8 2.35 11.75 7.85
CA GLU A 8 3.30 10.91 8.56
C GLU A 8 2.96 9.44 8.38
N GLY A 9 1.66 9.13 8.37
CA GLY A 9 1.22 7.76 8.20
C GLY A 9 1.44 7.25 6.79
N VAL A 10 0.34 6.98 6.09
CA VAL A 10 0.41 6.48 4.72
C VAL A 10 0.89 7.57 3.77
N PRO A 11 1.84 7.21 2.90
CA PRO A 11 2.41 8.13 1.92
C PRO A 11 1.42 8.49 0.82
N PHE A 12 0.77 7.48 0.25
CA PHE A 12 -0.20 7.69 -0.81
C PHE A 12 -1.61 7.77 -0.24
N ARG A 13 -2.57 8.10 -1.10
CA ARG A 13 -3.96 8.21 -0.68
C ARG A 13 -4.83 7.19 -1.39
N THR A 14 -4.39 6.76 -2.57
CA THR A 14 -5.13 5.77 -3.35
C THR A 14 -4.18 4.72 -3.93
N VAL A 15 -4.76 3.62 -4.42
CA VAL A 15 -3.98 2.54 -5.00
C VAL A 15 -3.29 2.99 -6.29
N SER A 16 -3.87 4.00 -6.93
CA SER A 16 -3.32 4.52 -8.17
C SER A 16 -1.95 5.14 -7.94
N GLU A 17 -1.92 6.26 -7.21
CA GLU A 17 -0.68 6.96 -6.92
C GLU A 17 0.36 5.99 -6.34
N TRP A 18 -0.12 4.97 -5.64
CA TRP A 18 0.76 3.97 -5.04
C TRP A 18 1.44 3.13 -6.10
N LEU A 19 0.64 2.59 -7.02
CA LEU A 19 1.17 1.76 -8.10
C LEU A 19 2.01 2.59 -9.07
N GLU A 20 1.47 3.75 -9.46
CA GLU A 20 2.17 4.63 -10.39
C GLU A 20 3.59 4.90 -9.91
N SER A 21 3.79 4.89 -8.59
CA SER A 21 5.10 5.14 -8.01
C SER A 21 6.06 4.01 -8.33
N ILE A 22 5.55 2.79 -8.35
CA ILE A 22 6.37 1.61 -8.64
C ILE A 22 6.21 1.19 -10.11
N LYS A 23 5.76 2.12 -10.94
CA LYS A 23 5.57 1.85 -12.36
C LYS A 23 4.72 0.60 -12.56
N MET A 24 3.59 0.53 -11.87
CA MET A 24 2.70 -0.62 -11.98
C MET A 24 1.24 -0.17 -12.01
N GLN A 25 1.01 1.07 -12.46
CA GLN A 25 -0.34 1.62 -12.54
C GLN A 25 -1.20 0.80 -13.50
N GLN A 26 -0.55 0.10 -14.42
CA GLN A 26 -1.27 -0.73 -15.39
C GLN A 26 -2.00 -1.87 -14.70
N TYR A 27 -1.52 -2.25 -13.52
CA TYR A 27 -2.12 -3.33 -12.75
C TYR A 27 -3.25 -2.80 -11.86
N THR A 28 -3.30 -1.49 -11.70
CA THR A 28 -4.33 -0.86 -10.88
C THR A 28 -5.72 -1.34 -11.28
N GLU A 29 -5.93 -1.53 -12.58
CA GLU A 29 -7.22 -1.99 -13.08
C GLU A 29 -7.57 -3.36 -12.52
N HIS A 30 -6.54 -4.18 -12.30
CA HIS A 30 -6.75 -5.52 -11.77
C HIS A 30 -6.97 -5.47 -10.26
N PHE A 31 -6.18 -4.65 -9.57
CA PHE A 31 -6.29 -4.52 -8.12
C PHE A 31 -7.72 -4.17 -7.72
N MET A 32 -8.30 -3.21 -8.42
CA MET A 32 -9.67 -2.78 -8.12
C MET A 32 -10.64 -3.95 -8.25
N ALA A 33 -10.65 -4.58 -9.41
CA ALA A 33 -11.54 -5.72 -9.66
C ALA A 33 -11.29 -6.83 -8.64
N ALA A 34 -10.08 -6.88 -8.11
CA ALA A 34 -9.72 -7.90 -7.13
C ALA A 34 -10.26 -7.53 -5.74
N GLY A 35 -10.48 -6.24 -5.52
CA GLY A 35 -11.00 -5.80 -4.24
C GLY A 35 -10.00 -4.93 -3.49
N TYR A 36 -9.12 -4.27 -4.22
CA TYR A 36 -8.11 -3.41 -3.62
C TYR A 36 -8.21 -1.99 -4.15
N THR A 37 -9.27 -1.29 -3.76
CA THR A 37 -9.49 0.09 -4.19
C THR A 37 -8.89 1.08 -3.20
N ALA A 38 -8.75 0.65 -1.96
CA ALA A 38 -8.18 1.51 -0.91
C ALA A 38 -6.94 0.87 -0.30
N ILE A 39 -5.97 1.70 0.06
CA ILE A 39 -4.73 1.22 0.65
C ILE A 39 -5.02 0.40 1.91
N GLU A 40 -6.15 0.67 2.55
CA GLU A 40 -6.54 -0.05 3.75
C GLU A 40 -6.68 -1.55 3.49
N LYS A 41 -7.02 -1.89 2.25
CA LYS A 41 -7.18 -3.29 1.86
C LYS A 41 -5.92 -3.81 1.20
N VAL A 42 -5.27 -2.95 0.42
CA VAL A 42 -4.05 -3.33 -0.28
C VAL A 42 -2.98 -3.83 0.69
N VAL A 43 -3.09 -3.40 1.94
CA VAL A 43 -2.15 -3.80 2.98
C VAL A 43 -2.50 -5.18 3.55
N GLN A 44 -3.78 -5.54 3.44
CA GLN A 44 -4.25 -6.82 3.95
C GLN A 44 -3.83 -7.96 3.02
N MET A 45 -3.87 -7.70 1.72
CA MET A 45 -3.49 -8.69 0.72
C MET A 45 -2.11 -9.25 1.01
N THR A 46 -1.88 -10.51 0.65
CA THR A 46 -0.59 -11.15 0.86
C THR A 46 0.16 -11.31 -0.45
N ASN A 47 1.40 -11.80 -0.35
CA ASN A 47 2.23 -11.99 -1.53
C ASN A 47 1.50 -12.82 -2.59
N ASP A 48 0.75 -13.81 -2.13
CA ASP A 48 -0.01 -14.68 -3.03
C ASP A 48 -1.05 -13.87 -3.80
N ASP A 49 -1.71 -12.94 -3.12
CA ASP A 49 -2.73 -12.10 -3.73
C ASP A 49 -2.15 -11.33 -4.91
N VAL A 50 -0.86 -11.03 -4.84
CA VAL A 50 -0.19 -10.28 -5.90
C VAL A 50 -0.11 -11.11 -7.18
N LYS A 51 -0.20 -12.42 -7.03
CA LYS A 51 -0.15 -13.33 -8.17
C LYS A 51 -1.55 -13.65 -8.68
N ARG A 52 -2.54 -13.51 -7.81
CA ARG A 52 -3.92 -13.77 -8.18
C ARG A 52 -4.54 -12.58 -8.91
N ILE A 53 -4.09 -11.38 -8.56
CA ILE A 53 -4.59 -10.17 -9.19
C ILE A 53 -4.36 -10.19 -10.69
N GLY A 54 -3.28 -10.85 -11.11
CA GLY A 54 -2.95 -10.92 -12.52
C GLY A 54 -1.46 -11.04 -12.77
N VAL A 55 -0.68 -10.28 -12.01
CA VAL A 55 0.77 -10.30 -12.15
C VAL A 55 1.31 -11.72 -12.10
N ARG A 56 2.02 -12.12 -13.15
CA ARG A 56 2.59 -13.46 -13.22
C ARG A 56 4.11 -13.39 -13.34
N LEU A 57 4.62 -12.21 -13.62
CA LEU A 57 6.07 -12.01 -13.76
C LEU A 57 6.73 -11.90 -12.40
N PRO A 58 8.03 -12.23 -12.33
CA PRO A 58 8.82 -12.17 -11.09
C PRO A 58 9.05 -10.74 -10.62
N GLY A 59 9.51 -9.89 -11.54
CA GLY A 59 9.76 -8.50 -11.21
C GLY A 59 8.51 -7.76 -10.80
N HIS A 60 7.50 -7.80 -11.66
CA HIS A 60 6.23 -7.12 -11.40
C HIS A 60 5.69 -7.51 -10.03
N GLN A 61 6.01 -8.73 -9.60
CA GLN A 61 5.55 -9.22 -8.30
C GLN A 61 6.28 -8.52 -7.15
N LYS A 62 7.61 -8.66 -7.14
CA LYS A 62 8.42 -8.03 -6.10
C LYS A 62 8.21 -6.52 -6.07
N ARG A 63 8.10 -5.92 -7.25
CA ARG A 63 7.88 -4.48 -7.35
C ARG A 63 6.70 -4.04 -6.50
N ILE A 64 5.69 -4.89 -6.41
CA ILE A 64 4.50 -4.59 -5.62
C ILE A 64 4.67 -5.04 -4.17
N ALA A 65 5.24 -6.22 -4.00
CA ALA A 65 5.47 -6.77 -2.66
C ALA A 65 6.31 -5.83 -1.82
N TYR A 66 7.44 -5.40 -2.37
CA TYR A 66 8.34 -4.49 -1.67
C TYR A 66 7.60 -3.24 -1.20
N SER A 67 6.66 -2.79 -2.02
CA SER A 67 5.88 -1.60 -1.70
C SER A 67 4.93 -1.87 -0.53
N LEU A 68 4.29 -3.03 -0.55
CA LEU A 68 3.36 -3.41 0.50
C LEU A 68 4.01 -3.28 1.88
N LEU A 69 5.28 -3.64 1.96
CA LEU A 69 6.01 -3.57 3.22
C LEU A 69 5.89 -2.18 3.85
N GLY A 70 6.18 -1.15 3.05
CA GLY A 70 6.09 0.21 3.54
C GLY A 70 4.66 0.61 3.88
N LEU A 71 3.71 -0.01 3.21
CA LEU A 71 2.30 0.28 3.45
C LEU A 71 1.85 -0.22 4.82
N LYS A 72 2.20 -1.46 5.13
CA LYS A 72 1.84 -2.05 6.42
C LYS A 72 2.65 -1.42 7.55
N ASP A 73 3.83 -0.91 7.22
CA ASP A 73 4.69 -0.27 8.21
C ASP A 73 4.24 1.15 8.49
N GLN A 74 3.98 1.91 7.42
CA GLN A 74 3.54 3.29 7.56
C GLN A 74 2.31 3.39 8.45
N VAL A 75 1.39 2.45 8.27
CA VAL A 75 0.16 2.42 9.06
C VAL A 75 0.44 2.01 10.49
N ASN A 76 1.52 1.27 10.69
CA ASN A 76 1.90 0.80 12.02
C ASN A 76 3.25 1.38 12.44
N THR A 77 3.25 2.64 12.84
CA THR A 77 4.48 3.30 13.26
C THR A 77 4.31 3.94 14.64
N VAL A 78 5.36 4.61 15.10
CA VAL A 78 5.33 5.27 16.40
C VAL A 78 4.93 6.74 16.26
N GLY A 79 5.40 7.37 15.19
CA GLY A 79 5.09 8.78 14.97
C GLY A 79 5.82 9.70 15.93
N ILE A 80 5.20 9.95 17.07
CA ILE A 80 5.80 10.83 18.08
C ILE A 80 6.14 10.05 19.35
N PRO A 81 7.15 10.54 20.09
CA PRO A 81 7.58 9.91 21.34
C PRO A 81 6.56 10.07 22.46
N ILE A 82 5.89 8.97 22.80
CA ILE A 82 4.89 8.99 23.86
C ILE A 82 3.77 9.97 23.53
N SER A 83 2.69 9.46 22.92
CA SER A 83 1.56 10.30 22.57
C SER A 83 0.86 10.84 23.81
N GLY A 84 -0.15 11.68 23.60
CA GLY A 84 -0.88 12.25 24.72
C GLY A 84 -0.51 13.70 24.97
N PRO A 85 -1.00 14.26 26.09
CA PRO A 85 -0.73 15.64 26.47
C PRO A 85 0.73 15.85 26.89
N SER A 86 1.09 17.10 27.15
CA SER A 86 2.46 17.44 27.55
C SER A 86 2.55 17.54 29.07
N SER A 87 3.68 17.08 29.61
CA SER A 87 3.90 17.12 31.05
C SER A 87 5.39 17.01 31.37
N GLY A 88 6.06 16.03 30.77
CA GLY A 88 7.47 15.85 31.00
C GLY A 88 8.08 14.78 30.10
N GLY A 1 -7.45 8.00 24.64
CA GLY A 1 -6.81 6.78 25.08
C GLY A 1 -5.39 7.02 25.58
N SER A 2 -4.56 7.61 24.72
CA SER A 2 -3.17 7.88 25.09
C SER A 2 -2.50 8.75 24.03
N SER A 3 -3.14 9.87 23.70
CA SER A 3 -2.61 10.78 22.69
C SER A 3 -2.33 10.05 21.38
N GLY A 4 -3.34 9.98 20.53
CA GLY A 4 -3.20 9.31 19.25
C GLY A 4 -4.37 8.42 18.92
N SER A 5 -5.39 8.99 18.29
CA SER A 5 -6.59 8.25 17.93
C SER A 5 -6.78 8.25 16.41
N SER A 6 -6.63 7.08 15.80
CA SER A 6 -6.80 6.94 14.36
C SER A 6 -5.76 7.78 13.62
N GLY A 7 -4.55 7.83 14.16
CA GLY A 7 -3.48 8.60 13.53
C GLY A 7 -2.90 7.91 12.32
N GLU A 8 -3.47 8.19 11.15
CA GLU A 8 -3.00 7.59 9.91
C GLU A 8 -1.64 8.16 9.51
N GLY A 9 -0.78 7.28 9.00
CA GLY A 9 0.54 7.72 8.59
C GLY A 9 0.92 7.22 7.20
N VAL A 10 -0.07 7.12 6.33
CA VAL A 10 0.15 6.65 4.96
C VAL A 10 0.53 7.80 4.03
N PRO A 11 1.58 7.58 3.24
CA PRO A 11 2.07 8.59 2.29
C PRO A 11 1.11 8.82 1.13
N PHE A 12 0.65 7.73 0.53
CA PHE A 12 -0.28 7.81 -0.59
C PHE A 12 -1.73 7.79 -0.10
N ARG A 13 -2.63 8.29 -0.94
CA ARG A 13 -4.06 8.33 -0.59
C ARG A 13 -4.86 7.41 -1.50
N THR A 14 -4.35 7.17 -2.70
CA THR A 14 -5.03 6.31 -3.67
C THR A 14 -4.10 5.19 -4.14
N VAL A 15 -4.71 4.10 -4.60
CA VAL A 15 -3.94 2.95 -5.09
C VAL A 15 -3.17 3.31 -6.35
N SER A 16 -3.66 4.31 -7.07
CA SER A 16 -3.02 4.74 -8.31
C SER A 16 -1.68 5.40 -8.02
N GLU A 17 -1.67 6.36 -7.10
CA GLU A 17 -0.46 7.07 -6.73
C GLU A 17 0.58 6.10 -6.17
N TRP A 18 0.11 4.99 -5.61
CA TRP A 18 1.00 3.99 -5.03
C TRP A 18 1.61 3.11 -6.12
N LEU A 19 0.76 2.51 -6.94
CA LEU A 19 1.21 1.65 -8.02
C LEU A 19 2.04 2.44 -9.03
N GLU A 20 1.50 3.58 -9.47
CA GLU A 20 2.19 4.43 -10.45
C GLU A 20 3.60 4.73 -9.98
N SER A 21 3.80 4.81 -8.67
CA SER A 21 5.11 5.11 -8.11
C SER A 21 6.10 4.00 -8.43
N ILE A 22 5.61 2.77 -8.48
CA ILE A 22 6.45 1.62 -8.78
C ILE A 22 6.24 1.13 -10.21
N LYS A 23 5.77 2.04 -11.07
CA LYS A 23 5.51 1.71 -12.46
C LYS A 23 4.64 0.46 -12.58
N MET A 24 3.55 0.44 -11.82
CA MET A 24 2.62 -0.69 -11.85
C MET A 24 1.18 -0.21 -11.86
N GLN A 25 0.95 0.98 -12.41
CA GLN A 25 -0.38 1.55 -12.49
C GLN A 25 -1.27 0.71 -13.39
N GLN A 26 -0.68 0.12 -14.41
CA GLN A 26 -1.43 -0.71 -15.36
C GLN A 26 -2.12 -1.87 -14.64
N TYR A 27 -1.58 -2.26 -13.49
CA TYR A 27 -2.15 -3.35 -12.71
C TYR A 27 -3.27 -2.84 -11.80
N THR A 28 -3.33 -1.52 -11.63
CA THR A 28 -4.36 -0.90 -10.79
C THR A 28 -5.75 -1.40 -11.18
N GLU A 29 -6.00 -1.50 -12.48
CA GLU A 29 -7.29 -1.97 -12.97
C GLU A 29 -7.62 -3.35 -12.42
N HIS A 30 -6.58 -4.15 -12.20
CA HIS A 30 -6.75 -5.50 -11.67
C HIS A 30 -6.97 -5.48 -10.16
N PHE A 31 -6.17 -4.68 -9.47
CA PHE A 31 -6.26 -4.57 -8.01
C PHE A 31 -7.71 -4.27 -7.59
N MET A 32 -8.31 -3.30 -8.24
CA MET A 32 -9.69 -2.91 -7.94
C MET A 32 -10.63 -4.10 -8.07
N ALA A 33 -10.59 -4.75 -9.23
CA ALA A 33 -11.44 -5.91 -9.48
C ALA A 33 -11.25 -6.97 -8.41
N ALA A 34 -10.04 -7.07 -7.88
CA ALA A 34 -9.73 -8.05 -6.85
C ALA A 34 -10.28 -7.61 -5.50
N GLY A 35 -10.46 -6.30 -5.33
CA GLY A 35 -10.98 -5.77 -4.08
C GLY A 35 -9.95 -4.96 -3.33
N TYR A 36 -9.11 -4.23 -4.06
CA TYR A 36 -8.07 -3.42 -3.44
C TYR A 36 -8.09 -1.99 -4.01
N THR A 37 -9.22 -1.31 -3.81
CA THR A 37 -9.38 0.05 -4.29
C THR A 37 -8.79 1.06 -3.31
N ALA A 38 -8.72 0.67 -2.05
CA ALA A 38 -8.18 1.54 -1.00
C ALA A 38 -6.94 0.90 -0.35
N ILE A 39 -5.98 1.74 0.02
CA ILE A 39 -4.76 1.27 0.65
C ILE A 39 -5.07 0.45 1.90
N GLU A 40 -6.23 0.71 2.50
CA GLU A 40 -6.64 -0.01 3.70
C GLU A 40 -6.77 -1.50 3.43
N LYS A 41 -7.09 -1.84 2.18
CA LYS A 41 -7.24 -3.24 1.79
C LYS A 41 -5.96 -3.77 1.15
N VAL A 42 -5.27 -2.90 0.41
CA VAL A 42 -4.03 -3.28 -0.27
C VAL A 42 -3.01 -3.80 0.74
N VAL A 43 -3.15 -3.39 1.99
CA VAL A 43 -2.24 -3.82 3.05
C VAL A 43 -2.65 -5.19 3.59
N GLN A 44 -3.93 -5.52 3.46
CA GLN A 44 -4.44 -6.79 3.94
C GLN A 44 -4.01 -7.93 3.03
N MET A 45 -4.00 -7.66 1.72
CA MET A 45 -3.61 -8.67 0.74
C MET A 45 -2.22 -9.22 1.05
N THR A 46 -2.01 -10.49 0.70
CA THR A 46 -0.73 -11.14 0.94
C THR A 46 0.07 -11.29 -0.35
N ASN A 47 1.31 -11.73 -0.23
CA ASN A 47 2.18 -11.91 -1.38
C ASN A 47 1.49 -12.76 -2.45
N ASP A 48 0.69 -13.72 -2.00
CA ASP A 48 -0.04 -14.59 -2.92
C ASP A 48 -1.06 -13.81 -3.74
N ASP A 49 -1.74 -12.88 -3.07
CA ASP A 49 -2.76 -12.07 -3.73
C ASP A 49 -2.16 -11.30 -4.91
N VAL A 50 -0.88 -10.94 -4.78
CA VAL A 50 -0.20 -10.21 -5.84
C VAL A 50 -0.10 -11.05 -7.11
N LYS A 51 -0.19 -12.36 -6.96
CA LYS A 51 -0.12 -13.26 -8.10
C LYS A 51 -1.51 -13.59 -8.63
N ARG A 52 -2.51 -13.41 -7.78
CA ARG A 52 -3.90 -13.69 -8.16
C ARG A 52 -4.50 -12.49 -8.89
N ILE A 53 -4.08 -11.29 -8.51
CA ILE A 53 -4.58 -10.08 -9.13
C ILE A 53 -4.34 -10.09 -10.64
N GLY A 54 -3.26 -10.74 -11.07
CA GLY A 54 -2.95 -10.81 -12.48
C GLY A 54 -1.46 -10.88 -12.74
N VAL A 55 -0.68 -10.20 -11.90
CA VAL A 55 0.77 -10.18 -12.06
C VAL A 55 1.34 -11.60 -12.00
N ARG A 56 2.02 -12.00 -13.08
CA ARG A 56 2.61 -13.33 -13.15
C ARG A 56 4.13 -13.24 -13.31
N LEU A 57 4.61 -12.04 -13.63
CA LEU A 57 6.04 -11.82 -13.80
C LEU A 57 6.76 -11.73 -12.46
N PRO A 58 8.06 -12.04 -12.46
CA PRO A 58 8.88 -12.00 -11.25
C PRO A 58 9.11 -10.59 -10.75
N GLY A 59 9.52 -9.70 -11.65
CA GLY A 59 9.77 -8.32 -11.27
C GLY A 59 8.50 -7.60 -10.86
N HIS A 60 7.49 -7.63 -11.70
CA HIS A 60 6.22 -6.97 -11.42
C HIS A 60 5.69 -7.40 -10.05
N GLN A 61 6.03 -8.62 -9.64
CA GLN A 61 5.59 -9.14 -8.36
C GLN A 61 6.33 -8.47 -7.21
N LYS A 62 7.65 -8.63 -7.20
CA LYS A 62 8.48 -8.03 -6.15
C LYS A 62 8.29 -6.52 -6.10
N ARG A 63 8.13 -5.90 -7.26
CA ARG A 63 7.93 -4.46 -7.36
C ARG A 63 6.77 -4.02 -6.48
N ILE A 64 5.73 -4.86 -6.41
CA ILE A 64 4.55 -4.56 -5.60
C ILE A 64 4.72 -5.07 -4.17
N ALA A 65 5.16 -6.32 -4.04
CA ALA A 65 5.36 -6.92 -2.73
C ALA A 65 6.27 -6.07 -1.86
N TYR A 66 7.36 -5.59 -2.46
CA TYR A 66 8.32 -4.76 -1.73
C TYR A 66 7.67 -3.45 -1.28
N SER A 67 6.74 -2.95 -2.09
CA SER A 67 6.05 -1.71 -1.78
C SER A 67 5.03 -1.92 -0.66
N LEU A 68 4.52 -3.14 -0.55
CA LEU A 68 3.55 -3.47 0.48
C LEU A 68 4.15 -3.36 1.87
N LEU A 69 5.43 -3.70 1.99
CA LEU A 69 6.13 -3.64 3.26
C LEU A 69 6.02 -2.24 3.88
N GLY A 70 6.16 -1.23 3.04
CA GLY A 70 6.07 0.14 3.52
C GLY A 70 4.65 0.54 3.89
N LEU A 71 3.67 -0.07 3.22
CA LEU A 71 2.27 0.22 3.47
C LEU A 71 1.87 -0.25 4.87
N LYS A 72 2.06 -1.53 5.14
CA LYS A 72 1.72 -2.11 6.43
C LYS A 72 2.51 -1.43 7.55
N ASP A 73 3.70 -0.93 7.21
CA ASP A 73 4.55 -0.27 8.18
C ASP A 73 4.07 1.16 8.44
N GLN A 74 3.70 1.86 7.37
CA GLN A 74 3.22 3.23 7.49
C GLN A 74 1.94 3.30 8.31
N VAL A 75 0.97 2.44 7.97
CA VAL A 75 -0.29 2.41 8.68
C VAL A 75 -0.09 2.06 10.15
N ASN A 76 0.96 1.30 10.44
CA ASN A 76 1.25 0.90 11.81
C ASN A 76 1.63 2.12 12.66
N THR A 77 2.59 2.90 12.17
CA THR A 77 3.05 4.08 12.88
C THR A 77 2.07 5.24 12.71
N VAL A 78 2.15 6.22 13.60
CA VAL A 78 1.27 7.38 13.53
C VAL A 78 2.04 8.62 13.09
N GLY A 79 3.18 8.41 12.43
CA GLY A 79 3.99 9.53 11.97
C GLY A 79 5.13 9.08 11.08
N ILE A 80 6.34 9.11 11.62
CA ILE A 80 7.53 8.71 10.87
C ILE A 80 8.29 7.60 11.60
N PRO A 81 9.01 6.78 10.82
CA PRO A 81 9.80 5.67 11.37
C PRO A 81 11.01 6.16 12.16
N ILE A 82 11.07 5.79 13.44
CA ILE A 82 12.18 6.19 14.29
C ILE A 82 13.38 5.28 14.09
N SER A 83 14.41 5.79 13.43
CA SER A 83 15.63 5.02 13.17
C SER A 83 16.85 5.72 13.77
N GLY A 84 17.94 4.98 13.87
CA GLY A 84 19.17 5.54 14.41
C GLY A 84 18.99 6.07 15.82
N PRO A 85 20.04 6.71 16.36
CA PRO A 85 20.01 7.27 17.71
C PRO A 85 19.10 8.48 17.82
N SER A 86 18.18 8.45 18.78
CA SER A 86 17.24 9.55 18.98
C SER A 86 16.70 9.55 20.41
N SER A 87 17.41 10.25 21.29
CA SER A 87 17.01 10.33 22.70
C SER A 87 16.86 11.78 23.14
N GLY A 88 18.00 12.47 23.28
CA GLY A 88 17.98 13.86 23.69
C GLY A 88 18.06 14.01 25.20
N GLY A 1 -12.16 2.84 10.40
CA GLY A 1 -12.14 3.41 9.06
C GLY A 1 -13.28 4.37 8.84
N SER A 2 -14.51 3.88 8.97
CA SER A 2 -15.69 4.71 8.76
C SER A 2 -15.71 5.29 7.36
N SER A 3 -16.66 6.18 7.10
CA SER A 3 -16.79 6.81 5.80
C SER A 3 -15.72 7.86 5.58
N GLY A 4 -14.86 7.64 4.59
CA GLY A 4 -13.79 8.58 4.30
C GLY A 4 -12.68 7.95 3.48
N SER A 5 -12.28 6.74 3.86
CA SER A 5 -11.22 6.04 3.15
C SER A 5 -9.94 6.88 3.10
N SER A 6 -9.71 7.65 4.16
CA SER A 6 -8.54 8.51 4.25
C SER A 6 -7.32 7.72 4.70
N GLY A 7 -7.48 6.97 5.80
CA GLY A 7 -6.39 6.17 6.32
C GLY A 7 -5.74 6.81 7.54
N GLU A 8 -4.57 6.28 7.92
CA GLU A 8 -3.86 6.80 9.08
C GLU A 8 -2.34 6.65 8.89
N GLY A 9 -1.64 7.78 8.88
CA GLY A 9 -0.20 7.76 8.71
C GLY A 9 0.21 7.12 7.40
N VAL A 10 -0.57 7.34 6.35
CA VAL A 10 -0.28 6.78 5.04
C VAL A 10 0.10 7.87 4.05
N PRO A 11 1.19 7.64 3.30
CA PRO A 11 1.69 8.58 2.30
C PRO A 11 0.76 8.70 1.09
N PHE A 12 0.34 7.54 0.58
CA PHE A 12 -0.55 7.50 -0.58
C PHE A 12 -2.02 7.39 -0.14
N ARG A 13 -2.89 8.14 -0.80
CA ARG A 13 -4.31 8.12 -0.48
C ARG A 13 -5.07 7.19 -1.41
N THR A 14 -4.52 6.99 -2.61
CA THR A 14 -5.15 6.11 -3.59
C THR A 14 -4.18 5.03 -4.06
N VAL A 15 -4.73 3.93 -4.59
CA VAL A 15 -3.92 2.82 -5.07
C VAL A 15 -3.12 3.23 -6.32
N SER A 16 -3.64 4.21 -7.04
CA SER A 16 -2.98 4.69 -8.26
C SER A 16 -1.65 5.36 -7.93
N GLU A 17 -1.69 6.29 -6.97
CA GLU A 17 -0.50 7.01 -6.57
C GLU A 17 0.56 6.06 -6.02
N TRP A 18 0.11 4.91 -5.50
CA TRP A 18 1.01 3.92 -4.95
C TRP A 18 1.65 3.08 -6.06
N LEU A 19 0.82 2.49 -6.90
CA LEU A 19 1.31 1.67 -8.01
C LEU A 19 2.13 2.51 -8.98
N GLU A 20 1.58 3.65 -9.38
CA GLU A 20 2.27 4.54 -10.31
C GLU A 20 3.68 4.85 -9.82
N SER A 21 3.86 4.84 -8.51
CA SER A 21 5.16 5.13 -7.91
C SER A 21 6.18 4.06 -8.28
N ILE A 22 5.71 2.82 -8.42
CA ILE A 22 6.58 1.71 -8.77
C ILE A 22 6.35 1.27 -10.22
N LYS A 23 5.83 2.18 -11.03
CA LYS A 23 5.57 1.90 -12.44
C LYS A 23 4.74 0.63 -12.58
N MET A 24 3.62 0.57 -11.87
CA MET A 24 2.73 -0.59 -11.93
C MET A 24 1.27 -0.17 -11.90
N GLN A 25 0.99 1.01 -12.45
CA GLN A 25 -0.37 1.53 -12.48
C GLN A 25 -1.25 0.70 -13.41
N GLN A 26 -0.63 0.11 -14.43
CA GLN A 26 -1.36 -0.72 -15.39
C GLN A 26 -2.08 -1.86 -14.68
N TYR A 27 -1.58 -2.26 -13.52
CA TYR A 27 -2.17 -3.34 -12.76
C TYR A 27 -3.27 -2.81 -11.82
N THR A 28 -3.31 -1.50 -11.67
CA THR A 28 -4.30 -0.86 -10.80
C THR A 28 -5.71 -1.34 -11.14
N GLU A 29 -5.98 -1.48 -12.43
CA GLU A 29 -7.30 -1.93 -12.89
C GLU A 29 -7.62 -3.32 -12.34
N HIS A 30 -6.58 -4.13 -12.14
CA HIS A 30 -6.76 -5.48 -11.62
C HIS A 30 -6.94 -5.46 -10.11
N PHE A 31 -6.15 -4.63 -9.44
CA PHE A 31 -6.23 -4.52 -7.98
C PHE A 31 -7.65 -4.23 -7.53
N MET A 32 -8.32 -3.30 -8.23
CA MET A 32 -9.70 -2.95 -7.90
C MET A 32 -10.62 -4.15 -8.05
N ALA A 33 -10.53 -4.82 -9.20
CA ALA A 33 -11.36 -5.99 -9.47
C ALA A 33 -11.23 -7.03 -8.36
N ALA A 34 -10.04 -7.10 -7.77
CA ALA A 34 -9.77 -8.05 -6.70
C ALA A 34 -10.34 -7.55 -5.38
N GLY A 35 -10.49 -6.23 -5.26
CA GLY A 35 -11.03 -5.66 -4.04
C GLY A 35 -9.99 -4.84 -3.28
N TYR A 36 -9.11 -4.18 -4.03
CA TYR A 36 -8.06 -3.37 -3.42
C TYR A 36 -8.10 -1.94 -3.96
N THR A 37 -9.26 -1.30 -3.81
CA THR A 37 -9.44 0.07 -4.28
C THR A 37 -8.87 1.07 -3.28
N ALA A 38 -8.79 0.67 -2.02
CA ALA A 38 -8.26 1.53 -0.97
C ALA A 38 -7.03 0.91 -0.33
N ILE A 39 -6.07 1.76 0.03
CA ILE A 39 -4.83 1.29 0.66
C ILE A 39 -5.13 0.48 1.91
N GLU A 40 -6.28 0.73 2.52
CA GLU A 40 -6.68 0.02 3.73
C GLU A 40 -6.80 -1.47 3.46
N LYS A 41 -7.16 -1.83 2.23
CA LYS A 41 -7.31 -3.22 1.86
C LYS A 41 -6.05 -3.75 1.18
N VAL A 42 -5.38 -2.87 0.44
CA VAL A 42 -4.15 -3.24 -0.26
C VAL A 42 -3.12 -3.81 0.71
N VAL A 43 -3.23 -3.42 1.98
CA VAL A 43 -2.31 -3.89 3.01
C VAL A 43 -2.73 -5.26 3.54
N GLN A 44 -4.01 -5.57 3.41
CA GLN A 44 -4.54 -6.85 3.88
C GLN A 44 -4.09 -7.99 2.97
N MET A 45 -4.07 -7.73 1.67
CA MET A 45 -3.65 -8.73 0.70
C MET A 45 -2.27 -9.27 1.02
N THR A 46 -2.03 -10.53 0.68
CA THR A 46 -0.75 -11.17 0.95
C THR A 46 0.09 -11.27 -0.33
N ASN A 47 1.34 -11.67 -0.17
CA ASN A 47 2.25 -11.81 -1.31
C ASN A 47 1.62 -12.66 -2.40
N ASP A 48 0.86 -13.67 -2.00
CA ASP A 48 0.18 -14.56 -2.94
C ASP A 48 -0.87 -13.81 -3.74
N ASP A 49 -1.60 -12.93 -3.06
CA ASP A 49 -2.65 -12.14 -3.71
C ASP A 49 -2.09 -11.36 -4.90
N VAL A 50 -0.83 -10.94 -4.78
CA VAL A 50 -0.18 -10.18 -5.84
C VAL A 50 -0.07 -11.00 -7.11
N LYS A 51 -0.12 -12.33 -6.98
CA LYS A 51 -0.03 -13.23 -8.12
C LYS A 51 -1.42 -13.56 -8.66
N ARG A 52 -2.43 -13.40 -7.80
CA ARG A 52 -3.81 -13.70 -8.19
C ARG A 52 -4.44 -12.49 -8.89
N ILE A 53 -4.09 -11.30 -8.44
CA ILE A 53 -4.62 -10.07 -9.02
C ILE A 53 -4.44 -10.07 -10.54
N GLY A 54 -3.34 -10.64 -11.00
CA GLY A 54 -3.06 -10.69 -12.43
C GLY A 54 -1.58 -10.80 -12.73
N VAL A 55 -0.76 -10.17 -11.90
CA VAL A 55 0.69 -10.20 -12.09
C VAL A 55 1.21 -11.64 -12.08
N ARG A 56 1.89 -12.02 -13.16
CA ARG A 56 2.43 -13.37 -13.27
C ARG A 56 3.96 -13.32 -13.39
N LEU A 57 4.48 -12.14 -13.70
CA LEU A 57 5.93 -11.97 -13.85
C LEU A 57 6.61 -11.85 -12.49
N PRO A 58 7.90 -12.20 -12.44
CA PRO A 58 8.69 -12.15 -11.21
C PRO A 58 8.95 -10.72 -10.74
N GLY A 59 9.42 -9.89 -11.67
CA GLY A 59 9.70 -8.51 -11.34
C GLY A 59 8.47 -7.74 -10.91
N HIS A 60 7.44 -7.74 -11.76
CA HIS A 60 6.19 -7.05 -11.46
C HIS A 60 5.67 -7.45 -10.09
N GLN A 61 5.97 -8.68 -9.68
CA GLN A 61 5.52 -9.18 -8.38
C GLN A 61 6.28 -8.50 -7.24
N LYS A 62 7.60 -8.68 -7.23
CA LYS A 62 8.45 -8.09 -6.20
C LYS A 62 8.29 -6.58 -6.17
N ARG A 63 8.16 -5.97 -7.35
CA ARG A 63 8.00 -4.53 -7.45
C ARG A 63 6.84 -4.04 -6.59
N ILE A 64 5.81 -4.87 -6.48
CA ILE A 64 4.64 -4.53 -5.69
C ILE A 64 4.79 -5.02 -4.25
N ALA A 65 5.17 -6.28 -4.10
CA ALA A 65 5.36 -6.88 -2.78
C ALA A 65 6.30 -6.02 -1.93
N TYR A 66 7.38 -5.56 -2.53
CA TYR A 66 8.35 -4.73 -1.82
C TYR A 66 7.74 -3.40 -1.39
N SER A 67 6.78 -2.93 -2.17
CA SER A 67 6.11 -1.67 -1.88
C SER A 67 5.07 -1.85 -0.77
N LEU A 68 4.54 -3.07 -0.66
CA LEU A 68 3.54 -3.37 0.36
C LEU A 68 4.13 -3.25 1.76
N LEU A 69 5.40 -3.62 1.90
CA LEU A 69 6.07 -3.55 3.19
C LEU A 69 5.94 -2.16 3.80
N GLY A 70 6.14 -1.13 2.98
CA GLY A 70 6.03 0.23 3.46
C GLY A 70 4.62 0.59 3.85
N LEU A 71 3.65 -0.02 3.19
CA LEU A 71 2.24 0.26 3.47
C LEU A 71 1.87 -0.22 4.87
N LYS A 72 2.04 -1.52 5.12
CA LYS A 72 1.72 -2.10 6.42
C LYS A 72 2.53 -1.42 7.53
N ASP A 73 3.69 -0.89 7.16
CA ASP A 73 4.55 -0.21 8.13
C ASP A 73 4.07 1.21 8.38
N GLN A 74 3.55 1.85 7.33
CA GLN A 74 3.06 3.22 7.43
C GLN A 74 1.77 3.27 8.25
N VAL A 75 0.83 2.40 7.91
CA VAL A 75 -0.45 2.34 8.62
C VAL A 75 -0.25 2.11 10.11
N ASN A 76 0.87 1.48 10.46
CA ASN A 76 1.18 1.20 11.85
C ASN A 76 1.67 2.46 12.57
N THR A 77 2.51 3.24 11.87
CA THR A 77 3.05 4.46 12.44
C THR A 77 1.95 5.37 12.97
N VAL A 78 2.25 6.09 14.03
CA VAL A 78 1.28 7.01 14.64
C VAL A 78 1.76 8.45 14.56
N GLY A 79 3.07 8.64 14.63
CA GLY A 79 3.64 9.97 14.56
C GLY A 79 4.23 10.29 13.21
N ILE A 80 5.27 11.12 13.20
CA ILE A 80 5.94 11.50 11.96
C ILE A 80 7.37 10.98 11.92
N PRO A 81 7.88 10.76 10.70
CA PRO A 81 9.25 10.27 10.50
C PRO A 81 10.30 11.31 10.87
N ILE A 82 11.21 10.94 11.76
CA ILE A 82 12.26 11.84 12.20
C ILE A 82 13.54 11.08 12.50
N SER A 83 14.59 11.81 12.86
CA SER A 83 15.88 11.20 13.19
C SER A 83 16.31 11.57 14.61
N GLY A 84 15.81 10.82 15.59
CA GLY A 84 16.15 11.07 16.98
C GLY A 84 17.22 10.13 17.49
N PRO A 85 17.69 10.39 18.72
CA PRO A 85 18.73 9.57 19.35
C PRO A 85 18.23 8.18 19.73
N SER A 86 18.77 7.16 19.07
CA SER A 86 18.37 5.78 19.32
C SER A 86 19.49 4.81 18.97
N SER A 87 20.03 4.13 19.97
CA SER A 87 21.11 3.19 19.76
C SER A 87 22.30 3.85 19.08
N GLY A 88 22.55 5.11 19.44
CA GLY A 88 23.67 5.84 18.87
C GLY A 88 23.52 6.03 17.37
N GLY A 1 13.34 5.51 10.50
CA GLY A 1 13.82 6.12 9.28
C GLY A 1 13.36 7.56 9.12
N SER A 2 12.08 7.74 8.81
CA SER A 2 11.52 9.07 8.63
C SER A 2 11.51 9.83 9.95
N SER A 3 10.98 9.19 10.99
CA SER A 3 10.89 9.81 12.31
C SER A 3 10.22 11.17 12.22
N GLY A 4 9.00 11.20 11.70
CA GLY A 4 8.27 12.44 11.58
C GLY A 4 7.68 12.90 12.90
N SER A 5 7.38 11.96 13.78
CA SER A 5 6.81 12.28 15.08
C SER A 5 5.46 12.97 14.93
N SER A 6 4.40 12.18 14.96
CA SER A 6 3.04 12.71 14.82
C SER A 6 2.90 13.51 13.54
N GLY A 7 2.66 12.81 12.43
CA GLY A 7 2.51 13.46 11.14
C GLY A 7 1.32 12.95 10.36
N GLU A 8 1.55 11.91 9.56
CA GLU A 8 0.48 11.33 8.76
C GLU A 8 0.49 9.80 8.87
N GLY A 9 -0.68 9.19 8.67
CA GLY A 9 -0.78 7.75 8.76
C GLY A 9 -0.38 7.06 7.47
N VAL A 10 -1.04 7.41 6.38
CA VAL A 10 -0.74 6.83 5.08
C VAL A 10 -0.31 7.89 4.07
N PRO A 11 0.78 7.62 3.35
CA PRO A 11 1.32 8.54 2.34
C PRO A 11 0.42 8.66 1.12
N PHE A 12 -0.01 7.51 0.59
CA PHE A 12 -0.88 7.49 -0.58
C PHE A 12 -2.35 7.37 -0.17
N ARG A 13 -3.19 8.16 -0.82
CA ARG A 13 -4.62 8.15 -0.52
C ARG A 13 -5.36 7.15 -1.41
N THR A 14 -4.85 6.95 -2.62
CA THR A 14 -5.46 6.01 -3.55
C THR A 14 -4.47 4.92 -3.96
N VAL A 15 -4.96 3.93 -4.70
CA VAL A 15 -4.13 2.83 -5.16
C VAL A 15 -3.26 3.24 -6.34
N SER A 16 -3.80 4.10 -7.18
CA SER A 16 -3.08 4.58 -8.36
C SER A 16 -1.83 5.36 -7.95
N GLU A 17 -1.98 6.24 -6.96
CA GLU A 17 -0.86 7.05 -6.48
C GLU A 17 0.25 6.16 -5.93
N TRP A 18 -0.12 4.96 -5.49
CA TRP A 18 0.84 4.01 -4.94
C TRP A 18 1.51 3.21 -6.05
N LEU A 19 0.70 2.54 -6.86
CA LEU A 19 1.22 1.74 -7.96
C LEU A 19 2.02 2.58 -8.94
N GLU A 20 1.49 3.76 -9.27
CA GLU A 20 2.16 4.66 -10.19
C GLU A 20 3.60 4.93 -9.74
N SER A 21 3.83 4.87 -8.43
CA SER A 21 5.16 5.10 -7.88
C SER A 21 6.12 4.00 -8.31
N ILE A 22 5.63 2.77 -8.37
CA ILE A 22 6.44 1.63 -8.77
C ILE A 22 6.22 1.28 -10.23
N LYS A 23 5.74 2.26 -11.00
CA LYS A 23 5.49 2.05 -12.42
C LYS A 23 4.62 0.82 -12.64
N MET A 24 3.61 0.64 -11.81
CA MET A 24 2.70 -0.49 -11.92
C MET A 24 1.25 -0.04 -11.90
N GLN A 25 1.00 1.15 -12.43
CA GLN A 25 -0.35 1.70 -12.48
C GLN A 25 -1.25 0.86 -13.37
N GLN A 26 -0.66 0.27 -14.42
CA GLN A 26 -1.42 -0.56 -15.35
C GLN A 26 -2.11 -1.72 -14.62
N TYR A 27 -1.53 -2.11 -13.49
CA TYR A 27 -2.09 -3.20 -12.70
C TYR A 27 -3.22 -2.71 -11.80
N THR A 28 -3.30 -1.39 -11.64
CA THR A 28 -4.34 -0.79 -10.81
C THR A 28 -5.72 -1.31 -11.18
N GLU A 29 -5.98 -1.38 -12.47
CA GLU A 29 -7.28 -1.86 -12.96
C GLU A 29 -7.56 -3.26 -12.44
N HIS A 30 -6.51 -4.04 -12.22
CA HIS A 30 -6.64 -5.40 -11.72
C HIS A 30 -6.86 -5.41 -10.21
N PHE A 31 -6.09 -4.59 -9.50
CA PHE A 31 -6.19 -4.52 -8.04
C PHE A 31 -7.63 -4.26 -7.62
N MET A 32 -8.32 -3.40 -8.35
CA MET A 32 -9.72 -3.08 -8.05
C MET A 32 -10.61 -4.30 -8.24
N ALA A 33 -10.45 -4.97 -9.38
CA ALA A 33 -11.25 -6.15 -9.68
C ALA A 33 -11.15 -7.17 -8.56
N ALA A 34 -10.00 -7.22 -7.91
CA ALA A 34 -9.77 -8.16 -6.81
C ALA A 34 -10.37 -7.64 -5.51
N GLY A 35 -10.50 -6.32 -5.41
CA GLY A 35 -11.06 -5.72 -4.21
C GLY A 35 -10.04 -4.91 -3.44
N TYR A 36 -9.14 -4.25 -4.17
CA TYR A 36 -8.10 -3.44 -3.54
C TYR A 36 -8.15 -2.00 -4.05
N THR A 37 -9.33 -1.40 -3.98
CA THR A 37 -9.51 -0.02 -4.44
C THR A 37 -8.97 0.97 -3.42
N ALA A 38 -8.91 0.55 -2.16
CA ALA A 38 -8.40 1.40 -1.09
C ALA A 38 -7.13 0.82 -0.48
N ILE A 39 -6.25 1.70 0.00
CA ILE A 39 -5.00 1.27 0.61
C ILE A 39 -5.25 0.45 1.86
N GLU A 40 -6.40 0.67 2.49
CA GLU A 40 -6.77 -0.06 3.71
C GLU A 40 -6.81 -1.57 3.45
N LYS A 41 -7.19 -1.94 2.23
CA LYS A 41 -7.28 -3.35 1.85
C LYS A 41 -6.02 -3.79 1.13
N VAL A 42 -5.41 -2.87 0.38
CA VAL A 42 -4.19 -3.17 -0.35
C VAL A 42 -3.08 -3.65 0.58
N VAL A 43 -3.19 -3.28 1.85
CA VAL A 43 -2.19 -3.67 2.85
C VAL A 43 -2.53 -5.04 3.44
N GLN A 44 -3.80 -5.40 3.40
CA GLN A 44 -4.25 -6.68 3.93
C GLN A 44 -3.84 -7.83 3.02
N MET A 45 -3.93 -7.60 1.71
CA MET A 45 -3.57 -8.61 0.73
C MET A 45 -2.16 -9.15 1.00
N THR A 46 -1.97 -10.44 0.74
CA THR A 46 -0.69 -11.09 0.95
C THR A 46 0.08 -11.24 -0.35
N ASN A 47 1.32 -11.71 -0.26
CA ASN A 47 2.16 -11.90 -1.44
C ASN A 47 1.43 -12.73 -2.49
N ASP A 48 0.67 -13.71 -2.03
CA ASP A 48 -0.08 -14.58 -2.93
C ASP A 48 -1.11 -13.78 -3.74
N ASP A 49 -1.82 -12.88 -3.07
CA ASP A 49 -2.81 -12.05 -3.73
C ASP A 49 -2.21 -11.30 -4.91
N VAL A 50 -0.96 -10.87 -4.75
CA VAL A 50 -0.27 -10.14 -5.81
C VAL A 50 -0.16 -10.98 -7.07
N LYS A 51 -0.25 -12.30 -6.92
CA LYS A 51 -0.17 -13.21 -8.06
C LYS A 51 -1.55 -13.52 -8.60
N ARG A 52 -2.57 -13.32 -7.78
CA ARG A 52 -3.94 -13.59 -8.19
C ARG A 52 -4.53 -12.38 -8.92
N ILE A 53 -4.16 -11.19 -8.46
CA ILE A 53 -4.65 -9.95 -9.06
C ILE A 53 -4.43 -9.96 -10.58
N GLY A 54 -3.33 -10.56 -11.00
CA GLY A 54 -3.03 -10.62 -12.43
C GLY A 54 -1.54 -10.73 -12.70
N VAL A 55 -0.74 -10.06 -11.87
CA VAL A 55 0.70 -10.08 -12.02
C VAL A 55 1.25 -11.50 -11.96
N ARG A 56 1.90 -11.93 -13.03
CA ARG A 56 2.47 -13.27 -13.10
C ARG A 56 3.99 -13.22 -13.27
N LEU A 57 4.49 -12.03 -13.61
CA LEU A 57 5.93 -11.84 -13.80
C LEU A 57 6.66 -11.79 -12.46
N PRO A 58 7.95 -12.13 -12.48
CA PRO A 58 8.79 -12.12 -11.28
C PRO A 58 9.06 -10.71 -10.76
N GLY A 59 9.49 -9.83 -11.67
CA GLY A 59 9.78 -8.46 -11.29
C GLY A 59 8.54 -7.71 -10.83
N HIS A 60 7.51 -7.69 -11.67
CA HIS A 60 6.27 -6.99 -11.33
C HIS A 60 5.75 -7.46 -9.97
N GLN A 61 6.04 -8.70 -9.62
CA GLN A 61 5.60 -9.26 -8.35
C GLN A 61 6.40 -8.67 -7.19
N LYS A 62 7.72 -8.89 -7.23
CA LYS A 62 8.60 -8.38 -6.17
C LYS A 62 8.47 -6.87 -6.04
N ARG A 63 8.28 -6.19 -7.16
CA ARG A 63 8.13 -4.74 -7.16
C ARG A 63 7.00 -4.30 -6.25
N ILE A 64 5.84 -4.94 -6.42
CA ILE A 64 4.68 -4.62 -5.61
C ILE A 64 4.80 -5.18 -4.20
N ALA A 65 5.13 -6.47 -4.11
CA ALA A 65 5.28 -7.13 -2.82
C ALA A 65 6.24 -6.35 -1.91
N TYR A 66 7.32 -5.83 -2.51
CA TYR A 66 8.31 -5.08 -1.75
C TYR A 66 7.76 -3.73 -1.34
N SER A 67 6.81 -3.20 -2.13
CA SER A 67 6.20 -1.92 -1.84
C SER A 67 5.22 -2.02 -0.68
N LEU A 68 4.45 -3.10 -0.66
CA LEU A 68 3.47 -3.32 0.40
C LEU A 68 4.12 -3.20 1.77
N LEU A 69 5.38 -3.60 1.87
CA LEU A 69 6.11 -3.53 3.13
C LEU A 69 6.04 -2.13 3.72
N GLY A 70 6.23 -1.12 2.87
CA GLY A 70 6.18 0.25 3.33
C GLY A 70 4.79 0.69 3.72
N LEU A 71 3.79 0.10 3.07
CA LEU A 71 2.39 0.43 3.35
C LEU A 71 2.00 -0.02 4.75
N LYS A 72 2.14 -1.31 5.03
CA LYS A 72 1.80 -1.87 6.32
C LYS A 72 2.63 -1.20 7.43
N ASP A 73 3.80 -0.69 7.07
CA ASP A 73 4.68 -0.03 8.02
C ASP A 73 4.19 1.39 8.31
N GLN A 74 3.68 2.05 7.28
CA GLN A 74 3.18 3.42 7.44
C GLN A 74 1.93 3.45 8.32
N VAL A 75 1.17 2.35 8.30
CA VAL A 75 -0.04 2.26 9.10
C VAL A 75 0.28 2.25 10.59
N ASN A 76 1.46 1.73 10.93
CA ASN A 76 1.89 1.66 12.32
C ASN A 76 2.36 3.02 12.81
N THR A 77 1.46 3.99 12.83
CA THR A 77 1.79 5.34 13.27
C THR A 77 1.48 5.53 14.75
N VAL A 78 1.76 6.73 15.26
CA VAL A 78 1.50 7.03 16.67
C VAL A 78 0.00 7.13 16.94
N GLY A 79 -0.76 7.54 15.93
CA GLY A 79 -2.19 7.66 16.09
C GLY A 79 -2.86 8.25 14.86
N ILE A 80 -3.88 7.56 14.36
CA ILE A 80 -4.60 8.02 13.18
C ILE A 80 -5.93 8.65 13.56
N PRO A 81 -6.42 9.58 12.72
CA PRO A 81 -7.69 10.27 12.95
C PRO A 81 -8.89 9.35 12.77
N ILE A 82 -9.68 9.22 13.83
CA ILE A 82 -10.87 8.38 13.80
C ILE A 82 -11.95 8.99 12.92
N SER A 83 -11.98 10.31 12.86
CA SER A 83 -12.97 11.03 12.05
C SER A 83 -12.38 12.29 11.46
N GLY A 84 -11.24 12.16 10.78
CA GLY A 84 -10.59 13.30 10.17
C GLY A 84 -11.34 13.81 8.95
N PRO A 85 -11.29 13.04 7.86
CA PRO A 85 -11.96 13.40 6.61
C PRO A 85 -13.48 13.32 6.72
N SER A 86 -14.11 14.45 7.01
CA SER A 86 -15.56 14.50 7.15
C SER A 86 -16.03 15.94 7.33
N SER A 87 -15.38 16.86 6.64
CA SER A 87 -15.73 18.28 6.72
C SER A 87 -16.37 18.75 5.42
N GLY A 88 -15.58 18.77 4.35
CA GLY A 88 -16.08 19.21 3.06
C GLY A 88 -15.84 20.69 2.82
N GLY A 1 8.68 20.46 8.42
CA GLY A 1 8.03 19.57 7.48
C GLY A 1 6.51 19.60 7.60
N SER A 2 6.03 19.87 8.81
CA SER A 2 4.60 19.93 9.06
C SER A 2 3.93 18.59 8.71
N SER A 3 4.12 17.61 9.58
CA SER A 3 3.53 16.29 9.36
C SER A 3 3.53 15.47 10.65
N GLY A 4 2.51 14.63 10.82
CA GLY A 4 2.42 13.80 12.01
C GLY A 4 1.22 12.89 11.98
N SER A 5 1.20 11.95 11.04
CA SER A 5 0.10 11.01 10.91
C SER A 5 -1.20 11.74 10.60
N SER A 6 -1.36 12.17 9.35
CA SER A 6 -2.55 12.89 8.92
C SER A 6 -3.79 12.04 9.14
N GLY A 7 -3.85 10.90 8.46
CA GLY A 7 -4.99 10.01 8.60
C GLY A 7 -4.71 8.83 9.50
N GLU A 8 -5.02 7.63 9.02
CA GLU A 8 -4.80 6.42 9.80
C GLU A 8 -3.31 6.07 9.85
N GLY A 9 -2.60 6.35 8.76
CA GLY A 9 -1.19 6.06 8.70
C GLY A 9 -0.76 5.57 7.32
N VAL A 10 -1.25 6.23 6.28
CA VAL A 10 -0.91 5.86 4.91
C VAL A 10 -0.48 7.08 4.10
N PRO A 11 0.64 6.93 3.37
CA PRO A 11 1.18 8.01 2.54
C PRO A 11 0.30 8.30 1.33
N PHE A 12 -0.08 7.25 0.61
CA PHE A 12 -0.93 7.40 -0.57
C PHE A 12 -2.40 7.19 -0.23
N ARG A 13 -3.25 8.06 -0.76
CA ARG A 13 -4.68 7.97 -0.50
C ARG A 13 -5.37 7.11 -1.55
N THR A 14 -4.78 7.03 -2.74
CA THR A 14 -5.32 6.25 -3.83
C THR A 14 -4.34 5.17 -4.28
N VAL A 15 -4.88 4.06 -4.80
CA VAL A 15 -4.06 2.96 -5.28
C VAL A 15 -3.26 3.35 -6.52
N SER A 16 -3.78 4.33 -7.25
CA SER A 16 -3.13 4.79 -8.47
C SER A 16 -1.80 5.48 -8.15
N GLU A 17 -1.85 6.40 -7.19
CA GLU A 17 -0.66 7.13 -6.78
C GLU A 17 0.38 6.19 -6.17
N TRP A 18 -0.08 5.05 -5.67
CA TRP A 18 0.81 4.07 -5.06
C TRP A 18 1.46 3.19 -6.13
N LEU A 19 0.64 2.64 -7.03
CA LEU A 19 1.13 1.79 -8.09
C LEU A 19 1.96 2.59 -9.10
N GLU A 20 1.44 3.74 -9.48
CA GLU A 20 2.13 4.61 -10.45
C GLU A 20 3.55 4.93 -9.95
N SER A 21 3.71 5.01 -8.63
CA SER A 21 5.00 5.32 -8.05
C SER A 21 5.99 4.18 -8.28
N ILE A 22 5.46 2.98 -8.46
CA ILE A 22 6.30 1.81 -8.69
C ILE A 22 6.15 1.29 -10.11
N LYS A 23 5.71 2.18 -11.00
CA LYS A 23 5.53 1.83 -12.41
C LYS A 23 4.66 0.57 -12.54
N MET A 24 3.55 0.55 -11.82
CA MET A 24 2.64 -0.58 -11.85
C MET A 24 1.18 -0.11 -11.92
N GLN A 25 0.99 1.09 -12.47
CA GLN A 25 -0.35 1.65 -12.60
C GLN A 25 -1.22 0.80 -13.52
N GLN A 26 -0.58 0.11 -14.46
CA GLN A 26 -1.28 -0.75 -15.40
C GLN A 26 -1.97 -1.91 -14.68
N TYR A 27 -1.44 -2.27 -13.52
CA TYR A 27 -2.00 -3.37 -12.74
C TYR A 27 -3.16 -2.88 -11.87
N THR A 28 -3.26 -1.56 -11.72
CA THR A 28 -4.32 -0.97 -10.93
C THR A 28 -5.70 -1.50 -11.33
N GLU A 29 -5.89 -1.63 -12.65
CA GLU A 29 -7.16 -2.13 -13.17
C GLU A 29 -7.49 -3.51 -12.58
N HIS A 30 -6.46 -4.27 -12.26
CA HIS A 30 -6.63 -5.60 -11.69
C HIS A 30 -6.91 -5.52 -10.20
N PHE A 31 -6.13 -4.70 -9.50
CA PHE A 31 -6.29 -4.53 -8.06
C PHE A 31 -7.74 -4.20 -7.71
N MET A 32 -8.26 -3.15 -8.34
CA MET A 32 -9.64 -2.73 -8.09
C MET A 32 -10.61 -3.88 -8.29
N ALA A 33 -10.58 -4.49 -9.47
CA ALA A 33 -11.46 -5.61 -9.77
C ALA A 33 -11.32 -6.72 -8.73
N ALA A 34 -10.09 -6.96 -8.29
CA ALA A 34 -9.83 -7.98 -7.29
C ALA A 34 -10.40 -7.59 -5.94
N GLY A 35 -10.55 -6.29 -5.72
CA GLY A 35 -11.09 -5.81 -4.46
C GLY A 35 -10.07 -5.05 -3.65
N TYR A 36 -9.19 -4.32 -4.33
CA TYR A 36 -8.15 -3.54 -3.67
C TYR A 36 -8.12 -2.11 -4.18
N THR A 37 -9.25 -1.43 -4.07
CA THR A 37 -9.35 -0.04 -4.53
C THR A 37 -8.84 0.93 -3.47
N ALA A 38 -8.87 0.49 -2.21
CA ALA A 38 -8.39 1.33 -1.10
C ALA A 38 -7.13 0.74 -0.48
N ILE A 39 -6.22 1.62 -0.08
CA ILE A 39 -4.97 1.19 0.54
C ILE A 39 -5.23 0.36 1.79
N GLU A 40 -6.39 0.58 2.40
CA GLU A 40 -6.76 -0.15 3.61
C GLU A 40 -6.78 -1.66 3.36
N LYS A 41 -7.13 -2.04 2.13
CA LYS A 41 -7.19 -3.45 1.76
C LYS A 41 -5.90 -3.88 1.07
N VAL A 42 -5.26 -2.95 0.35
CA VAL A 42 -4.03 -3.23 -0.35
C VAL A 42 -2.94 -3.71 0.62
N VAL A 43 -3.10 -3.35 1.89
CA VAL A 43 -2.14 -3.75 2.92
C VAL A 43 -2.54 -5.05 3.58
N GLN A 44 -3.83 -5.37 3.51
CA GLN A 44 -4.34 -6.60 4.11
C GLN A 44 -3.93 -7.82 3.29
N MET A 45 -3.95 -7.67 1.97
CA MET A 45 -3.58 -8.76 1.07
C MET A 45 -2.14 -9.19 1.32
N THR A 46 -1.85 -10.46 1.03
CA THR A 46 -0.51 -11.00 1.22
C THR A 46 0.22 -11.17 -0.11
N ASN A 47 1.48 -11.55 -0.05
CA ASN A 47 2.28 -11.75 -1.25
C ASN A 47 1.57 -12.66 -2.24
N ASP A 48 0.85 -13.65 -1.71
CA ASP A 48 0.12 -14.59 -2.55
C ASP A 48 -0.93 -13.87 -3.39
N ASP A 49 -1.71 -13.01 -2.74
CA ASP A 49 -2.75 -12.25 -3.43
C ASP A 49 -2.17 -11.50 -4.62
N VAL A 50 -0.96 -10.99 -4.47
CA VAL A 50 -0.29 -10.24 -5.53
C VAL A 50 -0.15 -11.09 -6.78
N LYS A 51 -0.19 -12.40 -6.62
CA LYS A 51 -0.06 -13.32 -7.74
C LYS A 51 -1.44 -13.69 -8.29
N ARG A 52 -2.47 -13.48 -7.49
CA ARG A 52 -3.83 -13.79 -7.91
C ARG A 52 -4.46 -12.61 -8.64
N ILE A 53 -4.10 -11.39 -8.22
CA ILE A 53 -4.63 -10.18 -8.84
C ILE A 53 -4.39 -10.19 -10.35
N GLY A 54 -3.29 -10.81 -10.76
CA GLY A 54 -2.98 -10.88 -12.19
C GLY A 54 -1.49 -10.94 -12.44
N VAL A 55 -0.71 -10.30 -11.59
CA VAL A 55 0.74 -10.29 -11.72
C VAL A 55 1.31 -11.71 -11.67
N ARG A 56 1.95 -12.13 -12.75
CA ARG A 56 2.54 -13.45 -12.83
C ARG A 56 4.04 -13.37 -13.06
N LEU A 57 4.52 -12.17 -13.38
CA LEU A 57 5.95 -11.96 -13.63
C LEU A 57 6.71 -11.89 -12.31
N PRO A 58 8.03 -12.18 -12.37
CA PRO A 58 8.90 -12.15 -11.20
C PRO A 58 9.14 -10.73 -10.69
N GLY A 59 9.50 -9.84 -11.60
CA GLY A 59 9.75 -8.45 -11.22
C GLY A 59 8.48 -7.71 -10.86
N HIS A 60 7.48 -7.77 -11.74
CA HIS A 60 6.21 -7.11 -11.51
C HIS A 60 5.65 -7.47 -10.14
N GLN A 61 5.96 -8.67 -9.68
CA GLN A 61 5.49 -9.14 -8.38
C GLN A 61 6.25 -8.47 -7.24
N LYS A 62 7.56 -8.62 -7.26
CA LYS A 62 8.42 -8.02 -6.23
C LYS A 62 8.23 -6.51 -6.17
N ARG A 63 8.06 -5.90 -7.33
CA ARG A 63 7.86 -4.46 -7.42
C ARG A 63 6.71 -4.01 -6.54
N ILE A 64 5.68 -4.84 -6.46
CA ILE A 64 4.51 -4.53 -5.65
C ILE A 64 4.66 -5.05 -4.23
N ALA A 65 5.11 -6.30 -4.10
CA ALA A 65 5.31 -6.92 -2.81
C ALA A 65 6.23 -6.08 -1.93
N TYR A 66 7.32 -5.60 -2.52
CA TYR A 66 8.29 -4.78 -1.80
C TYR A 66 7.64 -3.49 -1.30
N SER A 67 6.67 -3.00 -2.06
CA SER A 67 5.98 -1.77 -1.70
C SER A 67 4.99 -2.01 -0.57
N LEU A 68 4.31 -3.16 -0.62
CA LEU A 68 3.33 -3.51 0.39
C LEU A 68 3.95 -3.46 1.79
N LEU A 69 5.24 -3.70 1.86
CA LEU A 69 5.96 -3.68 3.13
C LEU A 69 5.91 -2.29 3.77
N GLY A 70 6.23 -1.28 2.97
CA GLY A 70 6.21 0.09 3.47
C GLY A 70 4.83 0.52 3.92
N LEU A 71 3.81 0.07 3.21
CA LEU A 71 2.43 0.41 3.55
C LEU A 71 2.08 -0.05 4.96
N LYS A 72 2.21 -1.35 5.19
CA LYS A 72 1.91 -1.93 6.50
C LYS A 72 2.76 -1.27 7.59
N ASP A 73 3.91 -0.74 7.19
CA ASP A 73 4.81 -0.09 8.14
C ASP A 73 4.28 1.29 8.51
N GLN A 74 3.80 2.03 7.53
CA GLN A 74 3.27 3.37 7.76
C GLN A 74 2.13 3.33 8.77
N VAL A 75 1.49 2.18 8.89
CA VAL A 75 0.38 2.01 9.82
C VAL A 75 0.80 1.21 11.04
N ASN A 76 1.86 0.41 10.88
CA ASN A 76 2.37 -0.41 11.97
C ASN A 76 1.24 -1.24 12.59
N THR A 77 1.00 -2.42 12.03
CA THR A 77 -0.04 -3.30 12.53
C THR A 77 0.27 -4.76 12.21
N VAL A 78 1.54 -5.05 12.00
CA VAL A 78 1.97 -6.41 11.69
C VAL A 78 2.58 -7.09 12.91
N GLY A 79 3.24 -6.31 13.76
CA GLY A 79 3.85 -6.86 14.95
C GLY A 79 2.83 -7.43 15.91
N ILE A 80 2.12 -6.57 16.61
CA ILE A 80 1.11 -7.01 17.57
C ILE A 80 -0.29 -6.57 17.13
N PRO A 81 -1.30 -7.34 17.55
CA PRO A 81 -2.71 -7.05 17.22
C PRO A 81 -3.22 -5.81 17.90
N ILE A 82 -4.26 -5.21 17.34
CA ILE A 82 -4.86 -4.00 17.91
C ILE A 82 -5.61 -4.32 19.20
N SER A 83 -6.08 -3.27 19.88
CA SER A 83 -6.81 -3.43 21.12
C SER A 83 -8.17 -2.74 21.06
N GLY A 84 -9.23 -3.53 21.27
CA GLY A 84 -10.57 -2.98 21.23
C GLY A 84 -11.62 -4.01 21.59
N PRO A 85 -11.89 -4.95 20.68
CA PRO A 85 -12.88 -6.01 20.89
C PRO A 85 -12.44 -7.01 21.95
N SER A 86 -11.15 -7.35 21.95
CA SER A 86 -10.61 -8.30 22.91
C SER A 86 -9.29 -7.78 23.50
N SER A 87 -9.33 -7.44 24.78
CA SER A 87 -8.15 -6.94 25.47
C SER A 87 -7.30 -8.08 26.02
N GLY A 88 -7.96 -9.09 26.59
CA GLY A 88 -7.26 -10.23 27.14
C GLY A 88 -7.08 -11.34 26.13
N GLY A 1 1.90 12.34 19.79
CA GLY A 1 1.67 11.00 19.28
C GLY A 1 0.25 10.80 18.80
N SER A 2 -0.01 11.12 17.53
CA SER A 2 -1.34 10.97 16.97
C SER A 2 -1.26 10.31 15.59
N SER A 3 -2.12 9.33 15.35
CA SER A 3 -2.15 8.63 14.08
C SER A 3 -3.58 8.46 13.59
N GLY A 4 -4.02 9.35 12.70
CA GLY A 4 -5.36 9.27 12.18
C GLY A 4 -5.85 10.61 11.64
N SER A 5 -4.99 11.29 10.89
CA SER A 5 -5.33 12.60 10.32
C SER A 5 -5.25 12.56 8.80
N SER A 6 -5.84 13.57 8.16
CA SER A 6 -5.83 13.65 6.70
C SER A 6 -4.43 13.97 6.18
N GLY A 7 -3.65 12.94 5.94
CA GLY A 7 -2.30 13.12 5.43
C GLY A 7 -1.29 12.28 6.17
N GLU A 8 -1.45 12.17 7.50
CA GLU A 8 -0.54 11.39 8.32
C GLU A 8 -0.72 9.90 8.06
N GLY A 9 0.22 9.11 8.55
CA GLY A 9 0.16 7.66 8.36
C GLY A 9 0.58 7.24 6.97
N VAL A 10 -0.39 7.09 6.08
CA VAL A 10 -0.10 6.68 4.71
C VAL A 10 0.15 7.89 3.82
N PRO A 11 1.23 7.81 3.02
CA PRO A 11 1.60 8.90 2.10
C PRO A 11 0.62 9.04 0.93
N PHE A 12 0.25 7.92 0.33
CA PHE A 12 -0.68 7.92 -0.79
C PHE A 12 -2.12 7.78 -0.30
N ARG A 13 -3.05 8.30 -1.08
CA ARG A 13 -4.47 8.24 -0.72
C ARG A 13 -5.21 7.28 -1.64
N THR A 14 -4.69 7.09 -2.85
CA THR A 14 -5.31 6.19 -3.82
C THR A 14 -4.32 5.12 -4.28
N VAL A 15 -4.86 4.00 -4.76
CA VAL A 15 -4.04 2.91 -5.23
C VAL A 15 -3.28 3.27 -6.50
N SER A 16 -3.84 4.23 -7.24
CA SER A 16 -3.23 4.68 -8.48
C SER A 16 -1.90 5.39 -8.21
N GLU A 17 -1.93 6.37 -7.32
CA GLU A 17 -0.73 7.12 -6.97
C GLU A 17 0.35 6.20 -6.40
N TRP A 18 -0.09 5.11 -5.79
CA TRP A 18 0.84 4.15 -5.20
C TRP A 18 1.46 3.26 -6.28
N LEU A 19 0.62 2.59 -7.06
CA LEU A 19 1.09 1.72 -8.13
C LEU A 19 1.89 2.51 -9.16
N GLU A 20 1.33 3.61 -9.63
CA GLU A 20 1.99 4.46 -10.61
C GLU A 20 3.41 4.82 -10.17
N SER A 21 3.59 4.92 -8.85
CA SER A 21 4.90 5.25 -8.29
C SER A 21 5.92 4.17 -8.60
N ILE A 22 5.47 2.91 -8.61
CA ILE A 22 6.35 1.78 -8.89
C ILE A 22 6.15 1.28 -10.32
N LYS A 23 5.68 2.17 -11.18
CA LYS A 23 5.46 1.82 -12.59
C LYS A 23 4.59 0.58 -12.70
N MET A 24 3.53 0.52 -11.90
CA MET A 24 2.62 -0.62 -11.92
C MET A 24 1.17 -0.15 -11.94
N GLN A 25 0.94 1.06 -12.45
CA GLN A 25 -0.40 1.62 -12.53
C GLN A 25 -1.29 0.77 -13.43
N GLN A 26 -0.70 0.18 -14.46
CA GLN A 26 -1.45 -0.65 -15.40
C GLN A 26 -2.14 -1.80 -14.67
N TYR A 27 -1.58 -2.20 -13.54
CA TYR A 27 -2.12 -3.30 -12.75
C TYR A 27 -3.27 -2.80 -11.86
N THR A 28 -3.36 -1.49 -11.71
CA THR A 28 -4.41 -0.89 -10.89
C THR A 28 -5.78 -1.41 -11.28
N GLU A 29 -6.04 -1.49 -12.57
CA GLU A 29 -7.32 -1.97 -13.08
C GLU A 29 -7.63 -3.35 -12.54
N HIS A 30 -6.57 -4.12 -12.25
CA HIS A 30 -6.73 -5.48 -11.71
C HIS A 30 -6.95 -5.44 -10.21
N PHE A 31 -6.14 -4.64 -9.52
CA PHE A 31 -6.24 -4.52 -8.06
C PHE A 31 -7.67 -4.22 -7.64
N MET A 32 -8.29 -3.25 -8.32
CA MET A 32 -9.66 -2.86 -8.01
C MET A 32 -10.61 -4.04 -8.16
N ALA A 33 -10.57 -4.69 -9.32
CA ALA A 33 -11.42 -5.84 -9.58
C ALA A 33 -11.26 -6.91 -8.51
N ALA A 34 -10.05 -6.98 -7.94
CA ALA A 34 -9.76 -7.96 -6.91
C ALA A 34 -10.32 -7.52 -5.56
N GLY A 35 -10.49 -6.21 -5.40
CA GLY A 35 -11.02 -5.67 -4.15
C GLY A 35 -9.99 -4.88 -3.37
N TYR A 36 -9.12 -4.19 -4.09
CA TYR A 36 -8.07 -3.39 -3.46
C TYR A 36 -8.11 -1.95 -3.97
N THR A 37 -9.28 -1.31 -3.84
CA THR A 37 -9.45 0.06 -4.28
C THR A 37 -8.86 1.04 -3.26
N ALA A 38 -8.78 0.60 -2.01
CA ALA A 38 -8.22 1.43 -0.94
C ALA A 38 -6.94 0.84 -0.39
N ILE A 39 -6.01 1.71 0.00
CA ILE A 39 -4.73 1.27 0.55
C ILE A 39 -4.94 0.47 1.83
N GLU A 40 -6.03 0.74 2.53
CA GLU A 40 -6.34 0.05 3.78
C GLU A 40 -6.45 -1.46 3.55
N LYS A 41 -6.88 -1.83 2.35
CA LYS A 41 -7.03 -3.25 2.00
C LYS A 41 -5.81 -3.75 1.24
N VAL A 42 -5.21 -2.87 0.44
CA VAL A 42 -4.03 -3.23 -0.34
C VAL A 42 -2.91 -3.72 0.55
N VAL A 43 -2.94 -3.32 1.82
CA VAL A 43 -1.93 -3.74 2.79
C VAL A 43 -2.27 -5.09 3.39
N GLN A 44 -3.55 -5.44 3.37
CA GLN A 44 -4.00 -6.72 3.92
C GLN A 44 -3.62 -7.87 2.99
N MET A 45 -3.72 -7.64 1.69
CA MET A 45 -3.39 -8.66 0.71
C MET A 45 -1.95 -9.14 0.89
N THR A 46 -1.72 -10.43 0.63
CA THR A 46 -0.40 -11.01 0.76
C THR A 46 0.25 -11.24 -0.59
N ASN A 47 1.49 -11.72 -0.58
CA ASN A 47 2.22 -11.97 -1.82
C ASN A 47 1.38 -12.82 -2.78
N ASP A 48 0.74 -13.85 -2.24
CA ASP A 48 -0.10 -14.74 -3.04
C ASP A 48 -1.15 -13.94 -3.82
N ASP A 49 -1.73 -12.95 -3.16
CA ASP A 49 -2.75 -12.11 -3.79
C ASP A 49 -2.17 -11.35 -4.96
N VAL A 50 -0.90 -10.97 -4.85
CA VAL A 50 -0.23 -10.22 -5.91
C VAL A 50 -0.10 -11.06 -7.18
N LYS A 51 -0.16 -12.37 -7.01
CA LYS A 51 -0.04 -13.29 -8.14
C LYS A 51 -1.42 -13.62 -8.71
N ARG A 52 -2.46 -13.42 -7.90
CA ARG A 52 -3.82 -13.68 -8.33
C ARG A 52 -4.42 -12.49 -9.06
N ILE A 53 -4.06 -11.29 -8.60
CA ILE A 53 -4.56 -10.07 -9.22
C ILE A 53 -4.32 -10.07 -10.72
N GLY A 54 -3.23 -10.71 -11.14
CA GLY A 54 -2.90 -10.77 -12.55
C GLY A 54 -1.41 -10.84 -12.80
N VAL A 55 -0.64 -10.15 -11.96
CA VAL A 55 0.82 -10.13 -12.09
C VAL A 55 1.39 -11.54 -12.02
N ARG A 56 2.09 -11.94 -13.08
CA ARG A 56 2.69 -13.26 -13.15
C ARG A 56 4.21 -13.16 -13.27
N LEU A 57 4.70 -11.97 -13.58
CA LEU A 57 6.13 -11.74 -13.73
C LEU A 57 6.81 -11.66 -12.37
N PRO A 58 8.12 -11.96 -12.33
CA PRO A 58 8.90 -11.93 -11.09
C PRO A 58 9.13 -10.50 -10.59
N GLY A 59 9.56 -9.63 -11.49
CA GLY A 59 9.80 -8.24 -11.11
C GLY A 59 8.54 -7.53 -10.67
N HIS A 60 7.53 -7.53 -11.55
CA HIS A 60 6.26 -6.87 -11.24
C HIS A 60 5.73 -7.34 -9.89
N GLN A 61 6.05 -8.57 -9.52
CA GLN A 61 5.59 -9.13 -8.26
C GLN A 61 6.35 -8.52 -7.09
N LYS A 62 7.67 -8.70 -7.08
CA LYS A 62 8.50 -8.16 -6.02
C LYS A 62 8.33 -6.65 -5.90
N ARG A 63 8.15 -5.99 -7.04
CA ARG A 63 7.97 -4.54 -7.05
C ARG A 63 6.80 -4.13 -6.17
N ILE A 64 5.69 -4.85 -6.28
CA ILE A 64 4.50 -4.56 -5.50
C ILE A 64 4.63 -5.11 -4.08
N ALA A 65 4.97 -6.40 -3.99
CA ALA A 65 5.13 -7.06 -2.70
C ALA A 65 6.05 -6.25 -1.79
N TYR A 66 7.21 -5.87 -2.31
CA TYR A 66 8.19 -5.11 -1.55
C TYR A 66 7.60 -3.77 -1.10
N SER A 67 6.78 -3.18 -1.97
CA SER A 67 6.15 -1.90 -1.67
C SER A 67 5.13 -2.03 -0.55
N LEU A 68 4.42 -3.16 -0.53
CA LEU A 68 3.42 -3.41 0.50
C LEU A 68 4.06 -3.46 1.88
N LEU A 69 5.27 -3.99 1.96
CA LEU A 69 5.99 -4.10 3.23
C LEU A 69 6.06 -2.74 3.92
N GLY A 70 6.27 -1.68 3.14
CA GLY A 70 6.35 -0.36 3.70
C GLY A 70 4.99 0.22 4.04
N LEU A 71 3.98 -0.18 3.28
CA LEU A 71 2.61 0.30 3.51
C LEU A 71 2.13 -0.11 4.88
N LYS A 72 2.36 -1.36 5.25
CA LYS A 72 1.94 -1.88 6.54
C LYS A 72 2.69 -1.19 7.68
N ASP A 73 3.90 -0.72 7.38
CA ASP A 73 4.71 -0.03 8.37
C ASP A 73 4.28 1.42 8.52
N GLN A 74 3.66 1.96 7.48
CA GLN A 74 3.20 3.34 7.50
C GLN A 74 1.89 3.47 8.26
N VAL A 75 1.12 2.37 8.30
CA VAL A 75 -0.16 2.36 8.99
C VAL A 75 -0.04 1.68 10.35
N ASN A 76 0.75 0.62 10.41
CA ASN A 76 0.95 -0.12 11.65
C ASN A 76 -0.39 -0.49 12.29
N THR A 77 -1.32 -0.96 11.46
CA THR A 77 -2.64 -1.35 11.93
C THR A 77 -3.27 -2.38 11.01
N VAL A 78 -3.52 -3.57 11.57
CA VAL A 78 -4.13 -4.65 10.79
C VAL A 78 -5.64 -4.67 10.96
N GLY A 79 -6.20 -3.54 11.37
CA GLY A 79 -7.64 -3.45 11.56
C GLY A 79 -8.13 -2.02 11.54
N ILE A 80 -9.10 -1.71 12.40
CA ILE A 80 -9.66 -0.36 12.48
C ILE A 80 -9.26 0.32 13.78
N PRO A 81 -9.21 1.66 13.74
CA PRO A 81 -8.86 2.47 14.91
C PRO A 81 -9.94 2.44 15.99
N ILE A 82 -9.52 2.57 17.24
CA ILE A 82 -10.46 2.56 18.36
C ILE A 82 -11.51 3.65 18.21
N SER A 83 -11.10 4.78 17.65
CA SER A 83 -12.01 5.91 17.45
C SER A 83 -11.36 6.99 16.59
N GLY A 84 -10.23 7.51 17.07
CA GLY A 84 -9.53 8.55 16.34
C GLY A 84 -8.82 9.53 17.25
N PRO A 85 -8.27 10.60 16.67
CA PRO A 85 -7.56 11.64 17.42
C PRO A 85 -8.50 12.47 18.28
N SER A 86 -7.96 13.53 18.88
CA SER A 86 -8.74 14.42 19.73
C SER A 86 -9.81 15.14 18.92
N SER A 87 -9.53 15.36 17.63
CA SER A 87 -10.46 16.05 16.75
C SER A 87 -11.67 15.17 16.44
N GLY A 88 -11.41 14.00 15.86
CA GLY A 88 -12.48 13.09 15.52
C GLY A 88 -12.92 12.25 16.70
N GLY A 1 17.73 15.12 -2.09
CA GLY A 1 16.55 14.62 -1.40
C GLY A 1 15.84 13.53 -2.16
N SER A 2 15.55 12.42 -1.48
CA SER A 2 14.86 11.30 -2.10
C SER A 2 13.54 11.74 -2.71
N SER A 3 12.97 10.88 -3.55
CA SER A 3 11.70 11.19 -4.20
C SER A 3 10.60 11.46 -3.17
N GLY A 4 9.47 11.96 -3.64
CA GLY A 4 8.37 12.26 -2.75
C GLY A 4 8.34 13.74 -2.36
N SER A 5 7.18 14.19 -1.91
CA SER A 5 7.01 15.59 -1.50
C SER A 5 5.81 15.75 -0.58
N SER A 6 6.07 16.10 0.67
CA SER A 6 5.01 16.29 1.66
C SER A 6 4.26 14.98 1.89
N GLY A 7 3.27 15.04 2.77
CA GLY A 7 2.49 13.84 3.08
C GLY A 7 2.17 13.72 4.56
N GLU A 8 0.93 13.98 4.92
CA GLU A 8 0.51 13.90 6.32
C GLU A 8 0.10 12.48 6.68
N GLY A 9 0.86 11.84 7.56
CA GLY A 9 0.55 10.48 7.97
C GLY A 9 0.76 9.48 6.85
N VAL A 10 -0.31 9.20 6.10
CA VAL A 10 -0.23 8.25 4.99
C VAL A 10 0.32 8.92 3.74
N PRO A 11 1.27 8.23 3.09
CA PRO A 11 1.91 8.74 1.86
C PRO A 11 0.95 8.73 0.68
N PHE A 12 0.27 7.61 0.48
CA PHE A 12 -0.67 7.48 -0.63
C PHE A 12 -2.09 7.30 -0.11
N ARG A 13 -3.03 8.08 -0.65
CA ARG A 13 -4.42 8.01 -0.24
C ARG A 13 -5.19 7.00 -1.09
N THR A 14 -4.71 6.78 -2.31
CA THR A 14 -5.35 5.84 -3.22
C THR A 14 -4.39 4.74 -3.65
N VAL A 15 -4.85 3.87 -4.53
CA VAL A 15 -4.02 2.76 -5.02
C VAL A 15 -3.23 3.18 -6.25
N SER A 16 -3.74 4.17 -6.97
CA SER A 16 -3.08 4.65 -8.18
C SER A 16 -1.77 5.35 -7.83
N GLU A 17 -1.84 6.34 -6.94
CA GLU A 17 -0.66 7.09 -6.53
C GLU A 17 0.43 6.14 -6.01
N TRP A 18 0.00 4.99 -5.51
CA TRP A 18 0.94 4.00 -4.99
C TRP A 18 1.55 3.17 -6.11
N LEU A 19 0.68 2.54 -6.89
CA LEU A 19 1.14 1.71 -8.02
C LEU A 19 1.99 2.52 -8.98
N GLU A 20 1.48 3.68 -9.39
CA GLU A 20 2.20 4.54 -10.31
C GLU A 20 3.61 4.83 -9.81
N SER A 21 3.76 4.87 -8.48
CA SER A 21 5.06 5.14 -7.88
C SER A 21 6.07 4.06 -8.25
N ILE A 22 5.58 2.84 -8.45
CA ILE A 22 6.44 1.73 -8.81
C ILE A 22 6.21 1.30 -10.26
N LYS A 23 5.72 2.23 -11.07
CA LYS A 23 5.46 1.96 -12.48
C LYS A 23 4.58 0.72 -12.63
N MET A 24 3.51 0.66 -11.86
CA MET A 24 2.58 -0.47 -11.91
C MET A 24 1.14 0.01 -11.92
N GLN A 25 0.92 1.22 -12.42
CA GLN A 25 -0.42 1.79 -12.48
C GLN A 25 -1.31 0.98 -13.41
N GLN A 26 -0.71 0.29 -14.37
CA GLN A 26 -1.45 -0.53 -15.32
C GLN A 26 -2.14 -1.69 -14.61
N TYR A 27 -1.59 -2.08 -13.47
CA TYR A 27 -2.15 -3.19 -12.69
C TYR A 27 -3.31 -2.71 -11.81
N THR A 28 -3.43 -1.39 -11.68
CA THR A 28 -4.49 -0.81 -10.87
C THR A 28 -5.86 -1.35 -11.27
N GLU A 29 -6.10 -1.41 -12.57
CA GLU A 29 -7.37 -1.92 -13.08
C GLU A 29 -7.67 -3.31 -12.52
N HIS A 30 -6.62 -4.05 -12.20
CA HIS A 30 -6.77 -5.39 -11.65
C HIS A 30 -6.98 -5.35 -10.14
N PHE A 31 -6.15 -4.56 -9.46
CA PHE A 31 -6.24 -4.43 -8.01
C PHE A 31 -7.66 -4.08 -7.59
N MET A 32 -8.30 -3.17 -8.32
CA MET A 32 -9.66 -2.75 -8.02
C MET A 32 -10.63 -3.93 -8.15
N ALA A 33 -10.52 -4.66 -9.26
CA ALA A 33 -11.39 -5.80 -9.49
C ALA A 33 -11.18 -6.87 -8.43
N ALA A 34 -9.98 -6.93 -7.88
CA ALA A 34 -9.65 -7.92 -6.85
C ALA A 34 -10.27 -7.52 -5.51
N GLY A 35 -10.51 -6.22 -5.33
CA GLY A 35 -11.09 -5.74 -4.09
C GLY A 35 -10.11 -4.90 -3.28
N TYR A 36 -9.10 -4.36 -3.94
CA TYR A 36 -8.10 -3.54 -3.28
C TYR A 36 -8.11 -2.11 -3.82
N THR A 37 -9.20 -1.40 -3.55
CA THR A 37 -9.35 -0.02 -4.00
C THR A 37 -8.74 0.95 -3.01
N ALA A 38 -8.65 0.53 -1.75
CA ALA A 38 -8.09 1.37 -0.70
C ALA A 38 -6.84 0.74 -0.11
N ILE A 39 -5.87 1.58 0.26
CA ILE A 39 -4.63 1.09 0.83
C ILE A 39 -4.89 0.26 2.09
N GLU A 40 -6.01 0.52 2.73
CA GLU A 40 -6.38 -0.22 3.94
C GLU A 40 -6.50 -1.71 3.67
N LYS A 41 -6.95 -2.04 2.46
CA LYS A 41 -7.11 -3.44 2.06
C LYS A 41 -5.88 -3.93 1.29
N VAL A 42 -5.25 -3.02 0.56
CA VAL A 42 -4.07 -3.36 -0.23
C VAL A 42 -2.95 -3.89 0.67
N VAL A 43 -3.00 -3.55 1.95
CA VAL A 43 -1.99 -4.00 2.91
C VAL A 43 -2.34 -5.37 3.46
N GLN A 44 -3.63 -5.71 3.42
CA GLN A 44 -4.09 -7.01 3.92
C GLN A 44 -3.67 -8.13 2.99
N MET A 45 -3.75 -7.88 1.68
CA MET A 45 -3.38 -8.87 0.69
C MET A 45 -1.94 -9.36 0.91
N THR A 46 -1.72 -10.64 0.64
CA THR A 46 -0.39 -11.23 0.81
C THR A 46 0.33 -11.36 -0.52
N ASN A 47 1.59 -11.80 -0.46
CA ASN A 47 2.39 -11.97 -1.67
C ASN A 47 1.65 -12.82 -2.70
N ASP A 48 0.91 -13.82 -2.21
CA ASP A 48 0.15 -14.71 -3.09
C ASP A 48 -0.89 -13.91 -3.89
N ASP A 49 -1.62 -13.05 -3.20
CA ASP A 49 -2.65 -12.24 -3.85
C ASP A 49 -2.07 -11.47 -5.03
N VAL A 50 -0.84 -11.00 -4.87
CA VAL A 50 -0.16 -10.24 -5.92
C VAL A 50 -0.04 -11.07 -7.19
N LYS A 51 -0.10 -12.39 -7.05
CA LYS A 51 0.00 -13.29 -8.19
C LYS A 51 -1.38 -13.63 -8.74
N ARG A 52 -2.41 -13.43 -7.92
CA ARG A 52 -3.78 -13.71 -8.32
C ARG A 52 -4.41 -12.50 -8.99
N ILE A 53 -4.02 -11.31 -8.55
CA ILE A 53 -4.55 -10.08 -9.12
C ILE A 53 -4.31 -10.01 -10.62
N GLY A 54 -3.24 -10.65 -11.07
CA GLY A 54 -2.93 -10.66 -12.49
C GLY A 54 -1.44 -10.71 -12.76
N VAL A 55 -0.67 -10.01 -11.93
CA VAL A 55 0.78 -9.96 -12.07
C VAL A 55 1.38 -11.37 -12.03
N ARG A 56 2.03 -11.76 -13.12
CA ARG A 56 2.64 -13.08 -13.21
C ARG A 56 4.15 -12.96 -13.43
N LEU A 57 4.61 -11.76 -13.73
CA LEU A 57 6.02 -11.51 -13.97
C LEU A 57 6.81 -11.61 -12.66
N PRO A 58 8.11 -11.90 -12.78
CA PRO A 58 9.01 -12.03 -11.62
C PRO A 58 9.27 -10.69 -10.94
N GLY A 59 9.61 -9.68 -11.74
CA GLY A 59 9.89 -8.36 -11.19
C GLY A 59 8.63 -7.65 -10.76
N HIS A 60 7.62 -7.63 -11.64
CA HIS A 60 6.36 -6.96 -11.34
C HIS A 60 5.80 -7.44 -10.00
N GLN A 61 6.09 -8.69 -9.66
CA GLN A 61 5.62 -9.26 -8.40
C GLN A 61 6.40 -8.70 -7.22
N LYS A 62 7.72 -8.89 -7.24
CA LYS A 62 8.58 -8.41 -6.18
C LYS A 62 8.43 -6.91 -5.99
N ARG A 63 8.22 -6.19 -7.09
CA ARG A 63 8.05 -4.74 -7.04
C ARG A 63 6.88 -4.36 -6.12
N ILE A 64 5.72 -4.95 -6.39
CA ILE A 64 4.52 -4.68 -5.59
C ILE A 64 4.66 -5.23 -4.18
N ALA A 65 5.02 -6.52 -4.09
CA ALA A 65 5.18 -7.17 -2.80
C ALA A 65 6.11 -6.37 -1.89
N TYR A 66 7.27 -5.98 -2.43
CA TYR A 66 8.24 -5.21 -1.67
C TYR A 66 7.68 -3.85 -1.27
N SER A 67 6.72 -3.36 -2.06
CA SER A 67 6.10 -2.07 -1.78
C SER A 67 5.08 -2.19 -0.66
N LEU A 68 4.44 -3.35 -0.57
CA LEU A 68 3.44 -3.59 0.46
C LEU A 68 4.06 -3.52 1.85
N LEU A 69 5.31 -3.93 1.96
CA LEU A 69 6.02 -3.91 3.23
C LEU A 69 5.96 -2.52 3.87
N GLY A 70 6.00 -1.50 3.03
CA GLY A 70 5.94 -0.13 3.52
C GLY A 70 4.53 0.33 3.80
N LEU A 71 3.56 -0.28 3.12
CA LEU A 71 2.16 0.07 3.30
C LEU A 71 1.65 -0.37 4.66
N LYS A 72 2.30 -1.38 5.23
CA LYS A 72 1.92 -1.89 6.54
C LYS A 72 2.55 -1.07 7.65
N ASP A 73 3.66 -0.41 7.35
CA ASP A 73 4.36 0.42 8.32
C ASP A 73 3.88 1.87 8.25
N GLN A 74 3.55 2.32 7.05
CA GLN A 74 3.07 3.69 6.84
C GLN A 74 1.78 3.93 7.61
N VAL A 75 0.97 2.88 7.75
CA VAL A 75 -0.30 2.98 8.46
C VAL A 75 -0.11 3.59 9.84
N ASN A 76 1.07 3.37 10.43
CA ASN A 76 1.39 3.90 11.75
C ASN A 76 1.71 5.38 11.68
N THR A 77 0.72 6.18 11.30
CA THR A 77 0.89 7.62 11.20
C THR A 77 1.43 8.21 12.50
N VAL A 78 2.19 9.30 12.38
CA VAL A 78 2.76 9.96 13.56
C VAL A 78 1.67 10.51 14.46
N GLY A 79 0.56 10.93 13.86
CA GLY A 79 -0.55 11.48 14.62
C GLY A 79 -1.06 12.79 14.05
N ILE A 80 -2.37 12.95 14.04
CA ILE A 80 -2.99 14.16 13.50
C ILE A 80 -3.38 15.11 14.63
N PRO A 81 -3.42 16.42 14.32
CA PRO A 81 -3.77 17.45 15.29
C PRO A 81 -5.25 17.41 15.67
N ILE A 82 -5.52 17.06 16.92
CA ILE A 82 -6.90 16.98 17.41
C ILE A 82 -7.57 18.36 17.40
N SER A 83 -6.79 19.39 17.71
CA SER A 83 -7.30 20.76 17.74
C SER A 83 -8.45 20.87 18.74
N GLY A 84 -8.99 22.08 18.86
CA GLY A 84 -10.09 22.31 19.79
C GLY A 84 -11.45 22.14 19.13
N PRO A 85 -12.51 22.51 19.86
CA PRO A 85 -13.89 22.40 19.36
C PRO A 85 -14.18 23.39 18.24
N SER A 86 -14.89 22.92 17.23
CA SER A 86 -15.24 23.76 16.08
C SER A 86 -16.50 24.57 16.38
N SER A 87 -17.54 23.88 16.86
CA SER A 87 -18.80 24.53 17.18
C SER A 87 -18.60 25.68 18.15
N GLY A 88 -19.53 26.63 18.13
CA GLY A 88 -19.44 27.77 19.03
C GLY A 88 -20.46 27.72 20.14
N GLY A 1 9.74 26.29 9.16
CA GLY A 1 10.76 25.28 8.98
C GLY A 1 10.84 24.31 10.15
N SER A 2 10.60 23.03 9.87
CA SER A 2 10.63 22.00 10.91
C SER A 2 9.70 22.38 12.07
N SER A 3 8.41 22.11 11.90
CA SER A 3 7.43 22.41 12.92
C SER A 3 6.19 21.51 12.78
N GLY A 4 6.05 20.56 13.70
CA GLY A 4 4.92 19.65 13.65
C GLY A 4 4.59 19.08 15.02
N SER A 5 3.76 18.03 15.03
CA SER A 5 3.37 17.39 16.28
C SER A 5 2.59 16.11 16.00
N SER A 6 1.73 16.15 14.99
CA SER A 6 0.93 14.98 14.63
C SER A 6 1.65 14.13 13.59
N GLY A 7 0.97 13.08 13.12
CA GLY A 7 1.57 12.20 12.14
C GLY A 7 0.53 11.51 11.28
N GLU A 8 0.99 10.73 10.30
CA GLU A 8 0.09 10.02 9.40
C GLU A 8 0.39 8.53 9.40
N GLY A 9 -0.54 7.74 8.85
CA GLY A 9 -0.35 6.31 8.79
C GLY A 9 -0.02 5.82 7.39
N VAL A 10 -0.63 6.45 6.39
CA VAL A 10 -0.39 6.08 5.00
C VAL A 10 0.00 7.30 4.17
N PRO A 11 1.07 7.13 3.36
CA PRO A 11 1.57 8.20 2.50
C PRO A 11 0.62 8.53 1.35
N PHE A 12 0.16 7.48 0.66
CA PHE A 12 -0.75 7.64 -0.47
C PHE A 12 -2.20 7.56 0.00
N ARG A 13 -3.12 7.99 -0.85
CA ARG A 13 -4.54 7.97 -0.53
C ARG A 13 -5.30 7.03 -1.48
N THR A 14 -4.76 6.85 -2.67
CA THR A 14 -5.37 5.98 -3.67
C THR A 14 -4.40 4.91 -4.15
N VAL A 15 -4.95 3.82 -4.68
CA VAL A 15 -4.12 2.73 -5.19
C VAL A 15 -3.34 3.15 -6.42
N SER A 16 -3.86 4.15 -7.13
CA SER A 16 -3.19 4.64 -8.34
C SER A 16 -1.88 5.33 -7.99
N GLU A 17 -1.95 6.34 -7.14
CA GLU A 17 -0.76 7.09 -6.73
C GLU A 17 0.28 6.15 -6.12
N TRP A 18 -0.17 5.02 -5.60
CA TRP A 18 0.72 4.04 -5.00
C TRP A 18 1.38 3.17 -6.07
N LEU A 19 0.56 2.61 -6.95
CA LEU A 19 1.07 1.76 -8.02
C LEU A 19 1.95 2.55 -8.99
N GLU A 20 1.42 3.68 -9.46
CA GLU A 20 2.16 4.53 -10.39
C GLU A 20 3.53 4.87 -9.84
N SER A 21 3.63 4.96 -8.52
CA SER A 21 4.90 5.28 -7.86
C SER A 21 5.95 4.21 -8.16
N ILE A 22 5.50 2.96 -8.26
CA ILE A 22 6.40 1.85 -8.54
C ILE A 22 6.23 1.36 -9.98
N LYS A 23 5.76 2.25 -10.85
CA LYS A 23 5.56 1.90 -12.25
C LYS A 23 4.72 0.63 -12.39
N MET A 24 3.57 0.61 -11.73
CA MET A 24 2.67 -0.53 -11.78
C MET A 24 1.22 -0.09 -11.87
N GLN A 25 1.00 1.11 -12.42
CA GLN A 25 -0.35 1.65 -12.55
C GLN A 25 -1.17 0.82 -13.52
N GLN A 26 -0.49 0.15 -14.44
CA GLN A 26 -1.16 -0.69 -15.44
C GLN A 26 -1.88 -1.85 -14.77
N TYR A 27 -1.41 -2.25 -13.60
CA TYR A 27 -2.00 -3.35 -12.85
C TYR A 27 -3.17 -2.86 -12.00
N THR A 28 -3.28 -1.55 -11.86
CA THR A 28 -4.36 -0.96 -11.07
C THR A 28 -5.72 -1.49 -11.49
N GLU A 29 -5.93 -1.62 -12.80
CA GLU A 29 -7.19 -2.13 -13.32
C GLU A 29 -7.52 -3.50 -12.72
N HIS A 30 -6.47 -4.24 -12.37
CA HIS A 30 -6.65 -5.56 -11.78
C HIS A 30 -6.93 -5.47 -10.29
N PHE A 31 -6.14 -4.65 -9.59
CA PHE A 31 -6.32 -4.47 -8.16
C PHE A 31 -7.76 -4.12 -7.82
N MET A 32 -8.27 -3.06 -8.43
CA MET A 32 -9.64 -2.62 -8.19
C MET A 32 -10.62 -3.78 -8.38
N ALA A 33 -10.54 -4.42 -9.55
CA ALA A 33 -11.42 -5.55 -9.84
C ALA A 33 -11.31 -6.64 -8.79
N ALA A 34 -10.08 -6.96 -8.41
CA ALA A 34 -9.83 -7.99 -7.40
C ALA A 34 -10.46 -7.59 -6.06
N GLY A 35 -10.63 -6.30 -5.85
CA GLY A 35 -11.21 -5.81 -4.61
C GLY A 35 -10.22 -5.04 -3.76
N TYR A 36 -9.23 -4.45 -4.42
CA TYR A 36 -8.20 -3.68 -3.71
C TYR A 36 -8.15 -2.25 -4.23
N THR A 37 -9.26 -1.53 -4.06
CA THR A 37 -9.34 -0.15 -4.50
C THR A 37 -8.85 0.81 -3.42
N ALA A 38 -8.87 0.35 -2.18
CA ALA A 38 -8.42 1.16 -1.05
C ALA A 38 -7.14 0.59 -0.43
N ILE A 39 -6.25 1.46 -0.01
CA ILE A 39 -5.00 1.05 0.60
C ILE A 39 -5.25 0.21 1.85
N GLU A 40 -6.40 0.40 2.46
CA GLU A 40 -6.77 -0.34 3.67
C GLU A 40 -6.76 -1.84 3.40
N LYS A 41 -7.15 -2.22 2.19
CA LYS A 41 -7.20 -3.63 1.82
C LYS A 41 -5.92 -4.03 1.08
N VAL A 42 -5.29 -3.06 0.42
CA VAL A 42 -4.07 -3.31 -0.32
C VAL A 42 -2.95 -3.77 0.60
N VAL A 43 -3.08 -3.44 1.89
CA VAL A 43 -2.07 -3.82 2.87
C VAL A 43 -2.43 -5.15 3.54
N GLN A 44 -3.72 -5.49 3.52
CA GLN A 44 -4.20 -6.73 4.12
C GLN A 44 -3.81 -7.93 3.27
N MET A 45 -3.89 -7.76 1.95
CA MET A 45 -3.56 -8.84 1.02
C MET A 45 -2.12 -9.32 1.25
N THR A 46 -1.89 -10.59 0.98
CA THR A 46 -0.56 -11.18 1.15
C THR A 46 0.15 -11.33 -0.19
N ASN A 47 1.41 -11.75 -0.13
CA ASN A 47 2.21 -11.94 -1.34
C ASN A 47 1.46 -12.80 -2.36
N ASP A 48 0.78 -13.82 -1.88
CA ASP A 48 0.03 -14.72 -2.75
C ASP A 48 -1.01 -13.95 -3.55
N ASP A 49 -1.77 -13.09 -2.86
CA ASP A 49 -2.79 -12.29 -3.51
C ASP A 49 -2.21 -11.51 -4.69
N VAL A 50 -1.00 -11.00 -4.53
CA VAL A 50 -0.34 -10.25 -5.59
C VAL A 50 -0.18 -11.09 -6.84
N LYS A 51 -0.21 -12.41 -6.68
CA LYS A 51 -0.07 -13.33 -7.80
C LYS A 51 -1.43 -13.71 -8.37
N ARG A 52 -2.48 -13.48 -7.59
CA ARG A 52 -3.84 -13.79 -8.02
C ARG A 52 -4.47 -12.60 -8.74
N ILE A 53 -4.13 -11.40 -8.29
CA ILE A 53 -4.66 -10.18 -8.89
C ILE A 53 -4.43 -10.17 -10.40
N GLY A 54 -3.34 -10.78 -10.83
CA GLY A 54 -3.03 -10.83 -12.25
C GLY A 54 -1.54 -10.92 -12.52
N VAL A 55 -0.75 -10.29 -11.65
CA VAL A 55 0.70 -10.28 -11.79
C VAL A 55 1.26 -11.71 -11.75
N ARG A 56 1.91 -12.11 -12.83
CA ARG A 56 2.49 -13.45 -12.92
C ARG A 56 4.00 -13.37 -13.09
N LEU A 57 4.50 -12.19 -13.41
CA LEU A 57 5.93 -11.98 -13.62
C LEU A 57 6.66 -11.88 -12.28
N PRO A 58 7.96 -12.19 -12.28
CA PRO A 58 8.80 -12.14 -11.07
C PRO A 58 9.04 -10.72 -10.59
N GLY A 59 9.45 -9.85 -11.52
CA GLY A 59 9.71 -8.47 -11.18
C GLY A 59 8.45 -7.71 -10.79
N HIS A 60 7.46 -7.75 -11.67
CA HIS A 60 6.20 -7.06 -11.42
C HIS A 60 5.63 -7.44 -10.06
N GLN A 61 5.93 -8.67 -9.62
CA GLN A 61 5.45 -9.15 -8.34
C GLN A 61 6.21 -8.49 -7.18
N LYS A 62 7.52 -8.65 -7.19
CA LYS A 62 8.37 -8.07 -6.15
C LYS A 62 8.19 -6.56 -6.08
N ARG A 63 8.06 -5.94 -7.25
CA ARG A 63 7.89 -4.49 -7.32
C ARG A 63 6.73 -4.03 -6.44
N ILE A 64 5.65 -4.82 -6.43
CA ILE A 64 4.48 -4.50 -5.64
C ILE A 64 4.64 -5.01 -4.21
N ALA A 65 5.09 -6.25 -4.07
CA ALA A 65 5.29 -6.84 -2.76
C ALA A 65 6.17 -5.96 -1.87
N TYR A 66 7.30 -5.54 -2.42
CA TYR A 66 8.23 -4.69 -1.68
C TYR A 66 7.55 -3.40 -1.21
N SER A 67 6.64 -2.89 -2.03
CA SER A 67 5.92 -1.67 -1.71
C SER A 67 4.95 -1.90 -0.56
N LEU A 68 4.31 -3.07 -0.55
CA LEU A 68 3.36 -3.41 0.50
C LEU A 68 4.01 -3.32 1.88
N LEU A 69 5.28 -3.69 1.95
CA LEU A 69 6.02 -3.64 3.20
C LEU A 69 6.00 -2.23 3.80
N GLY A 70 6.18 -1.23 2.94
CA GLY A 70 6.17 0.14 3.40
C GLY A 70 4.80 0.59 3.86
N LEU A 71 3.76 0.06 3.23
CA LEU A 71 2.39 0.42 3.57
C LEU A 71 2.03 -0.06 4.98
N LYS A 72 2.25 -1.35 5.23
CA LYS A 72 1.96 -1.94 6.53
C LYS A 72 2.85 -1.33 7.61
N ASP A 73 4.04 -0.89 7.21
CA ASP A 73 4.98 -0.28 8.15
C ASP A 73 4.57 1.15 8.50
N GLN A 74 4.26 1.93 7.46
CA GLN A 74 3.85 3.32 7.65
C GLN A 74 2.68 3.41 8.63
N VAL A 75 1.66 2.57 8.40
CA VAL A 75 0.48 2.56 9.25
C VAL A 75 0.84 2.14 10.67
N ASN A 76 1.90 1.36 10.81
CA ASN A 76 2.35 0.90 12.13
C ASN A 76 2.94 2.05 12.93
N THR A 77 3.56 3.00 12.23
CA THR A 77 4.17 4.16 12.89
C THR A 77 3.24 5.37 12.83
N VAL A 78 2.21 5.37 13.67
CA VAL A 78 1.26 6.47 13.72
C VAL A 78 1.90 7.74 14.25
N GLY A 79 2.95 7.57 15.06
CA GLY A 79 3.65 8.70 15.63
C GLY A 79 4.76 8.29 16.57
N ILE A 80 4.48 8.32 17.87
CA ILE A 80 5.46 7.95 18.88
C ILE A 80 4.93 6.85 19.79
N PRO A 81 5.84 6.04 20.35
CA PRO A 81 5.49 4.94 21.25
C PRO A 81 4.97 5.45 22.59
N ILE A 82 4.10 4.66 23.22
CA ILE A 82 3.53 5.02 24.51
C ILE A 82 4.39 4.49 25.65
N SER A 83 5.12 5.40 26.30
CA SER A 83 5.98 5.02 27.41
C SER A 83 5.49 5.65 28.71
N GLY A 84 5.17 6.93 28.67
CA GLY A 84 4.68 7.63 29.85
C GLY A 84 4.92 9.12 29.78
N PRO A 85 4.40 9.85 30.77
CA PRO A 85 4.54 11.31 30.85
C PRO A 85 5.98 11.73 31.15
N SER A 86 6.81 11.78 30.12
CA SER A 86 8.21 12.18 30.29
C SER A 86 8.62 13.15 29.19
N SER A 87 9.76 13.82 29.40
CA SER A 87 10.27 14.78 28.43
C SER A 87 11.73 15.11 28.72
N GLY A 88 12.05 15.27 30.00
CA GLY A 88 13.41 15.59 30.38
C GLY A 88 13.48 16.69 31.43
N GLY A 1 -6.74 6.74 26.81
CA GLY A 1 -5.28 6.74 26.82
C GLY A 1 -4.71 8.14 26.95
N SER A 2 -3.53 8.23 27.55
CA SER A 2 -2.87 9.52 27.74
C SER A 2 -2.58 10.19 26.41
N SER A 3 -1.90 9.46 25.52
CA SER A 3 -1.56 9.98 24.21
C SER A 3 -2.17 9.12 23.10
N GLY A 4 -2.47 9.76 21.97
CA GLY A 4 -3.06 9.04 20.86
C GLY A 4 -2.58 9.56 19.52
N SER A 5 -2.78 8.76 18.47
CA SER A 5 -2.36 9.14 17.13
C SER A 5 -3.56 9.38 16.23
N SER A 6 -3.50 10.44 15.43
CA SER A 6 -4.59 10.78 14.52
C SER A 6 -4.43 10.06 13.19
N GLY A 7 -5.44 10.17 12.34
CA GLY A 7 -5.39 9.52 11.04
C GLY A 7 -5.10 8.04 11.14
N GLU A 8 -4.79 7.42 10.00
CA GLU A 8 -4.50 5.99 9.98
C GLU A 8 -3.00 5.75 9.83
N GLY A 9 -2.34 6.59 9.03
CA GLY A 9 -0.92 6.45 8.82
C GLY A 9 -0.59 5.91 7.45
N VAL A 10 -1.03 6.61 6.41
CA VAL A 10 -0.77 6.20 5.04
C VAL A 10 -0.23 7.36 4.21
N PRO A 11 0.84 7.09 3.44
CA PRO A 11 1.47 8.10 2.59
C PRO A 11 0.61 8.48 1.40
N PHE A 12 0.08 7.47 0.70
CA PHE A 12 -0.77 7.70 -0.46
C PHE A 12 -2.24 7.73 -0.06
N ARG A 13 -3.10 8.13 -0.99
CA ARG A 13 -4.53 8.19 -0.73
C ARG A 13 -5.29 7.24 -1.65
N THR A 14 -4.76 7.04 -2.86
CA THR A 14 -5.40 6.16 -3.83
C THR A 14 -4.43 5.09 -4.30
N VAL A 15 -4.97 3.96 -4.75
CA VAL A 15 -4.15 2.85 -5.23
C VAL A 15 -3.36 3.25 -6.46
N SER A 16 -3.87 4.24 -7.20
CA SER A 16 -3.22 4.71 -8.41
C SER A 16 -1.90 5.40 -8.08
N GLU A 17 -1.95 6.35 -7.15
CA GLU A 17 -0.76 7.09 -6.75
C GLU A 17 0.29 6.15 -6.16
N TRP A 18 -0.17 5.02 -5.62
CA TRP A 18 0.73 4.04 -5.02
C TRP A 18 1.39 3.19 -6.10
N LEU A 19 0.59 2.58 -6.95
CA LEU A 19 1.10 1.74 -8.03
C LEU A 19 1.93 2.56 -9.02
N GLU A 20 1.37 3.68 -9.46
CA GLU A 20 2.06 4.55 -10.40
C GLU A 20 3.46 4.90 -9.90
N SER A 21 3.61 4.96 -8.59
CA SER A 21 4.89 5.29 -7.98
C SER A 21 5.93 4.21 -8.28
N ILE A 22 5.48 2.96 -8.33
CA ILE A 22 6.37 1.84 -8.61
C ILE A 22 6.20 1.35 -10.05
N LYS A 23 5.73 2.26 -10.92
CA LYS A 23 5.53 1.92 -12.32
C LYS A 23 4.71 0.65 -12.47
N MET A 24 3.58 0.61 -11.78
CA MET A 24 2.68 -0.55 -11.84
C MET A 24 1.22 -0.12 -11.88
N GLN A 25 0.98 1.06 -12.43
CA GLN A 25 -0.38 1.60 -12.53
C GLN A 25 -1.21 0.75 -13.48
N GLN A 26 -0.57 0.17 -14.49
CA GLN A 26 -1.26 -0.66 -15.47
C GLN A 26 -1.97 -1.82 -14.78
N TYR A 27 -1.47 -2.22 -13.61
CA TYR A 27 -2.06 -3.32 -12.86
C TYR A 27 -3.20 -2.83 -11.98
N THR A 28 -3.28 -1.52 -11.81
CA THR A 28 -4.32 -0.91 -10.98
C THR A 28 -5.70 -1.42 -11.39
N GLU A 29 -5.91 -1.56 -12.69
CA GLU A 29 -7.19 -2.02 -13.21
C GLU A 29 -7.54 -3.39 -12.63
N HIS A 30 -6.53 -4.19 -12.35
CA HIS A 30 -6.73 -5.53 -11.79
C HIS A 30 -6.98 -5.44 -10.28
N PHE A 31 -6.18 -4.63 -9.60
CA PHE A 31 -6.32 -4.47 -8.15
C PHE A 31 -7.76 -4.13 -7.78
N MET A 32 -8.30 -3.09 -8.40
CA MET A 32 -9.66 -2.66 -8.12
C MET A 32 -10.64 -3.81 -8.32
N ALA A 33 -10.60 -4.42 -9.51
CA ALA A 33 -11.48 -5.53 -9.82
C ALA A 33 -11.35 -6.65 -8.78
N ALA A 34 -10.11 -6.93 -8.39
CA ALA A 34 -9.85 -7.98 -7.40
C ALA A 34 -10.45 -7.61 -6.04
N GLY A 35 -10.62 -6.31 -5.81
CA GLY A 35 -11.17 -5.86 -4.55
C GLY A 35 -10.16 -5.11 -3.71
N TYR A 36 -9.25 -4.40 -4.37
CA TYR A 36 -8.21 -3.64 -3.67
C TYR A 36 -8.19 -2.19 -4.15
N THR A 37 -9.34 -1.53 -4.09
CA THR A 37 -9.45 -0.15 -4.51
C THR A 37 -8.93 0.80 -3.44
N ALA A 38 -8.93 0.34 -2.19
CA ALA A 38 -8.44 1.14 -1.08
C ALA A 38 -7.14 0.57 -0.51
N ILE A 39 -6.26 1.46 -0.05
CA ILE A 39 -4.99 1.04 0.52
C ILE A 39 -5.19 0.21 1.78
N GLU A 40 -6.33 0.42 2.44
CA GLU A 40 -6.65 -0.30 3.67
C GLU A 40 -6.64 -1.81 3.42
N LYS A 41 -7.07 -2.21 2.23
CA LYS A 41 -7.11 -3.63 1.87
C LYS A 41 -5.87 -4.03 1.10
N VAL A 42 -5.24 -3.06 0.44
CA VAL A 42 -4.04 -3.32 -0.34
C VAL A 42 -2.89 -3.77 0.57
N VAL A 43 -2.99 -3.44 1.85
CA VAL A 43 -1.97 -3.82 2.81
C VAL A 43 -2.30 -5.13 3.48
N GLN A 44 -3.58 -5.49 3.49
CA GLN A 44 -4.04 -6.73 4.10
C GLN A 44 -3.69 -7.92 3.23
N MET A 45 -3.80 -7.75 1.91
CA MET A 45 -3.49 -8.82 0.97
C MET A 45 -2.05 -9.29 1.13
N THR A 46 -1.82 -10.57 0.88
CA THR A 46 -0.48 -11.15 1.01
C THR A 46 0.15 -11.36 -0.36
N ASN A 47 1.39 -11.84 -0.37
CA ASN A 47 2.10 -12.09 -1.62
C ASN A 47 1.25 -12.93 -2.57
N ASP A 48 0.67 -14.00 -2.04
CA ASP A 48 -0.17 -14.89 -2.85
C ASP A 48 -1.22 -14.09 -3.61
N ASP A 49 -1.83 -13.11 -2.94
CA ASP A 49 -2.85 -12.28 -3.56
C ASP A 49 -2.29 -11.50 -4.74
N VAL A 50 -1.03 -11.07 -4.61
CA VAL A 50 -0.37 -10.31 -5.66
C VAL A 50 -0.21 -11.14 -6.93
N LYS A 51 -0.24 -12.47 -6.76
CA LYS A 51 -0.10 -13.38 -7.89
C LYS A 51 -1.46 -13.74 -8.47
N ARG A 52 -2.51 -13.50 -7.69
CA ARG A 52 -3.87 -13.80 -8.12
C ARG A 52 -4.49 -12.61 -8.84
N ILE A 53 -4.16 -11.40 -8.37
CA ILE A 53 -4.69 -10.18 -8.96
C ILE A 53 -4.46 -10.16 -10.47
N GLY A 54 -3.35 -10.78 -10.91
CA GLY A 54 -3.04 -10.81 -12.32
C GLY A 54 -1.55 -10.85 -12.59
N VAL A 55 -0.78 -10.18 -11.74
CA VAL A 55 0.67 -10.14 -11.87
C VAL A 55 1.27 -11.53 -11.77
N ARG A 56 1.91 -11.98 -12.85
CA ARG A 56 2.53 -13.30 -12.88
C ARG A 56 4.04 -13.19 -13.12
N LEU A 57 4.49 -12.00 -13.49
CA LEU A 57 5.90 -11.76 -13.74
C LEU A 57 6.70 -11.77 -12.44
N PRO A 58 8.00 -12.06 -12.56
CA PRO A 58 8.91 -12.11 -11.40
C PRO A 58 9.15 -10.73 -10.79
N GLY A 59 9.48 -9.77 -11.65
CA GLY A 59 9.74 -8.42 -11.17
C GLY A 59 8.47 -7.69 -10.77
N HIS A 60 7.47 -7.74 -11.65
CA HIS A 60 6.20 -7.07 -11.39
C HIS A 60 5.65 -7.48 -10.03
N GLN A 61 5.97 -8.69 -9.60
CA GLN A 61 5.50 -9.21 -8.32
C GLN A 61 6.27 -8.57 -7.16
N LYS A 62 7.59 -8.70 -7.20
CA LYS A 62 8.44 -8.14 -6.17
C LYS A 62 8.25 -6.63 -6.05
N ARG A 63 8.08 -5.98 -7.20
CA ARG A 63 7.87 -4.54 -7.24
C ARG A 63 6.72 -4.12 -6.33
N ILE A 64 5.65 -4.92 -6.33
CA ILE A 64 4.49 -4.64 -5.51
C ILE A 64 4.68 -5.15 -4.09
N ALA A 65 5.10 -6.41 -3.97
CA ALA A 65 5.32 -7.02 -2.67
C ALA A 65 6.23 -6.15 -1.81
N TYR A 66 7.34 -5.71 -2.39
CA TYR A 66 8.31 -4.87 -1.67
C TYR A 66 7.65 -3.57 -1.21
N SER A 67 6.73 -3.06 -2.02
CA SER A 67 6.04 -1.82 -1.69
C SER A 67 5.09 -2.02 -0.52
N LEU A 68 4.36 -3.14 -0.53
CA LEU A 68 3.41 -3.46 0.53
C LEU A 68 4.09 -3.38 1.90
N LEU A 69 5.35 -3.78 1.96
CA LEU A 69 6.11 -3.74 3.20
C LEU A 69 6.13 -2.35 3.80
N GLY A 70 6.43 -1.36 2.97
CA GLY A 70 6.48 0.02 3.44
C GLY A 70 5.11 0.54 3.81
N LEU A 71 4.07 -0.03 3.21
CA LEU A 71 2.70 0.38 3.48
C LEU A 71 2.30 0.03 4.91
N LYS A 72 2.40 -1.25 5.25
CA LYS A 72 2.05 -1.71 6.59
C LYS A 72 2.88 -1.00 7.65
N ASP A 73 4.06 -0.55 7.25
CA ASP A 73 4.96 0.15 8.17
C ASP A 73 4.34 1.46 8.64
N GLN A 74 3.99 2.32 7.69
CA GLN A 74 3.40 3.61 7.99
C GLN A 74 2.19 3.44 8.92
N VAL A 75 1.21 2.66 8.48
CA VAL A 75 0.01 2.42 9.27
C VAL A 75 0.36 1.88 10.65
N ASN A 76 1.45 1.14 10.73
CA ASN A 76 1.89 0.57 12.00
C ASN A 76 2.37 1.66 12.95
N THR A 77 3.22 2.55 12.45
CA THR A 77 3.76 3.64 13.25
C THR A 77 4.18 4.82 12.38
N VAL A 78 3.72 6.01 12.74
CA VAL A 78 4.04 7.22 12.00
C VAL A 78 5.55 7.50 12.05
N GLY A 79 6.18 7.09 13.14
CA GLY A 79 7.60 7.32 13.29
C GLY A 79 7.93 8.32 14.38
N ILE A 80 8.93 8.01 15.19
CA ILE A 80 9.34 8.90 16.28
C ILE A 80 10.10 10.10 15.76
N PRO A 81 10.04 11.21 16.50
CA PRO A 81 10.73 12.46 16.14
C PRO A 81 12.24 12.34 16.26
N ILE A 82 12.95 12.80 15.25
CA ILE A 82 14.41 12.75 15.25
C ILE A 82 15.01 14.14 15.41
N SER A 83 16.33 14.22 15.39
CA SER A 83 17.03 15.49 15.54
C SER A 83 17.77 15.86 14.25
N GLY A 84 17.80 17.15 13.95
CA GLY A 84 18.48 17.61 12.74
C GLY A 84 17.73 18.75 12.06
N PRO A 85 16.58 18.42 11.45
CA PRO A 85 15.75 19.40 10.75
C PRO A 85 15.08 20.38 11.70
N SER A 86 14.74 21.56 11.19
CA SER A 86 14.09 22.59 12.00
C SER A 86 12.99 23.29 11.21
N SER A 87 11.74 22.93 11.51
CA SER A 87 10.60 23.52 10.82
C SER A 87 9.33 23.40 11.67
N GLY A 88 9.50 23.55 12.99
CA GLY A 88 8.37 23.47 13.89
C GLY A 88 7.31 24.52 13.61
N GLY A 1 7.50 22.44 -11.93
CA GLY A 1 7.10 23.42 -10.92
C GLY A 1 8.10 23.55 -9.80
N SER A 2 7.64 23.30 -8.57
CA SER A 2 8.51 23.40 -7.40
C SER A 2 7.87 22.73 -6.20
N SER A 3 6.62 23.08 -5.93
CA SER A 3 5.90 22.50 -4.80
C SER A 3 5.63 21.02 -5.02
N GLY A 4 6.11 20.19 -4.10
CA GLY A 4 5.92 18.76 -4.21
C GLY A 4 4.51 18.33 -3.87
N SER A 5 4.36 17.15 -3.28
CA SER A 5 3.06 16.62 -2.90
C SER A 5 2.95 16.46 -1.38
N SER A 6 1.79 16.81 -0.85
CA SER A 6 1.55 16.72 0.60
C SER A 6 0.55 15.60 0.91
N GLY A 7 0.31 15.38 2.19
CA GLY A 7 -0.63 14.36 2.61
C GLY A 7 -0.29 13.77 3.97
N GLU A 8 -0.78 14.43 5.02
CA GLU A 8 -0.52 13.98 6.38
C GLU A 8 -0.96 12.53 6.57
N GLY A 9 -0.18 11.77 7.32
CA GLY A 9 -0.51 10.38 7.56
C GLY A 9 -0.07 9.47 6.44
N VAL A 10 -0.94 9.29 5.45
CA VAL A 10 -0.64 8.45 4.30
C VAL A 10 -0.32 9.28 3.07
N PRO A 11 0.78 8.91 2.38
CA PRO A 11 1.23 9.62 1.18
C PRO A 11 0.29 9.40 0.00
N PHE A 12 -0.18 8.16 -0.16
CA PHE A 12 -1.09 7.83 -1.25
C PHE A 12 -2.50 7.59 -0.73
N ARG A 13 -3.45 8.36 -1.25
CA ARG A 13 -4.84 8.23 -0.84
C ARG A 13 -5.56 7.14 -1.64
N THR A 14 -5.07 6.89 -2.85
CA THR A 14 -5.65 5.87 -3.72
C THR A 14 -4.63 4.80 -4.08
N VAL A 15 -5.05 3.84 -4.91
CA VAL A 15 -4.16 2.76 -5.33
C VAL A 15 -3.36 3.15 -6.56
N SER A 16 -3.89 4.10 -7.33
CA SER A 16 -3.21 4.56 -8.54
C SER A 16 -1.94 5.31 -8.19
N GLU A 17 -2.06 6.32 -7.34
CA GLU A 17 -0.91 7.12 -6.93
C GLU A 17 0.19 6.23 -6.37
N TRP A 18 -0.19 5.08 -5.83
CA TRP A 18 0.77 4.15 -5.26
C TRP A 18 1.40 3.29 -6.34
N LEU A 19 0.56 2.59 -7.09
CA LEU A 19 1.05 1.72 -8.17
C LEU A 19 1.90 2.51 -9.16
N GLU A 20 1.38 3.66 -9.59
CA GLU A 20 2.11 4.50 -10.54
C GLU A 20 3.51 4.82 -10.04
N SER A 21 3.64 4.91 -8.71
CA SER A 21 4.92 5.23 -8.10
C SER A 21 5.95 4.14 -8.42
N ILE A 22 5.47 2.93 -8.67
CA ILE A 22 6.35 1.81 -8.99
C ILE A 22 6.13 1.34 -10.43
N LYS A 23 5.64 2.24 -11.27
CA LYS A 23 5.39 1.91 -12.67
C LYS A 23 4.53 0.67 -12.79
N MET A 24 3.45 0.60 -12.01
CA MET A 24 2.55 -0.53 -12.04
C MET A 24 1.10 -0.07 -12.05
N GLN A 25 0.86 1.13 -12.58
CA GLN A 25 -0.48 1.68 -12.65
C GLN A 25 -1.39 0.82 -13.54
N GLN A 26 -0.79 0.23 -14.57
CA GLN A 26 -1.54 -0.61 -15.50
C GLN A 26 -2.20 -1.77 -14.77
N TYR A 27 -1.64 -2.15 -13.62
CA TYR A 27 -2.18 -3.25 -12.83
C TYR A 27 -3.34 -2.76 -11.96
N THR A 28 -3.46 -1.44 -11.82
CA THR A 28 -4.52 -0.85 -11.02
C THR A 28 -5.89 -1.41 -11.41
N GLU A 29 -6.12 -1.51 -12.72
CA GLU A 29 -7.39 -2.03 -13.23
C GLU A 29 -7.69 -3.39 -12.64
N HIS A 30 -6.64 -4.14 -12.30
CA HIS A 30 -6.79 -5.47 -11.73
C HIS A 30 -7.01 -5.39 -10.22
N PHE A 31 -6.20 -4.58 -9.56
CA PHE A 31 -6.30 -4.41 -8.11
C PHE A 31 -7.73 -4.08 -7.70
N MET A 32 -8.39 -3.24 -8.50
CA MET A 32 -9.77 -2.85 -8.22
C MET A 32 -10.71 -4.04 -8.34
N ALA A 33 -10.56 -4.80 -9.41
CA ALA A 33 -11.40 -5.97 -9.65
C ALA A 33 -11.21 -7.01 -8.54
N ALA A 34 -10.05 -6.98 -7.89
CA ALA A 34 -9.75 -7.90 -6.81
C ALA A 34 -10.38 -7.46 -5.50
N GLY A 35 -10.62 -6.15 -5.38
CA GLY A 35 -11.22 -5.60 -4.18
C GLY A 35 -10.25 -4.73 -3.40
N TYR A 36 -9.26 -4.18 -4.08
CA TYR A 36 -8.27 -3.32 -3.45
C TYR A 36 -8.34 -1.90 -4.00
N THR A 37 -9.48 -1.25 -3.81
CA THR A 37 -9.68 0.10 -4.29
C THR A 37 -9.04 1.12 -3.33
N ALA A 38 -8.89 0.73 -2.08
CA ALA A 38 -8.29 1.60 -1.07
C ALA A 38 -7.02 0.99 -0.50
N ILE A 39 -6.08 1.84 -0.10
CA ILE A 39 -4.81 1.38 0.46
C ILE A 39 -5.05 0.57 1.73
N GLU A 40 -6.17 0.85 2.40
CA GLU A 40 -6.50 0.14 3.64
C GLU A 40 -6.63 -1.36 3.39
N LYS A 41 -7.07 -1.72 2.20
CA LYS A 41 -7.24 -3.12 1.84
C LYS A 41 -6.03 -3.64 1.07
N VAL A 42 -5.39 -2.74 0.32
CA VAL A 42 -4.21 -3.11 -0.45
C VAL A 42 -3.12 -3.67 0.43
N VAL A 43 -3.14 -3.30 1.71
CA VAL A 43 -2.15 -3.76 2.67
C VAL A 43 -2.54 -5.12 3.25
N GLN A 44 -3.84 -5.39 3.26
CA GLN A 44 -4.34 -6.65 3.79
C GLN A 44 -3.90 -7.82 2.92
N MET A 45 -3.94 -7.64 1.61
CA MET A 45 -3.54 -8.68 0.67
C MET A 45 -2.13 -9.18 0.98
N THR A 46 -1.88 -10.45 0.69
CA THR A 46 -0.57 -11.05 0.94
C THR A 46 0.24 -11.16 -0.34
N ASN A 47 1.50 -11.57 -0.21
CA ASN A 47 2.38 -11.71 -1.36
C ASN A 47 1.73 -12.57 -2.44
N ASP A 48 1.06 -13.65 -2.01
CA ASP A 48 0.39 -14.54 -2.95
C ASP A 48 -0.69 -13.81 -3.73
N ASP A 49 -1.46 -12.97 -3.04
CA ASP A 49 -2.52 -12.20 -3.67
C ASP A 49 -1.98 -11.40 -4.86
N VAL A 50 -0.73 -10.95 -4.75
CA VAL A 50 -0.11 -10.17 -5.81
C VAL A 50 0.01 -10.99 -7.09
N LYS A 51 -0.03 -12.31 -6.95
CA LYS A 51 0.06 -13.21 -8.11
C LYS A 51 -1.33 -13.56 -8.64
N ARG A 52 -2.34 -13.41 -7.78
CA ARG A 52 -3.71 -13.71 -8.15
C ARG A 52 -4.36 -12.53 -8.86
N ILE A 53 -3.96 -11.32 -8.46
CA ILE A 53 -4.50 -10.11 -9.04
C ILE A 53 -4.26 -10.07 -10.55
N GLY A 54 -3.20 -10.72 -10.99
CA GLY A 54 -2.88 -10.76 -12.41
C GLY A 54 -1.39 -10.82 -12.67
N VAL A 55 -0.62 -10.04 -11.92
CA VAL A 55 0.82 -10.01 -12.08
C VAL A 55 1.40 -11.42 -12.01
N ARG A 56 2.09 -11.82 -13.08
CA ARG A 56 2.71 -13.14 -13.14
C ARG A 56 4.22 -13.05 -13.29
N LEU A 57 4.70 -11.84 -13.60
CA LEU A 57 6.13 -11.62 -13.77
C LEU A 57 6.84 -11.60 -12.42
N PRO A 58 8.15 -11.91 -12.44
CA PRO A 58 8.97 -11.94 -11.23
C PRO A 58 9.21 -10.55 -10.65
N GLY A 59 9.62 -9.63 -11.52
CA GLY A 59 9.88 -8.26 -11.08
C GLY A 59 8.62 -7.55 -10.65
N HIS A 60 7.61 -7.53 -11.52
CA HIS A 60 6.35 -6.88 -11.23
C HIS A 60 5.79 -7.34 -9.89
N GLN A 61 6.10 -8.58 -9.52
CA GLN A 61 5.63 -9.15 -8.27
C GLN A 61 6.39 -8.56 -7.08
N LYS A 62 7.70 -8.74 -7.09
CA LYS A 62 8.54 -8.22 -6.02
C LYS A 62 8.38 -6.72 -5.87
N ARG A 63 8.20 -6.03 -6.99
CA ARG A 63 8.03 -4.58 -6.99
C ARG A 63 6.85 -4.18 -6.11
N ILE A 64 5.70 -4.81 -6.34
CA ILE A 64 4.50 -4.52 -5.57
C ILE A 64 4.61 -5.06 -4.15
N ALA A 65 4.96 -6.34 -4.04
CA ALA A 65 5.10 -6.99 -2.75
C ALA A 65 6.01 -6.19 -1.83
N TYR A 66 7.23 -5.91 -2.29
CA TYR A 66 8.19 -5.14 -1.52
C TYR A 66 7.60 -3.79 -1.08
N SER A 67 6.80 -3.20 -1.96
CA SER A 67 6.18 -1.91 -1.67
C SER A 67 5.15 -2.04 -0.56
N LEU A 68 4.47 -3.19 -0.52
CA LEU A 68 3.46 -3.43 0.50
C LEU A 68 4.08 -3.51 1.89
N LEU A 69 5.29 -4.04 1.96
CA LEU A 69 6.01 -4.15 3.22
C LEU A 69 6.04 -2.82 3.95
N GLY A 70 6.12 -1.74 3.19
CA GLY A 70 6.15 -0.41 3.79
C GLY A 70 4.78 0.16 4.03
N LEU A 71 3.78 -0.39 3.34
CA LEU A 71 2.40 0.06 3.48
C LEU A 71 1.80 -0.42 4.80
N LYS A 72 2.33 -1.52 5.32
CA LYS A 72 1.85 -2.09 6.57
C LYS A 72 2.59 -1.48 7.76
N ASP A 73 3.78 -0.95 7.50
CA ASP A 73 4.59 -0.33 8.55
C ASP A 73 4.26 1.14 8.70
N GLN A 74 3.97 1.80 7.58
CA GLN A 74 3.64 3.22 7.59
C GLN A 74 2.52 3.50 8.59
N VAL A 75 1.63 2.54 8.78
CA VAL A 75 0.52 2.69 9.71
C VAL A 75 1.01 3.06 11.10
N ASN A 76 2.04 2.35 11.56
CA ASN A 76 2.61 2.60 12.88
C ASN A 76 2.99 4.08 13.04
N THR A 77 3.43 4.68 11.94
CA THR A 77 3.83 6.09 11.95
C THR A 77 2.62 7.00 11.96
N VAL A 78 2.26 7.49 13.14
CA VAL A 78 1.11 8.38 13.30
C VAL A 78 1.54 9.84 13.21
N GLY A 79 2.75 10.12 13.66
CA GLY A 79 3.26 11.48 13.63
C GLY A 79 3.38 12.09 15.02
N ILE A 80 4.31 13.02 15.18
CA ILE A 80 4.52 13.67 16.46
C ILE A 80 3.48 14.76 16.71
N PRO A 81 3.20 15.03 17.99
CA PRO A 81 2.21 16.05 18.39
C PRO A 81 2.70 17.46 18.09
N ILE A 82 1.76 18.41 18.06
CA ILE A 82 2.08 19.80 17.79
C ILE A 82 2.20 20.60 19.09
N SER A 83 1.52 20.13 20.12
CA SER A 83 1.54 20.80 21.41
C SER A 83 1.00 22.22 21.30
N GLY A 84 -0.30 22.38 21.51
CA GLY A 84 -0.92 23.69 21.43
C GLY A 84 -2.36 23.68 21.88
N PRO A 85 -3.06 24.81 21.68
CA PRO A 85 -4.47 24.95 22.07
C PRO A 85 -5.40 24.10 21.20
N SER A 86 -6.66 24.03 21.60
CA SER A 86 -7.65 23.24 20.86
C SER A 86 -9.02 23.35 21.52
N SER A 87 -10.01 23.79 20.74
CA SER A 87 -11.37 23.94 21.24
C SER A 87 -12.07 22.58 21.33
N GLY A 88 -11.57 21.72 22.21
CA GLY A 88 -12.16 20.40 22.37
C GLY A 88 -12.26 19.65 21.05
N GLY A 1 5.13 32.21 4.89
CA GLY A 1 3.94 32.83 5.45
C GLY A 1 3.26 31.94 6.47
N SER A 2 3.05 30.67 6.10
CA SER A 2 2.40 29.72 7.00
C SER A 2 3.39 29.17 8.02
N SER A 3 2.93 28.21 8.81
CA SER A 3 3.77 27.60 9.84
C SER A 3 4.23 26.22 9.42
N GLY A 4 3.29 25.29 9.33
CA GLY A 4 3.62 23.93 8.94
C GLY A 4 2.86 22.89 9.74
N SER A 5 3.51 22.32 10.74
CA SER A 5 2.90 21.30 11.58
C SER A 5 2.34 20.16 10.72
N SER A 6 3.22 19.49 10.00
CA SER A 6 2.82 18.38 9.14
C SER A 6 2.76 17.08 9.92
N GLY A 7 1.97 16.13 9.42
CA GLY A 7 1.84 14.85 10.09
C GLY A 7 2.54 13.72 9.35
N GLU A 8 2.60 13.85 8.03
CA GLU A 8 3.25 12.83 7.20
C GLU A 8 2.66 11.46 7.46
N GLY A 9 1.34 11.34 7.29
CA GLY A 9 0.67 10.08 7.52
C GLY A 9 0.84 9.12 6.35
N VAL A 10 -0.27 8.72 5.74
CA VAL A 10 -0.24 7.80 4.61
C VAL A 10 0.33 8.47 3.37
N PRO A 11 1.26 7.78 2.70
CA PRO A 11 1.90 8.30 1.48
C PRO A 11 0.94 8.35 0.30
N PHE A 12 0.22 7.26 0.07
CA PHE A 12 -0.74 7.18 -1.03
C PHE A 12 -2.16 6.99 -0.50
N ARG A 13 -3.08 7.79 -1.01
CA ARG A 13 -4.48 7.71 -0.60
C ARG A 13 -5.26 6.74 -1.48
N THR A 14 -4.78 6.53 -2.71
CA THR A 14 -5.43 5.64 -3.65
C THR A 14 -4.46 4.56 -4.12
N VAL A 15 -5.02 3.44 -4.59
CA VAL A 15 -4.20 2.33 -5.08
C VAL A 15 -3.44 2.72 -6.33
N SER A 16 -3.97 3.71 -7.05
CA SER A 16 -3.33 4.18 -8.28
C SER A 16 -2.02 4.89 -7.97
N GLU A 17 -2.11 5.98 -7.22
CA GLU A 17 -0.92 6.75 -6.86
C GLU A 17 0.15 5.85 -6.27
N TRP A 18 -0.27 4.79 -5.61
CA TRP A 18 0.66 3.84 -4.99
C TRP A 18 1.40 3.05 -6.05
N LEU A 19 0.67 2.45 -6.97
CA LEU A 19 1.26 1.66 -8.03
C LEU A 19 2.10 2.53 -8.96
N GLU A 20 1.57 3.71 -9.28
CA GLU A 20 2.26 4.64 -10.16
C GLU A 20 3.69 4.88 -9.68
N SER A 21 3.90 4.79 -8.37
CA SER A 21 5.22 4.99 -7.78
C SER A 21 6.17 3.86 -8.16
N ILE A 22 5.64 2.64 -8.17
CA ILE A 22 6.44 1.47 -8.53
C ILE A 22 6.30 1.13 -10.00
N LYS A 23 5.88 2.11 -10.79
CA LYS A 23 5.70 1.92 -12.23
C LYS A 23 4.86 0.69 -12.52
N MET A 24 3.71 0.59 -11.84
CA MET A 24 2.81 -0.53 -12.02
C MET A 24 1.35 -0.06 -12.06
N GLN A 25 1.16 1.20 -12.40
CA GLN A 25 -0.18 1.78 -12.45
C GLN A 25 -1.07 0.98 -13.41
N GLN A 26 -0.44 0.29 -14.36
CA GLN A 26 -1.17 -0.51 -15.34
C GLN A 26 -1.92 -1.66 -14.66
N TYR A 27 -1.42 -2.06 -13.49
CA TYR A 27 -2.04 -3.16 -12.75
C TYR A 27 -3.17 -2.64 -11.86
N THR A 28 -3.22 -1.32 -11.69
CA THR A 28 -4.25 -0.69 -10.87
C THR A 28 -5.64 -1.16 -11.28
N GLU A 29 -5.87 -1.27 -12.59
CA GLU A 29 -7.16 -1.71 -13.11
C GLU A 29 -7.52 -3.08 -12.56
N HIS A 30 -6.50 -3.90 -12.29
CA HIS A 30 -6.72 -5.24 -11.77
C HIS A 30 -6.96 -5.20 -10.26
N PHE A 31 -6.16 -4.41 -9.56
CA PHE A 31 -6.28 -4.28 -8.12
C PHE A 31 -7.72 -3.94 -7.72
N MET A 32 -8.37 -3.11 -8.53
CA MET A 32 -9.74 -2.71 -8.25
C MET A 32 -10.69 -3.92 -8.35
N ALA A 33 -10.51 -4.72 -9.40
CA ALA A 33 -11.35 -5.90 -9.60
C ALA A 33 -11.01 -6.99 -8.58
N ALA A 34 -9.77 -6.98 -8.10
CA ALA A 34 -9.33 -7.96 -7.13
C ALA A 34 -9.94 -7.69 -5.75
N GLY A 35 -10.30 -6.44 -5.52
CA GLY A 35 -10.90 -6.08 -4.24
C GLY A 35 -10.00 -5.18 -3.41
N TYR A 36 -9.03 -4.55 -4.07
CA TYR A 36 -8.10 -3.66 -3.40
C TYR A 36 -8.19 -2.23 -3.95
N THR A 37 -9.25 -1.53 -3.54
CA THR A 37 -9.45 -0.15 -3.99
C THR A 37 -8.88 0.85 -2.99
N ALA A 38 -8.75 0.42 -1.74
CA ALA A 38 -8.21 1.28 -0.70
C ALA A 38 -6.95 0.67 -0.08
N ILE A 39 -6.00 1.52 0.26
CA ILE A 39 -4.74 1.07 0.86
C ILE A 39 -5.01 0.25 2.11
N GLU A 40 -6.15 0.51 2.76
CA GLU A 40 -6.52 -0.21 3.97
C GLU A 40 -6.61 -1.71 3.71
N LYS A 41 -6.96 -2.07 2.49
CA LYS A 41 -7.08 -3.48 2.11
C LYS A 41 -5.81 -3.97 1.43
N VAL A 42 -5.16 -3.10 0.68
CA VAL A 42 -3.94 -3.44 -0.03
C VAL A 42 -2.86 -3.91 0.95
N VAL A 43 -2.98 -3.47 2.20
CA VAL A 43 -2.02 -3.85 3.23
C VAL A 43 -2.33 -5.22 3.82
N GLN A 44 -3.60 -5.62 3.71
CA GLN A 44 -4.04 -6.91 4.23
C GLN A 44 -3.65 -8.04 3.27
N MET A 45 -3.72 -7.75 1.97
CA MET A 45 -3.37 -8.74 0.96
C MET A 45 -1.95 -9.28 1.17
N THR A 46 -1.74 -10.54 0.83
CA THR A 46 -0.44 -11.16 0.99
C THR A 46 0.26 -11.32 -0.36
N ASN A 47 1.51 -11.77 -0.33
CA ASN A 47 2.29 -11.95 -1.55
C ASN A 47 1.51 -12.79 -2.56
N ASP A 48 0.71 -13.72 -2.06
CA ASP A 48 -0.08 -14.60 -2.92
C ASP A 48 -1.11 -13.79 -3.71
N ASP A 49 -1.80 -12.89 -3.01
CA ASP A 49 -2.81 -12.05 -3.65
C ASP A 49 -2.23 -11.30 -4.84
N VAL A 50 -0.95 -10.95 -4.74
CA VAL A 50 -0.28 -10.21 -5.80
C VAL A 50 -0.22 -11.05 -7.08
N LYS A 51 -0.31 -12.37 -6.93
CA LYS A 51 -0.26 -13.28 -8.06
C LYS A 51 -1.67 -13.58 -8.58
N ARG A 52 -2.66 -13.36 -7.72
CA ARG A 52 -4.05 -13.61 -8.09
C ARG A 52 -4.66 -12.40 -8.78
N ILE A 53 -4.19 -11.21 -8.41
CA ILE A 53 -4.69 -9.98 -8.99
C ILE A 53 -4.47 -9.96 -10.50
N GLY A 54 -3.44 -10.67 -10.96
CA GLY A 54 -3.15 -10.72 -12.38
C GLY A 54 -1.68 -10.89 -12.66
N VAL A 55 -0.85 -10.19 -11.89
CA VAL A 55 0.60 -10.26 -12.06
C VAL A 55 1.09 -11.71 -12.02
N ARG A 56 1.76 -12.11 -13.09
CA ARG A 56 2.28 -13.48 -13.19
C ARG A 56 3.79 -13.47 -13.32
N LEU A 57 4.35 -12.30 -13.63
CA LEU A 57 5.80 -12.16 -13.78
C LEU A 57 6.48 -12.03 -12.42
N PRO A 58 7.77 -12.40 -12.36
CA PRO A 58 8.57 -12.34 -11.14
C PRO A 58 8.86 -10.89 -10.72
N GLY A 59 9.34 -10.10 -11.66
CA GLY A 59 9.65 -8.72 -11.37
C GLY A 59 8.43 -7.92 -10.93
N HIS A 60 7.39 -7.94 -11.76
CA HIS A 60 6.17 -7.22 -11.45
C HIS A 60 5.66 -7.56 -10.06
N GLN A 61 5.95 -8.78 -9.63
CA GLN A 61 5.52 -9.25 -8.31
C GLN A 61 6.30 -8.55 -7.20
N LYS A 62 7.62 -8.73 -7.23
CA LYS A 62 8.49 -8.11 -6.22
C LYS A 62 8.30 -6.60 -6.20
N ARG A 63 8.16 -6.00 -7.37
CA ARG A 63 7.97 -4.55 -7.48
C ARG A 63 6.82 -4.09 -6.58
N ILE A 64 5.77 -4.89 -6.52
CA ILE A 64 4.60 -4.56 -5.69
C ILE A 64 4.82 -4.99 -4.25
N ALA A 65 5.27 -6.23 -4.06
CA ALA A 65 5.53 -6.76 -2.73
C ALA A 65 6.41 -5.82 -1.92
N TYR A 66 7.52 -5.39 -2.52
CA TYR A 66 8.46 -4.50 -1.86
C TYR A 66 7.76 -3.22 -1.41
N SER A 67 6.72 -2.82 -2.15
CA SER A 67 5.98 -1.61 -1.83
C SER A 67 5.01 -1.87 -0.67
N LEU A 68 4.48 -3.09 -0.62
CA LEU A 68 3.53 -3.46 0.43
C LEU A 68 4.16 -3.28 1.81
N LEU A 69 5.47 -3.51 1.89
CA LEU A 69 6.18 -3.37 3.15
C LEU A 69 5.99 -1.99 3.76
N GLY A 70 6.29 -0.97 2.96
CA GLY A 70 6.14 0.41 3.43
C GLY A 70 4.72 0.72 3.84
N LEU A 71 3.75 0.10 3.17
CA LEU A 71 2.34 0.32 3.47
C LEU A 71 2.00 -0.17 4.87
N LYS A 72 2.19 -1.47 5.10
CA LYS A 72 1.91 -2.06 6.40
C LYS A 72 2.66 -1.33 7.52
N ASP A 73 3.79 -0.73 7.15
CA ASP A 73 4.61 0.00 8.11
C ASP A 73 4.03 1.39 8.38
N GLN A 74 3.65 2.08 7.32
CA GLN A 74 3.09 3.42 7.44
C GLN A 74 1.81 3.39 8.28
N VAL A 75 0.86 2.57 7.86
CA VAL A 75 -0.41 2.46 8.57
C VAL A 75 -0.19 2.18 10.06
N ASN A 76 0.92 1.52 10.37
CA ASN A 76 1.25 1.19 11.75
C ASN A 76 2.58 1.82 12.16
N THR A 77 2.56 3.14 12.36
CA THR A 77 3.76 3.87 12.75
C THR A 77 3.73 4.23 14.24
N VAL A 78 4.88 4.65 14.76
CA VAL A 78 4.99 5.01 16.17
C VAL A 78 4.33 6.36 16.43
N GLY A 79 4.40 7.25 15.45
CA GLY A 79 3.80 8.57 15.59
C GLY A 79 2.35 8.50 16.02
N ILE A 80 1.46 8.31 15.05
CA ILE A 80 0.04 8.23 15.32
C ILE A 80 -0.32 6.90 15.98
N PRO A 81 -1.41 6.91 16.77
CA PRO A 81 -1.88 5.71 17.47
C PRO A 81 -2.46 4.67 16.52
N ILE A 82 -2.29 3.39 16.87
CA ILE A 82 -2.80 2.31 16.05
C ILE A 82 -4.31 2.43 15.85
N SER A 83 -4.98 3.08 16.79
CA SER A 83 -6.42 3.26 16.71
C SER A 83 -6.77 4.39 15.75
N GLY A 84 -7.50 4.04 14.68
CA GLY A 84 -7.89 5.03 13.70
C GLY A 84 -8.94 5.99 14.22
N PRO A 85 -9.37 6.93 13.37
CA PRO A 85 -10.37 7.94 13.74
C PRO A 85 -11.76 7.33 13.92
N SER A 86 -12.25 7.33 15.16
CA SER A 86 -13.56 6.77 15.47
C SER A 86 -14.17 7.46 16.68
N SER A 87 -14.93 8.52 16.44
CA SER A 87 -15.57 9.27 17.51
C SER A 87 -16.51 10.33 16.95
N GLY A 88 -17.71 9.90 16.56
CA GLY A 88 -18.68 10.82 16.02
C GLY A 88 -19.80 11.13 16.99
N GLY A 1 -7.81 5.71 17.56
CA GLY A 1 -8.38 5.76 16.23
C GLY A 1 -8.90 7.15 15.89
N SER A 2 -8.42 7.70 14.78
CA SER A 2 -8.83 9.03 14.33
C SER A 2 -9.62 8.95 13.04
N SER A 3 -10.77 9.63 13.01
CA SER A 3 -11.62 9.62 11.83
C SER A 3 -11.82 11.05 11.31
N GLY A 4 -12.00 11.99 12.22
CA GLY A 4 -12.19 13.38 11.84
C GLY A 4 -10.89 14.13 11.72
N SER A 5 -10.93 15.30 11.08
CA SER A 5 -9.75 16.11 10.90
C SER A 5 -8.62 15.31 10.28
N SER A 6 -8.61 15.26 8.94
CA SER A 6 -7.58 14.51 8.22
C SER A 6 -6.27 15.29 8.16
N GLY A 7 -5.23 14.66 7.64
CA GLY A 7 -3.94 15.31 7.54
C GLY A 7 -2.86 14.40 7.00
N GLU A 8 -1.61 14.66 7.37
CA GLU A 8 -0.50 13.85 6.91
C GLU A 8 -0.51 12.47 7.56
N GLY A 9 -0.15 11.45 6.79
CA GLY A 9 -0.13 10.10 7.31
C GLY A 9 0.19 9.07 6.25
N VAL A 10 -0.47 9.19 5.10
CA VAL A 10 -0.26 8.26 3.99
C VAL A 10 0.20 9.00 2.74
N PRO A 11 1.25 8.47 2.09
CA PRO A 11 1.80 9.07 0.87
C PRO A 11 0.87 8.91 -0.32
N PHE A 12 0.24 7.75 -0.44
CA PHE A 12 -0.69 7.48 -1.54
C PHE A 12 -2.11 7.32 -1.03
N ARG A 13 -3.01 8.17 -1.50
CA ARG A 13 -4.40 8.13 -1.08
C ARG A 13 -5.18 7.08 -1.88
N THR A 14 -4.69 6.80 -3.10
CA THR A 14 -5.34 5.82 -3.96
C THR A 14 -4.35 4.77 -4.44
N VAL A 15 -4.87 3.65 -4.93
CA VAL A 15 -4.02 2.57 -5.41
C VAL A 15 -3.26 2.99 -6.67
N SER A 16 -3.79 3.98 -7.38
CA SER A 16 -3.16 4.46 -8.60
C SER A 16 -1.86 5.18 -8.27
N GLU A 17 -1.92 6.14 -7.36
CA GLU A 17 -0.74 6.90 -6.96
C GLU A 17 0.32 5.97 -6.36
N TRP A 18 -0.12 4.85 -5.81
CA TRP A 18 0.79 3.88 -5.21
C TRP A 18 1.45 3.02 -6.27
N LEU A 19 0.64 2.38 -7.10
CA LEU A 19 1.15 1.52 -8.16
C LEU A 19 1.98 2.33 -9.17
N GLU A 20 1.41 3.45 -9.61
CA GLU A 20 2.10 4.30 -10.58
C GLU A 20 3.51 4.65 -10.08
N SER A 21 3.67 4.75 -8.77
CA SER A 21 4.96 5.08 -8.18
C SER A 21 5.99 4.00 -8.49
N ILE A 22 5.53 2.75 -8.56
CA ILE A 22 6.41 1.63 -8.86
C ILE A 22 6.25 1.17 -10.30
N LYS A 23 5.80 2.08 -11.16
CA LYS A 23 5.62 1.76 -12.57
C LYS A 23 4.76 0.51 -12.74
N MET A 24 3.66 0.45 -11.98
CA MET A 24 2.76 -0.70 -12.05
C MET A 24 1.30 -0.23 -12.04
N GLN A 25 1.06 0.99 -12.51
CA GLN A 25 -0.28 1.54 -12.56
C GLN A 25 -1.18 0.72 -13.47
N GLN A 26 -0.59 0.14 -14.51
CA GLN A 26 -1.35 -0.67 -15.46
C GLN A 26 -2.04 -1.83 -14.76
N TYR A 27 -1.50 -2.25 -13.62
CA TYR A 27 -2.06 -3.35 -12.86
C TYR A 27 -3.21 -2.85 -11.97
N THR A 28 -3.30 -1.54 -11.79
CA THR A 28 -4.33 -0.95 -10.97
C THR A 28 -5.72 -1.44 -11.38
N GLU A 29 -5.94 -1.52 -12.68
CA GLU A 29 -7.23 -2.00 -13.21
C GLU A 29 -7.59 -3.35 -12.63
N HIS A 30 -6.57 -4.13 -12.28
CA HIS A 30 -6.77 -5.45 -11.70
C HIS A 30 -7.00 -5.37 -10.20
N PHE A 31 -6.21 -4.55 -9.53
CA PHE A 31 -6.31 -4.37 -8.09
C PHE A 31 -7.75 -4.05 -7.69
N MET A 32 -8.41 -3.22 -8.48
CA MET A 32 -9.79 -2.83 -8.21
C MET A 32 -10.73 -4.02 -8.36
N ALA A 33 -10.54 -4.77 -9.45
CA ALA A 33 -11.37 -5.95 -9.71
C ALA A 33 -11.22 -6.99 -8.60
N ALA A 34 -10.07 -6.97 -7.93
CA ALA A 34 -9.80 -7.92 -6.86
C ALA A 34 -10.41 -7.44 -5.55
N GLY A 35 -10.61 -6.13 -5.43
CA GLY A 35 -11.19 -5.57 -4.22
C GLY A 35 -10.20 -4.73 -3.44
N TYR A 36 -9.23 -4.16 -4.14
CA TYR A 36 -8.21 -3.33 -3.51
C TYR A 36 -8.21 -1.93 -4.10
N THR A 37 -9.26 -1.16 -3.82
CA THR A 37 -9.38 0.20 -4.33
C THR A 37 -8.73 1.19 -3.38
N ALA A 38 -8.66 0.83 -2.11
CA ALA A 38 -8.06 1.69 -1.09
C ALA A 38 -6.83 1.04 -0.46
N ILE A 39 -5.87 1.86 -0.05
CA ILE A 39 -4.65 1.36 0.56
C ILE A 39 -4.95 0.61 1.85
N GLU A 40 -6.06 0.95 2.48
CA GLU A 40 -6.46 0.30 3.73
C GLU A 40 -6.64 -1.20 3.52
N LYS A 41 -7.09 -1.58 2.34
CA LYS A 41 -7.30 -2.99 2.02
C LYS A 41 -6.09 -3.57 1.29
N VAL A 42 -5.42 -2.72 0.51
CA VAL A 42 -4.25 -3.16 -0.24
C VAL A 42 -3.17 -3.72 0.68
N VAL A 43 -3.18 -3.27 1.93
CA VAL A 43 -2.21 -3.74 2.92
C VAL A 43 -2.61 -5.11 3.47
N GLN A 44 -3.89 -5.41 3.41
CA GLN A 44 -4.41 -6.68 3.91
C GLN A 44 -3.93 -7.84 3.02
N MET A 45 -3.96 -7.62 1.72
CA MET A 45 -3.53 -8.64 0.76
C MET A 45 -2.08 -9.06 1.03
N THR A 46 -1.77 -10.32 0.74
CA THR A 46 -0.44 -10.85 0.95
C THR A 46 0.31 -11.00 -0.37
N ASN A 47 1.58 -11.37 -0.30
CA ASN A 47 2.41 -11.55 -1.49
C ASN A 47 1.72 -12.48 -2.49
N ASP A 48 0.99 -13.46 -1.97
CA ASP A 48 0.29 -14.41 -2.81
C ASP A 48 -0.77 -13.71 -3.65
N ASP A 49 -1.56 -12.84 -3.02
CA ASP A 49 -2.61 -12.11 -3.70
C ASP A 49 -2.04 -11.35 -4.90
N VAL A 50 -0.80 -10.90 -4.78
CA VAL A 50 -0.14 -10.17 -5.85
C VAL A 50 -0.01 -11.02 -7.11
N LYS A 51 -0.05 -12.34 -6.93
CA LYS A 51 0.07 -13.27 -8.04
C LYS A 51 -1.31 -13.63 -8.59
N ARG A 52 -2.34 -13.45 -7.77
CA ARG A 52 -3.70 -13.76 -8.18
C ARG A 52 -4.35 -12.57 -8.88
N ILE A 53 -4.00 -11.37 -8.42
CA ILE A 53 -4.55 -10.15 -9.01
C ILE A 53 -4.31 -10.11 -10.52
N GLY A 54 -3.26 -10.79 -10.97
CA GLY A 54 -2.95 -10.82 -12.38
C GLY A 54 -1.47 -10.94 -12.66
N VAL A 55 -0.67 -10.17 -11.92
CA VAL A 55 0.77 -10.18 -12.08
C VAL A 55 1.32 -11.61 -12.01
N ARG A 56 2.01 -12.02 -13.06
CA ARG A 56 2.59 -13.36 -13.11
C ARG A 56 4.12 -13.30 -13.22
N LEU A 57 4.63 -12.12 -13.55
CA LEU A 57 6.07 -11.93 -13.69
C LEU A 57 6.73 -11.80 -12.31
N PRO A 58 8.03 -12.12 -12.25
CA PRO A 58 8.81 -12.05 -11.02
C PRO A 58 9.05 -10.61 -10.57
N GLY A 59 9.51 -9.78 -11.49
CA GLY A 59 9.78 -8.39 -11.18
C GLY A 59 8.53 -7.64 -10.77
N HIS A 60 7.52 -7.67 -11.63
CA HIS A 60 6.26 -6.98 -11.35
C HIS A 60 5.71 -7.38 -9.99
N GLN A 61 6.02 -8.60 -9.56
CA GLN A 61 5.56 -9.10 -8.27
C GLN A 61 6.29 -8.41 -7.12
N LYS A 62 7.61 -8.56 -7.10
CA LYS A 62 8.43 -7.95 -6.06
C LYS A 62 8.25 -6.44 -6.04
N ARG A 63 8.16 -5.85 -7.22
CA ARG A 63 7.98 -4.40 -7.34
C ARG A 63 6.80 -3.92 -6.50
N ILE A 64 5.76 -4.76 -6.43
CA ILE A 64 4.56 -4.42 -5.66
C ILE A 64 4.69 -4.89 -4.22
N ALA A 65 5.07 -6.16 -4.05
CA ALA A 65 5.23 -6.73 -2.72
C ALA A 65 6.13 -5.86 -1.84
N TYR A 66 7.22 -5.39 -2.43
CA TYR A 66 8.17 -4.54 -1.71
C TYR A 66 7.53 -3.22 -1.32
N SER A 67 6.58 -2.77 -2.14
CA SER A 67 5.89 -1.50 -1.88
C SER A 67 4.84 -1.67 -0.79
N LEU A 68 4.33 -2.89 -0.66
CA LEU A 68 3.30 -3.18 0.34
C LEU A 68 3.90 -3.17 1.74
N LEU A 69 5.15 -3.62 1.86
CA LEU A 69 5.83 -3.66 3.15
C LEU A 69 5.76 -2.30 3.84
N GLY A 70 5.83 -1.23 3.05
CA GLY A 70 5.77 0.11 3.60
C GLY A 70 4.37 0.49 4.03
N LEU A 71 3.38 -0.03 3.33
CA LEU A 71 1.98 0.28 3.64
C LEU A 71 1.55 -0.41 4.93
N LYS A 72 2.17 -1.56 5.22
CA LYS A 72 1.85 -2.31 6.42
C LYS A 72 2.74 -1.87 7.58
N ASP A 73 3.78 -1.13 7.28
CA ASP A 73 4.70 -0.64 8.31
C ASP A 73 4.37 0.80 8.68
N GLN A 74 3.94 1.59 7.70
CA GLN A 74 3.60 2.98 7.94
C GLN A 74 2.61 3.11 9.09
N VAL A 75 1.74 2.11 9.24
CA VAL A 75 0.75 2.11 10.30
C VAL A 75 1.41 2.15 11.67
N ASN A 76 2.56 1.51 11.78
CA ASN A 76 3.30 1.46 13.05
C ASN A 76 4.72 1.98 12.86
N THR A 77 4.83 3.25 12.47
CA THR A 77 6.14 3.87 12.25
C THR A 77 6.84 4.14 13.58
N VAL A 78 8.17 4.05 13.57
CA VAL A 78 8.96 4.30 14.78
C VAL A 78 9.24 5.78 14.96
N GLY A 79 9.35 6.50 13.84
CA GLY A 79 9.61 7.92 13.89
C GLY A 79 8.36 8.75 14.10
N ILE A 80 8.00 8.97 15.36
CA ILE A 80 6.81 9.74 15.69
C ILE A 80 7.18 11.10 16.26
N PRO A 81 6.29 12.09 16.08
CA PRO A 81 6.51 13.45 16.57
C PRO A 81 6.43 13.54 18.09
N ILE A 82 7.56 13.87 18.72
CA ILE A 82 7.62 13.98 20.17
C ILE A 82 6.70 15.08 20.68
N SER A 83 6.76 16.26 20.05
CA SER A 83 5.93 17.37 20.45
C SER A 83 4.46 17.08 20.17
N GLY A 84 3.59 18.02 20.56
CA GLY A 84 2.16 17.83 20.34
C GLY A 84 1.44 19.14 20.11
N PRO A 85 1.74 19.79 18.97
CA PRO A 85 1.13 21.08 18.61
C PRO A 85 -0.35 20.93 18.26
N SER A 86 -0.76 19.71 17.95
CA SER A 86 -2.15 19.45 17.59
C SER A 86 -2.87 18.71 18.72
N SER A 87 -2.14 17.82 19.39
CA SER A 87 -2.71 17.05 20.50
C SER A 87 -3.07 17.96 21.67
N GLY A 88 -4.35 18.27 21.81
CA GLY A 88 -4.80 19.12 22.89
C GLY A 88 -5.40 18.33 24.04
N GLY A 1 -4.29 4.94 25.64
CA GLY A 1 -4.27 5.88 24.54
C GLY A 1 -4.77 5.26 23.25
N SER A 2 -5.81 5.87 22.67
CA SER A 2 -6.39 5.37 21.43
C SER A 2 -6.37 6.45 20.35
N SER A 3 -5.22 7.09 20.18
CA SER A 3 -5.07 8.15 19.19
C SER A 3 -5.29 7.60 17.78
N GLY A 4 -4.58 6.53 17.45
CA GLY A 4 -4.71 5.92 16.13
C GLY A 4 -4.69 4.41 16.18
N SER A 5 -5.87 3.80 16.16
CA SER A 5 -5.98 2.35 16.21
C SER A 5 -5.89 1.75 14.82
N SER A 6 -6.32 2.52 13.82
CA SER A 6 -6.29 2.06 12.44
C SER A 6 -6.36 3.24 11.47
N GLY A 7 -5.29 3.44 10.72
CA GLY A 7 -5.25 4.54 9.77
C GLY A 7 -4.39 5.69 10.25
N GLU A 8 -4.49 6.82 9.57
CA GLU A 8 -3.71 8.01 9.93
C GLU A 8 -2.22 7.71 9.89
N GLY A 9 -1.77 7.09 8.79
CA GLY A 9 -0.37 6.75 8.65
C GLY A 9 -0.03 6.23 7.27
N VAL A 10 -0.63 6.84 6.25
CA VAL A 10 -0.39 6.43 4.87
C VAL A 10 -0.07 7.62 3.99
N PRO A 11 0.99 7.49 3.17
CA PRO A 11 1.42 8.55 2.25
C PRO A 11 0.44 8.77 1.11
N PHE A 12 0.03 7.69 0.47
CA PHE A 12 -0.91 7.76 -0.64
C PHE A 12 -2.34 7.63 -0.15
N ARG A 13 -3.28 8.17 -0.93
CA ARG A 13 -4.70 8.12 -0.57
C ARG A 13 -5.43 7.09 -1.41
N THR A 14 -4.91 6.82 -2.61
CA THR A 14 -5.52 5.85 -3.51
C THR A 14 -4.52 4.78 -3.93
N VAL A 15 -4.97 3.84 -4.74
CA VAL A 15 -4.12 2.76 -5.23
C VAL A 15 -3.32 3.19 -6.45
N SER A 16 -4.00 3.87 -7.38
CA SER A 16 -3.36 4.33 -8.60
C SER A 16 -2.09 5.13 -8.28
N GLU A 17 -2.20 6.04 -7.32
CA GLU A 17 -1.07 6.87 -6.92
C GLU A 17 0.04 6.02 -6.31
N TRP A 18 -0.34 4.87 -5.77
CA TRP A 18 0.62 3.97 -5.15
C TRP A 18 1.34 3.13 -6.21
N LEU A 19 0.55 2.44 -7.04
CA LEU A 19 1.11 1.59 -8.09
C LEU A 19 1.97 2.41 -9.04
N GLU A 20 1.45 3.55 -9.48
CA GLU A 20 2.18 4.42 -10.39
C GLU A 20 3.55 4.78 -9.82
N SER A 21 3.65 4.77 -8.50
CA SER A 21 4.91 5.10 -7.82
C SER A 21 5.98 4.06 -8.13
N ILE A 22 5.55 2.84 -8.44
CA ILE A 22 6.47 1.76 -8.76
C ILE A 22 6.33 1.34 -10.21
N LYS A 23 5.85 2.25 -11.05
CA LYS A 23 5.67 1.97 -12.48
C LYS A 23 4.81 0.72 -12.68
N MET A 24 3.72 0.64 -11.94
CA MET A 24 2.81 -0.50 -12.05
C MET A 24 1.36 -0.05 -12.01
N GLN A 25 1.12 1.20 -12.43
CA GLN A 25 -0.23 1.75 -12.44
C GLN A 25 -1.13 0.96 -13.38
N GLN A 26 -0.52 0.31 -14.37
CA GLN A 26 -1.27 -0.48 -15.35
C GLN A 26 -1.98 -1.65 -14.66
N TYR A 27 -1.49 -2.04 -13.49
CA TYR A 27 -2.07 -3.14 -12.75
C TYR A 27 -3.23 -2.66 -11.89
N THR A 28 -3.38 -1.34 -11.79
CA THR A 28 -4.45 -0.75 -11.00
C THR A 28 -5.80 -1.33 -11.38
N GLU A 29 -6.07 -1.40 -12.68
CA GLU A 29 -7.33 -1.94 -13.17
C GLU A 29 -7.59 -3.32 -12.58
N HIS A 30 -6.53 -4.05 -12.29
CA HIS A 30 -6.64 -5.39 -11.72
C HIS A 30 -6.91 -5.31 -10.22
N PHE A 31 -6.15 -4.49 -9.52
CA PHE A 31 -6.31 -4.33 -8.08
C PHE A 31 -7.77 -4.03 -7.73
N MET A 32 -8.34 -3.03 -8.40
CA MET A 32 -9.73 -2.64 -8.16
C MET A 32 -10.66 -3.83 -8.34
N ALA A 33 -10.55 -4.49 -9.49
CA ALA A 33 -11.39 -5.64 -9.79
C ALA A 33 -11.27 -6.71 -8.71
N ALA A 34 -10.04 -6.94 -8.25
CA ALA A 34 -9.80 -7.94 -7.22
C ALA A 34 -10.42 -7.51 -5.89
N GLY A 35 -10.60 -6.21 -5.72
CA GLY A 35 -11.18 -5.69 -4.49
C GLY A 35 -10.17 -4.95 -3.64
N TYR A 36 -9.23 -4.29 -4.29
CA TYR A 36 -8.19 -3.53 -3.58
C TYR A 36 -8.16 -2.09 -4.06
N THR A 37 -9.34 -1.47 -4.14
CA THR A 37 -9.44 -0.08 -4.59
C THR A 37 -8.93 0.87 -3.52
N ALA A 38 -8.94 0.43 -2.26
CA ALA A 38 -8.48 1.25 -1.15
C ALA A 38 -7.19 0.67 -0.56
N ILE A 39 -6.35 1.55 -0.03
CA ILE A 39 -5.09 1.14 0.58
C ILE A 39 -5.34 0.31 1.83
N GLU A 40 -6.49 0.51 2.46
CA GLU A 40 -6.84 -0.24 3.67
C GLU A 40 -6.84 -1.73 3.42
N LYS A 41 -7.20 -2.12 2.19
CA LYS A 41 -7.25 -3.53 1.82
C LYS A 41 -5.96 -3.94 1.11
N VAL A 42 -5.30 -2.97 0.49
CA VAL A 42 -4.05 -3.23 -0.22
C VAL A 42 -2.96 -3.69 0.73
N VAL A 43 -3.11 -3.37 2.01
CA VAL A 43 -2.14 -3.75 3.02
C VAL A 43 -2.52 -5.08 3.67
N GLN A 44 -3.80 -5.42 3.60
CA GLN A 44 -4.29 -6.67 4.18
C GLN A 44 -3.88 -7.86 3.32
N MET A 45 -3.92 -7.69 2.00
CA MET A 45 -3.55 -8.76 1.08
C MET A 45 -2.11 -9.20 1.31
N THR A 46 -1.83 -10.46 1.01
CA THR A 46 -0.49 -11.02 1.18
C THR A 46 0.22 -11.17 -0.16
N ASN A 47 1.49 -11.58 -0.11
CA ASN A 47 2.27 -11.76 -1.32
C ASN A 47 1.54 -12.66 -2.32
N ASP A 48 0.85 -13.67 -1.80
CA ASP A 48 0.10 -14.59 -2.65
C ASP A 48 -0.95 -13.84 -3.47
N ASP A 49 -1.72 -12.98 -2.79
CA ASP A 49 -2.76 -12.21 -3.46
C ASP A 49 -2.20 -11.45 -4.65
N VAL A 50 -0.99 -10.92 -4.50
CA VAL A 50 -0.33 -10.17 -5.56
C VAL A 50 -0.18 -11.02 -6.81
N LYS A 51 -0.19 -12.33 -6.64
CA LYS A 51 -0.06 -13.26 -7.75
C LYS A 51 -1.42 -13.64 -8.32
N ARG A 52 -2.46 -13.37 -7.55
CA ARG A 52 -3.83 -13.68 -7.97
C ARG A 52 -4.47 -12.48 -8.67
N ILE A 53 -4.10 -11.29 -8.22
CA ILE A 53 -4.64 -10.06 -8.80
C ILE A 53 -4.42 -10.02 -10.31
N GLY A 54 -3.37 -10.68 -10.76
CA GLY A 54 -3.07 -10.72 -12.18
C GLY A 54 -1.58 -10.77 -12.47
N VAL A 55 -0.80 -10.09 -11.63
CA VAL A 55 0.65 -10.07 -11.79
C VAL A 55 1.24 -11.47 -11.68
N ARG A 56 1.87 -11.93 -12.75
CA ARG A 56 2.48 -13.25 -12.78
C ARG A 56 3.98 -13.17 -13.03
N LEU A 57 4.43 -11.98 -13.41
CA LEU A 57 5.86 -11.76 -13.68
C LEU A 57 6.66 -11.77 -12.39
N PRO A 58 7.96 -12.07 -12.51
CA PRO A 58 8.88 -12.13 -11.36
C PRO A 58 9.14 -10.74 -10.77
N GLY A 59 9.49 -9.79 -11.64
CA GLY A 59 9.76 -8.44 -11.19
C GLY A 59 8.51 -7.69 -10.79
N HIS A 60 7.50 -7.73 -11.65
CA HIS A 60 6.23 -7.05 -11.39
C HIS A 60 5.70 -7.43 -10.00
N GLN A 61 6.00 -8.65 -9.57
CA GLN A 61 5.54 -9.13 -8.27
C GLN A 61 6.35 -8.51 -7.15
N LYS A 62 7.66 -8.65 -7.21
CA LYS A 62 8.55 -8.10 -6.19
C LYS A 62 8.37 -6.59 -6.09
N ARG A 63 8.17 -5.93 -7.22
CA ARG A 63 7.99 -4.49 -7.26
C ARG A 63 6.84 -4.07 -6.34
N ILE A 64 5.76 -4.83 -6.37
CA ILE A 64 4.60 -4.53 -5.54
C ILE A 64 4.78 -5.07 -4.12
N ALA A 65 5.18 -6.33 -4.02
CA ALA A 65 5.40 -6.97 -2.72
C ALA A 65 6.33 -6.13 -1.85
N TYR A 66 7.43 -5.67 -2.44
CA TYR A 66 8.41 -4.87 -1.72
C TYR A 66 7.79 -3.56 -1.26
N SER A 67 6.86 -3.03 -2.05
CA SER A 67 6.19 -1.77 -1.73
C SER A 67 5.15 -1.98 -0.64
N LEU A 68 4.52 -3.15 -0.64
CA LEU A 68 3.51 -3.47 0.36
C LEU A 68 4.09 -3.43 1.77
N LEU A 69 5.36 -3.79 1.88
CA LEU A 69 6.04 -3.81 3.18
C LEU A 69 5.99 -2.42 3.83
N GLY A 70 6.39 -1.41 3.07
CA GLY A 70 6.38 -0.05 3.59
C GLY A 70 5.00 0.40 4.01
N LEU A 71 3.98 -0.08 3.30
CA LEU A 71 2.60 0.28 3.60
C LEU A 71 2.22 -0.15 5.02
N LYS A 72 2.25 -1.46 5.27
CA LYS A 72 1.93 -2.00 6.57
C LYS A 72 2.74 -1.32 7.67
N ASP A 73 3.94 -0.88 7.32
CA ASP A 73 4.81 -0.20 8.26
C ASP A 73 4.32 1.21 8.54
N GLN A 74 4.04 1.97 7.48
CA GLN A 74 3.56 3.34 7.62
C GLN A 74 2.31 3.39 8.48
N VAL A 75 1.31 2.60 8.10
CA VAL A 75 0.04 2.56 8.83
C VAL A 75 0.28 2.26 10.32
N ASN A 76 1.34 1.50 10.60
CA ASN A 76 1.67 1.15 11.97
C ASN A 76 3.08 1.61 12.33
N THR A 77 3.27 2.93 12.39
CA THR A 77 4.57 3.49 12.71
C THR A 77 4.70 3.74 14.22
N VAL A 78 5.89 3.47 14.75
CA VAL A 78 6.15 3.65 16.17
C VAL A 78 6.23 5.13 16.53
N GLY A 79 6.64 5.95 15.57
CA GLY A 79 6.74 7.38 15.81
C GLY A 79 7.43 8.11 14.67
N ILE A 80 6.79 9.16 14.18
CA ILE A 80 7.34 9.94 13.08
C ILE A 80 7.74 11.34 13.54
N PRO A 81 8.73 11.93 12.85
CA PRO A 81 9.22 13.27 13.18
C PRO A 81 8.20 14.37 12.86
N ILE A 82 8.26 15.46 13.60
CA ILE A 82 7.34 16.57 13.39
C ILE A 82 7.80 17.45 12.24
N SER A 83 6.85 17.97 11.48
CA SER A 83 7.15 18.83 10.33
C SER A 83 5.89 19.47 9.78
N GLY A 84 4.97 18.63 9.31
CA GLY A 84 3.72 19.12 8.75
C GLY A 84 3.25 18.31 7.56
N PRO A 85 3.98 18.44 6.44
CA PRO A 85 3.65 17.71 5.20
C PRO A 85 3.91 16.22 5.32
N SER A 86 3.62 15.49 4.25
CA SER A 86 3.81 14.04 4.23
C SER A 86 5.28 13.70 3.99
N SER A 87 5.67 12.50 4.41
CA SER A 87 7.05 12.05 4.25
C SER A 87 8.02 13.04 4.86
N GLY A 88 9.31 12.83 4.63
CA GLY A 88 10.32 13.73 5.16
C GLY A 88 11.50 13.91 4.20
N GLY A 1 9.70 14.52 23.72
CA GLY A 1 8.30 14.72 23.38
C GLY A 1 8.11 15.80 22.32
N SER A 2 8.97 16.81 22.36
CA SER A 2 8.88 17.91 21.40
C SER A 2 8.97 17.40 19.97
N SER A 3 8.19 18.00 19.09
CA SER A 3 8.17 17.60 17.68
C SER A 3 7.62 18.71 16.80
N GLY A 4 8.03 18.73 15.54
CA GLY A 4 7.57 19.74 14.62
C GLY A 4 6.66 19.18 13.54
N SER A 5 5.88 18.17 13.90
CA SER A 5 4.97 17.53 12.95
C SER A 5 3.71 18.38 12.77
N SER A 6 3.45 18.78 11.53
CA SER A 6 2.28 19.59 11.22
C SER A 6 1.17 18.74 10.61
N GLY A 7 1.56 17.77 9.80
CA GLY A 7 0.59 16.89 9.16
C GLY A 7 1.15 15.52 8.87
N GLU A 8 0.40 14.49 9.25
CA GLU A 8 0.82 13.11 9.03
C GLU A 8 -0.36 12.24 8.61
N GLY A 9 -0.04 11.11 7.97
CA GLY A 9 -1.08 10.21 7.52
C GLY A 9 -0.62 9.27 6.43
N VAL A 10 -1.31 9.28 5.30
CA VAL A 10 -0.96 8.42 4.17
C VAL A 10 -0.64 9.24 2.93
N PRO A 11 0.48 8.91 2.26
CA PRO A 11 0.91 9.60 1.05
C PRO A 11 0.01 9.33 -0.13
N PHE A 12 -0.41 8.07 -0.28
CA PHE A 12 -1.29 7.68 -1.37
C PHE A 12 -2.69 7.35 -0.86
N ARG A 13 -3.65 8.20 -1.21
CA ARG A 13 -5.03 8.01 -0.79
C ARG A 13 -5.70 6.91 -1.60
N THR A 14 -5.22 6.71 -2.83
CA THR A 14 -5.77 5.70 -3.71
C THR A 14 -4.73 4.65 -4.06
N VAL A 15 -5.09 3.74 -4.97
CA VAL A 15 -4.18 2.69 -5.41
C VAL A 15 -3.34 3.13 -6.59
N SER A 16 -3.90 4.03 -7.40
CA SER A 16 -3.21 4.54 -8.58
C SER A 16 -1.97 5.34 -8.19
N GLU A 17 -2.16 6.31 -7.29
CA GLU A 17 -1.06 7.15 -6.83
C GLU A 17 0.07 6.30 -6.26
N TRP A 18 -0.28 5.12 -5.77
CA TRP A 18 0.71 4.20 -5.20
C TRP A 18 1.36 3.36 -6.28
N LEU A 19 0.55 2.62 -7.03
CA LEU A 19 1.06 1.78 -8.10
C LEU A 19 1.89 2.58 -9.09
N GLU A 20 1.39 3.74 -9.48
CA GLU A 20 2.09 4.60 -10.41
C GLU A 20 3.50 4.91 -9.92
N SER A 21 3.69 4.87 -8.60
CA SER A 21 4.99 5.14 -8.00
C SER A 21 6.01 4.08 -8.41
N ILE A 22 5.56 2.83 -8.44
CA ILE A 22 6.43 1.71 -8.81
C ILE A 22 6.21 1.30 -10.26
N LYS A 23 5.72 2.23 -11.07
CA LYS A 23 5.46 1.97 -12.47
C LYS A 23 4.60 0.72 -12.64
N MET A 24 3.52 0.64 -11.89
CA MET A 24 2.61 -0.51 -11.96
C MET A 24 1.16 -0.06 -11.96
N GLN A 25 0.93 1.16 -12.44
CA GLN A 25 -0.43 1.71 -12.50
C GLN A 25 -1.31 0.88 -13.42
N GLN A 26 -0.71 0.28 -14.45
CA GLN A 26 -1.44 -0.54 -15.40
C GLN A 26 -2.13 -1.71 -14.70
N TYR A 27 -1.57 -2.11 -13.55
CA TYR A 27 -2.14 -3.21 -12.78
C TYR A 27 -3.29 -2.74 -11.90
N THR A 28 -3.41 -1.41 -11.76
CA THR A 28 -4.47 -0.84 -10.94
C THR A 28 -5.84 -1.39 -11.34
N GLU A 29 -6.06 -1.50 -12.65
CA GLU A 29 -7.33 -2.01 -13.15
C GLU A 29 -7.63 -3.39 -12.59
N HIS A 30 -6.57 -4.15 -12.31
CA HIS A 30 -6.72 -5.50 -11.77
C HIS A 30 -6.93 -5.45 -10.25
N PHE A 31 -6.13 -4.63 -9.58
CA PHE A 31 -6.23 -4.50 -8.13
C PHE A 31 -7.66 -4.19 -7.71
N MET A 32 -8.34 -3.36 -8.49
CA MET A 32 -9.72 -2.99 -8.19
C MET A 32 -10.65 -4.19 -8.34
N ALA A 33 -10.54 -4.89 -9.46
CA ALA A 33 -11.36 -6.06 -9.72
C ALA A 33 -11.20 -7.10 -8.62
N ALA A 34 -10.03 -7.11 -7.99
CA ALA A 34 -9.73 -8.06 -6.91
C ALA A 34 -10.35 -7.60 -5.60
N GLY A 35 -10.56 -6.29 -5.47
CA GLY A 35 -11.14 -5.74 -4.26
C GLY A 35 -10.14 -4.91 -3.47
N TYR A 36 -9.16 -4.34 -4.17
CA TYR A 36 -8.14 -3.52 -3.52
C TYR A 36 -8.13 -2.11 -4.10
N THR A 37 -9.27 -1.43 -3.97
CA THR A 37 -9.39 -0.06 -4.47
C THR A 37 -8.79 0.94 -3.50
N ALA A 38 -8.74 0.57 -2.22
CA ALA A 38 -8.20 1.44 -1.19
C ALA A 38 -6.94 0.83 -0.57
N ILE A 39 -6.00 1.69 -0.18
CA ILE A 39 -4.76 1.23 0.43
C ILE A 39 -5.02 0.45 1.71
N GLU A 40 -6.14 0.77 2.37
CA GLU A 40 -6.50 0.11 3.61
C GLU A 40 -6.61 -1.40 3.41
N LYS A 41 -7.07 -1.80 2.23
CA LYS A 41 -7.22 -3.21 1.90
C LYS A 41 -6.00 -3.73 1.13
N VAL A 42 -5.34 -2.83 0.42
CA VAL A 42 -4.17 -3.19 -0.37
C VAL A 42 -3.05 -3.70 0.54
N VAL A 43 -3.11 -3.33 1.82
CA VAL A 43 -2.10 -3.74 2.78
C VAL A 43 -2.44 -5.10 3.39
N GLN A 44 -3.73 -5.43 3.37
CA GLN A 44 -4.19 -6.70 3.92
C GLN A 44 -3.79 -7.87 3.01
N MET A 45 -3.88 -7.65 1.71
CA MET A 45 -3.52 -8.68 0.74
C MET A 45 -2.12 -9.21 1.00
N THR A 46 -1.90 -10.49 0.68
CA THR A 46 -0.60 -11.11 0.88
C THR A 46 0.15 -11.25 -0.43
N ASN A 47 1.40 -11.71 -0.35
CA ASN A 47 2.22 -11.89 -1.53
C ASN A 47 1.50 -12.72 -2.58
N ASP A 48 0.77 -13.73 -2.12
CA ASP A 48 0.02 -14.61 -3.03
C ASP A 48 -1.02 -13.81 -3.81
N ASP A 49 -1.74 -12.94 -3.12
CA ASP A 49 -2.77 -12.11 -3.75
C ASP A 49 -2.18 -11.33 -4.92
N VAL A 50 -0.93 -10.92 -4.79
CA VAL A 50 -0.26 -10.16 -5.84
C VAL A 50 -0.11 -10.99 -7.11
N LYS A 51 -0.16 -12.30 -6.97
CA LYS A 51 -0.04 -13.21 -8.10
C LYS A 51 -1.41 -13.55 -8.67
N ARG A 52 -2.45 -13.39 -7.85
CA ARG A 52 -3.81 -13.68 -8.27
C ARG A 52 -4.43 -12.47 -9.00
N ILE A 53 -4.10 -11.28 -8.53
CA ILE A 53 -4.62 -10.06 -9.12
C ILE A 53 -4.39 -10.04 -10.63
N GLY A 54 -3.27 -10.61 -11.06
CA GLY A 54 -2.95 -10.65 -12.48
C GLY A 54 -1.46 -10.73 -12.74
N VAL A 55 -0.67 -10.04 -11.91
CA VAL A 55 0.77 -10.03 -12.05
C VAL A 55 1.35 -11.44 -11.99
N ARG A 56 2.02 -11.85 -13.05
CA ARG A 56 2.61 -13.18 -13.12
C ARG A 56 4.13 -13.09 -13.26
N LEU A 57 4.62 -11.90 -13.59
CA LEU A 57 6.06 -11.69 -13.76
C LEU A 57 6.76 -11.63 -12.40
N PRO A 58 8.06 -11.94 -12.40
CA PRO A 58 8.87 -11.93 -11.18
C PRO A 58 9.12 -10.51 -10.66
N GLY A 59 9.54 -9.62 -11.55
CA GLY A 59 9.80 -8.25 -11.16
C GLY A 59 8.55 -7.53 -10.71
N HIS A 60 7.53 -7.50 -11.57
CA HIS A 60 6.27 -6.84 -11.25
C HIS A 60 5.73 -7.32 -9.91
N GLN A 61 6.05 -8.57 -9.56
CA GLN A 61 5.60 -9.14 -8.29
C GLN A 61 6.37 -8.55 -7.12
N LYS A 62 7.67 -8.76 -7.11
CA LYS A 62 8.53 -8.25 -6.05
C LYS A 62 8.39 -6.74 -5.91
N ARG A 63 8.17 -6.07 -7.03
CA ARG A 63 8.02 -4.62 -7.04
C ARG A 63 6.85 -4.19 -6.15
N ILE A 64 5.71 -4.85 -6.33
CA ILE A 64 4.52 -4.54 -5.55
C ILE A 64 4.63 -5.10 -4.14
N ALA A 65 5.07 -6.35 -4.04
CA ALA A 65 5.21 -7.01 -2.74
C ALA A 65 6.14 -6.21 -1.83
N TYR A 66 7.36 -5.94 -2.31
CA TYR A 66 8.33 -5.20 -1.54
C TYR A 66 7.77 -3.85 -1.10
N SER A 67 6.87 -3.31 -1.91
CA SER A 67 6.25 -2.01 -1.61
C SER A 67 5.24 -2.15 -0.47
N LEU A 68 4.39 -3.16 -0.57
CA LEU A 68 3.38 -3.40 0.45
C LEU A 68 4.00 -3.45 1.85
N LEU A 69 5.21 -3.99 1.92
CA LEU A 69 5.92 -4.09 3.20
C LEU A 69 5.97 -2.75 3.91
N GLY A 70 6.06 -1.67 3.13
CA GLY A 70 6.11 -0.34 3.70
C GLY A 70 4.73 0.22 3.96
N LEU A 71 3.73 -0.33 3.28
CA LEU A 71 2.35 0.14 3.44
C LEU A 71 1.76 -0.33 4.76
N LYS A 72 2.33 -1.42 5.30
CA LYS A 72 1.86 -1.98 6.56
C LYS A 72 2.65 -1.39 7.74
N ASP A 73 3.80 -0.82 7.44
CA ASP A 73 4.65 -0.22 8.46
C ASP A 73 4.38 1.28 8.58
N GLN A 74 3.95 1.88 7.48
CA GLN A 74 3.66 3.31 7.45
C GLN A 74 2.58 3.66 8.47
N VAL A 75 1.65 2.73 8.69
CA VAL A 75 0.57 2.96 9.64
C VAL A 75 1.11 3.18 11.05
N ASN A 76 2.30 2.67 11.31
CA ASN A 76 2.93 2.82 12.62
C ASN A 76 4.36 3.33 12.48
N THR A 77 4.51 4.64 12.36
CA THR A 77 5.83 5.26 12.22
C THR A 77 6.16 6.13 13.42
N VAL A 78 7.34 5.94 13.99
CA VAL A 78 7.76 6.70 15.15
C VAL A 78 8.84 7.73 14.76
N GLY A 79 9.55 7.44 13.67
CA GLY A 79 10.60 8.34 13.22
C GLY A 79 10.05 9.47 12.38
N ILE A 80 10.86 9.96 11.44
CA ILE A 80 10.46 11.05 10.56
C ILE A 80 9.58 10.53 9.42
N PRO A 81 8.71 11.41 8.90
CA PRO A 81 7.80 11.07 7.80
C PRO A 81 8.55 10.88 6.48
N ILE A 82 8.71 9.62 6.08
CA ILE A 82 9.40 9.30 4.84
C ILE A 82 8.79 10.06 3.67
N SER A 83 9.65 10.54 2.76
CA SER A 83 9.19 11.27 1.60
C SER A 83 9.19 10.40 0.35
N GLY A 84 10.38 9.94 -0.03
CA GLY A 84 10.50 9.09 -1.20
C GLY A 84 10.32 9.85 -2.50
N PRO A 85 11.31 10.68 -2.85
CA PRO A 85 11.27 11.48 -4.08
C PRO A 85 11.40 10.63 -5.33
N SER A 86 10.76 11.07 -6.41
CA SER A 86 10.80 10.36 -7.68
C SER A 86 11.83 10.97 -8.63
N SER A 87 12.57 10.11 -9.32
CA SER A 87 13.59 10.57 -10.27
C SER A 87 14.64 11.41 -9.55
N GLY A 88 14.93 11.05 -8.31
CA GLY A 88 15.92 11.79 -7.53
C GLY A 88 17.26 11.08 -7.47
#